data_6UX0
#
_entry.id   6UX0
#
_cell.length_a   99.450
_cell.length_b   99.060
_cell.length_c   108.710
_cell.angle_alpha   92.610
_cell.angle_beta   96.200
_cell.angle_gamma   120.090
#
_symmetry.space_group_name_H-M   'P 1'
#
loop_
_entity.id
_entity.type
_entity.pdbx_description
1 polymer 'Obtusifoliol 14alphademethylase'
2 non-polymer 'PROTOPORPHYRIN IX CONTAINING FE'
3 non-polymer 4-{2-[(2R,3R)-3-(2,5-difluorophenyl)-3-hydroxy-4-(1H-1,2,4-triazol-1-yl)butan-2-yl]-1,3-thiazol-4-yl}benzonitrile
4 non-polymer 'FE (III) ION'
5 water water
#
_entity_poly.entity_id   1
_entity_poly.type   'polypeptide(L)'
_entity_poly.pdbx_seq_one_letter_code
;MAKKTSSKGKLPPVVSSLIPFVGSGLSFAGGPLQYTTDAYKKYGDIFTMKVFGQRLTFLVGPDAHVPFFSQGDAELSQDE
PYQFSVPIFGPNVVYGADLAHRNQQLKFIAASLSTKALQSYVPLIVKEAEDFFAKWDKSGTVDIRDALAELIILTASRCL
MGKEIRENLFTEVAKLYQTLDEGLLPISVFFPYLPIPAHKRRDEARLAMVRMFKKIIDERRANPEVKHNDCLQVFMDARY
RGEEQALNDEEITGLMIALLFAGQHTSSVTGSWTGLLLFEANNKKKFLPGVLEEQEEIRKEFGDELTMEALNKMDKLHRC
VKEALRMYPPLLFVMRKVIKPFSYKDYYVPEGDTVFVSPALSMRVEEVFPNADQYNPERFVEEDKQAQKYRFVGFGAGRH
GCMGENFAYLQIKTIWSVLLRNFDIELVGELPKPDYTAMVVGPAHPCLLRYTRKHHHHHH
;
_entity_poly.pdbx_strand_id   A,B,C,D,E,F
#
# COMPACT_ATOMS: atom_id res chain seq x y z
N LYS A 42 -52.87 18.55 -20.45
CA LYS A 42 -52.63 17.08 -20.75
C LYS A 42 -53.78 16.42 -21.55
N TYR A 43 -53.62 15.12 -21.85
CA TYR A 43 -54.69 14.25 -22.38
C TYR A 43 -55.11 13.15 -21.38
N GLY A 44 -54.12 12.59 -20.65
CA GLY A 44 -54.25 11.37 -19.81
C GLY A 44 -53.36 10.24 -20.33
N ASP A 45 -53.45 10.04 -21.66
CA ASP A 45 -52.80 8.98 -22.43
C ASP A 45 -51.42 9.35 -23.02
N ILE A 46 -51.18 10.66 -23.24
CA ILE A 46 -50.05 11.20 -24.07
C ILE A 46 -49.87 12.69 -23.74
N PHE A 47 -48.64 13.19 -23.64
CA PHE A 47 -48.43 14.65 -23.41
C PHE A 47 -47.06 15.23 -23.74
N THR A 48 -46.96 15.97 -24.84
CA THR A 48 -45.70 16.64 -25.21
C THR A 48 -45.31 17.82 -24.30
N MET A 49 -44.02 18.00 -24.08
CA MET A 49 -43.43 19.19 -23.50
C MET A 49 -42.53 19.80 -24.54
N LYS A 50 -42.08 21.03 -24.33
CA LYS A 50 -40.91 21.54 -25.06
C LYS A 50 -39.93 21.92 -23.95
N VAL A 51 -38.71 21.38 -24.01
CA VAL A 51 -37.71 21.64 -22.96
C VAL A 51 -36.34 21.75 -23.59
N PHE A 52 -35.52 22.65 -23.06
CA PHE A 52 -34.32 23.05 -23.73
C PHE A 52 -34.77 23.21 -25.20
N GLY A 53 -33.98 22.76 -26.16
CA GLY A 53 -34.42 22.80 -27.53
C GLY A 53 -35.65 21.94 -27.78
N GLN A 54 -35.48 20.63 -27.64
CA GLN A 54 -36.44 19.67 -28.18
C GLN A 54 -37.67 19.47 -27.32
N ARG A 55 -38.62 18.76 -27.93
CA ARG A 55 -39.92 18.50 -27.36
C ARG A 55 -40.17 17.01 -27.21
N LEU A 56 -40.60 16.64 -26.03
CA LEU A 56 -40.58 15.29 -25.54
C LEU A 56 -42.03 14.78 -25.49
N THR A 57 -42.38 13.88 -26.41
CA THR A 57 -43.74 13.34 -26.51
C THR A 57 -43.89 12.02 -25.71
N PHE A 58 -44.41 12.07 -24.49
CA PHE A 58 -44.57 10.86 -23.65
C PHE A 58 -45.76 10.00 -24.08
N LEU A 59 -45.70 8.72 -23.73
CA LEU A 59 -46.79 7.76 -23.91
C LEU A 59 -46.92 7.01 -22.59
N VAL A 60 -48.17 6.74 -22.19
CA VAL A 60 -48.47 5.91 -21.01
C VAL A 60 -49.34 4.69 -21.30
N GLY A 61 -50.37 4.86 -22.12
CA GLY A 61 -51.24 3.74 -22.50
C GLY A 61 -50.57 2.47 -23.07
N PRO A 62 -51.07 1.29 -22.71
CA PRO A 62 -50.92 0.12 -23.56
C PRO A 62 -51.39 0.30 -25.02
N ASP A 63 -52.28 1.26 -25.26
CA ASP A 63 -52.58 1.65 -26.63
C ASP A 63 -51.49 2.62 -27.09
N ALA A 64 -51.15 3.57 -26.23
CA ALA A 64 -50.08 4.52 -26.49
C ALA A 64 -48.82 3.83 -26.95
N HIS A 65 -48.38 2.82 -26.21
CA HIS A 65 -47.08 2.17 -26.47
C HIS A 65 -46.92 1.65 -27.89
N VAL A 66 -48.05 1.26 -28.47
CA VAL A 66 -48.12 0.72 -29.81
C VAL A 66 -47.18 1.41 -30.84
N PRO A 67 -47.17 2.75 -30.95
CA PRO A 67 -46.15 3.38 -31.82
C PRO A 67 -44.69 3.35 -31.31
N PHE A 68 -44.49 3.41 -29.99
CA PHE A 68 -43.11 3.40 -29.42
C PHE A 68 -42.40 2.04 -29.49
N PHE A 69 -43.16 0.98 -29.26
CA PHE A 69 -42.64 -0.37 -29.21
C PHE A 69 -42.85 -1.30 -30.41
N SER A 70 -43.07 -0.78 -31.61
CA SER A 70 -43.51 -1.66 -32.70
C SER A 70 -43.24 -1.21 -34.12
N GLN A 71 -43.14 0.09 -34.33
CA GLN A 71 -42.50 0.57 -35.55
C GLN A 71 -41.03 0.14 -35.49
N GLY A 72 -40.31 0.38 -36.58
CA GLY A 72 -38.93 -0.09 -36.80
C GLY A 72 -37.83 0.96 -36.87
N ASP A 73 -36.63 0.53 -37.28
CA ASP A 73 -35.41 1.35 -37.20
C ASP A 73 -35.44 2.49 -38.19
N ALA A 74 -36.15 2.30 -39.30
CA ALA A 74 -36.38 3.38 -40.27
C ALA A 74 -37.36 4.43 -39.76
N GLU A 75 -38.29 4.02 -38.88
CA GLU A 75 -39.35 4.88 -38.33
C GLU A 75 -39.03 5.58 -37.00
N LEU A 76 -38.37 4.86 -36.09
CA LEU A 76 -37.80 5.45 -34.85
C LEU A 76 -36.29 5.22 -34.83
N SER A 77 -35.55 6.24 -34.38
CA SER A 77 -34.10 6.14 -34.17
C SER A 77 -33.77 6.03 -32.71
N GLN A 78 -32.68 5.33 -32.44
CA GLN A 78 -32.06 5.32 -31.15
C GLN A 78 -30.85 6.21 -31.14
N ASP A 79 -30.18 6.36 -32.28
CA ASP A 79 -28.93 7.14 -32.38
C ASP A 79 -28.89 8.35 -31.44
N GLU A 80 -29.76 9.31 -31.68
CA GLU A 80 -29.66 10.59 -31.00
C GLU A 80 -29.96 10.45 -29.51
N PRO A 81 -31.15 9.94 -29.11
CA PRO A 81 -31.44 9.85 -27.67
C PRO A 81 -30.39 9.14 -26.78
N TYR A 82 -29.78 8.06 -27.28
CA TYR A 82 -28.81 7.29 -26.49
C TYR A 82 -27.34 7.61 -26.76
N GLN A 83 -27.07 8.71 -27.45
CA GLN A 83 -25.72 9.02 -27.87
C GLN A 83 -24.80 9.37 -26.71
N PHE A 84 -25.37 9.52 -25.52
CA PHE A 84 -24.61 9.74 -24.28
C PHE A 84 -23.64 8.64 -23.87
N SER A 85 -23.98 7.42 -24.32
CA SER A 85 -23.27 6.19 -24.00
C SER A 85 -22.04 5.97 -24.87
N VAL A 86 -22.03 6.59 -26.05
CA VAL A 86 -21.08 6.30 -27.10
C VAL A 86 -19.67 6.26 -26.56
N PRO A 87 -19.18 7.37 -26.00
CA PRO A 87 -17.82 7.34 -25.54
C PRO A 87 -17.70 6.86 -24.09
N ILE A 88 -18.72 6.21 -23.54
CA ILE A 88 -18.55 5.29 -22.42
C ILE A 88 -18.28 3.87 -22.93
N PHE A 89 -18.99 3.43 -23.99
CA PHE A 89 -18.82 2.05 -24.57
C PHE A 89 -17.74 2.00 -25.62
N GLY A 90 -17.86 2.91 -26.56
CA GLY A 90 -16.84 3.09 -27.52
C GLY A 90 -17.36 3.43 -28.91
N PRO A 91 -16.40 3.86 -29.74
CA PRO A 91 -16.52 4.07 -31.16
C PRO A 91 -16.97 2.82 -31.88
N ASN A 92 -18.03 2.96 -32.67
CA ASN A 92 -18.59 1.85 -33.45
C ASN A 92 -19.00 0.66 -32.55
N VAL A 93 -19.56 1.01 -31.41
CA VAL A 93 -20.07 0.04 -30.50
C VAL A 93 -21.51 0.50 -30.19
N VAL A 94 -22.43 -0.37 -30.59
CA VAL A 94 -23.83 -0.33 -30.23
C VAL A 94 -24.44 0.84 -30.95
N TYR A 95 -24.55 1.96 -30.21
CA TYR A 95 -25.17 3.19 -30.65
C TYR A 95 -24.09 4.01 -31.36
N GLY A 96 -22.82 3.73 -31.02
CA GLY A 96 -21.67 4.22 -31.79
C GLY A 96 -21.60 3.87 -33.27
N ALA A 97 -22.11 2.69 -33.65
CA ALA A 97 -21.97 2.17 -35.03
C ALA A 97 -23.16 2.45 -35.96
N ASP A 98 -22.89 2.61 -37.26
CA ASP A 98 -23.95 2.63 -38.27
C ASP A 98 -24.94 1.46 -38.15
N LEU A 99 -26.08 1.60 -38.82
CA LEU A 99 -27.15 0.60 -38.75
C LEU A 99 -26.68 -0.78 -39.16
N ALA A 100 -25.82 -0.84 -40.17
CA ALA A 100 -25.34 -2.13 -40.68
C ALA A 100 -24.56 -2.90 -39.60
N HIS A 101 -23.51 -2.26 -39.08
CA HIS A 101 -22.67 -2.86 -38.06
C HIS A 101 -23.41 -2.96 -36.69
N ARG A 102 -24.44 -2.11 -36.51
CA ARG A 102 -25.25 -2.14 -35.29
C ARG A 102 -26.05 -3.44 -35.13
N ASN A 103 -27.00 -3.66 -36.04
CA ASN A 103 -27.93 -4.81 -35.94
C ASN A 103 -27.25 -6.15 -35.66
N GLN A 104 -26.06 -6.31 -36.25
CA GLN A 104 -25.21 -7.49 -36.05
C GLN A 104 -24.59 -7.62 -34.63
N GLN A 105 -24.16 -6.50 -34.06
CA GLN A 105 -23.63 -6.50 -32.67
C GLN A 105 -24.69 -6.85 -31.60
N LEU A 106 -25.90 -6.36 -31.79
CA LEU A 106 -27.04 -6.79 -30.98
C LEU A 106 -27.13 -8.31 -31.05
N LYS A 107 -27.04 -8.83 -32.28
CA LYS A 107 -27.06 -10.27 -32.52
C LYS A 107 -25.95 -11.04 -31.78
N PHE A 108 -24.72 -10.55 -31.87
CA PHE A 108 -23.65 -11.19 -31.11
C PHE A 108 -23.94 -11.17 -29.59
N ILE A 109 -24.39 -10.02 -29.09
CA ILE A 109 -24.82 -9.94 -27.70
C ILE A 109 -25.94 -10.96 -27.47
N ALA A 110 -26.97 -10.89 -28.30
CA ALA A 110 -28.14 -11.74 -28.17
C ALA A 110 -27.74 -13.20 -28.03
N ALA A 111 -26.85 -13.63 -28.92
CA ALA A 111 -26.33 -14.98 -28.89
C ALA A 111 -25.36 -15.21 -27.71
N SER A 112 -24.60 -14.19 -27.33
CA SER A 112 -23.81 -14.23 -26.08
C SER A 112 -24.66 -14.53 -24.83
N LEU A 113 -25.88 -13.98 -24.80
CA LEU A 113 -26.88 -14.17 -23.70
C LEU A 113 -28.06 -15.16 -23.96
N SER A 114 -28.01 -15.92 -25.05
CA SER A 114 -28.99 -16.98 -25.37
C SER A 114 -29.14 -18.11 -24.31
N THR A 115 -30.28 -18.79 -24.33
CA THR A 115 -30.56 -19.94 -23.45
C THR A 115 -29.42 -20.96 -23.37
N LYS A 116 -28.83 -21.28 -24.54
CA LYS A 116 -27.55 -22.05 -24.61
C LYS A 116 -26.49 -21.47 -23.66
N ALA A 117 -25.96 -20.30 -23.99
CA ALA A 117 -24.90 -19.71 -23.18
C ALA A 117 -25.33 -19.52 -21.71
N LEU A 118 -26.64 -19.31 -21.50
CA LEU A 118 -27.15 -19.07 -20.15
C LEU A 118 -26.96 -20.30 -19.31
N GLN A 119 -27.39 -21.43 -19.85
CA GLN A 119 -27.31 -22.72 -19.18
C GLN A 119 -25.92 -22.99 -18.63
N SER A 120 -24.91 -22.56 -19.40
CA SER A 120 -23.50 -22.62 -19.03
C SER A 120 -22.98 -21.53 -18.06
N TYR A 121 -23.53 -20.32 -18.09
CA TYR A 121 -23.19 -19.32 -17.06
C TYR A 121 -23.79 -19.68 -15.69
N VAL A 122 -25.00 -20.26 -15.70
CA VAL A 122 -25.76 -20.53 -14.48
C VAL A 122 -24.91 -21.20 -13.40
N PRO A 123 -24.11 -22.22 -13.78
CA PRO A 123 -23.12 -22.80 -12.85
C PRO A 123 -22.24 -21.75 -12.16
N LEU A 124 -21.74 -20.80 -12.95
CA LEU A 124 -20.85 -19.75 -12.46
C LEU A 124 -21.66 -18.86 -11.55
N ILE A 125 -22.85 -18.46 -12.04
CA ILE A 125 -23.77 -17.53 -11.34
C ILE A 125 -24.10 -18.03 -9.95
N VAL A 126 -24.43 -19.31 -9.87
CA VAL A 126 -24.79 -19.96 -8.62
C VAL A 126 -23.62 -20.02 -7.64
N LYS A 127 -22.50 -20.55 -8.12
CA LYS A 127 -21.34 -20.78 -7.27
C LYS A 127 -20.89 -19.49 -6.56
N GLU A 128 -20.75 -18.44 -7.36
CA GLU A 128 -20.43 -17.10 -6.86
C GLU A 128 -21.40 -16.64 -5.78
N ALA A 129 -22.69 -16.85 -6.02
CA ALA A 129 -23.73 -16.51 -5.04
C ALA A 129 -23.50 -17.25 -3.72
N GLU A 130 -23.31 -18.56 -3.83
CA GLU A 130 -23.11 -19.42 -2.67
C GLU A 130 -21.77 -19.08 -2.01
N ASP A 131 -20.77 -18.74 -2.82
CA ASP A 131 -19.45 -18.28 -2.35
C ASP A 131 -19.48 -16.93 -1.61
N PHE A 132 -20.30 -16.00 -2.13
CA PHE A 132 -20.43 -14.65 -1.55
C PHE A 132 -21.08 -14.71 -0.16
N PHE A 133 -22.23 -15.39 -0.10
CA PHE A 133 -23.08 -15.40 1.11
C PHE A 133 -22.61 -16.35 2.21
N ALA A 134 -21.77 -17.33 1.84
CA ALA A 134 -20.97 -18.05 2.80
C ALA A 134 -20.21 -17.07 3.71
N LYS A 135 -19.53 -16.10 3.11
CA LYS A 135 -18.62 -15.20 3.84
C LYS A 135 -19.27 -14.49 5.01
N TRP A 136 -20.59 -14.30 4.95
CA TRP A 136 -21.34 -13.64 6.02
C TRP A 136 -21.29 -14.35 7.37
N ASP A 137 -21.67 -13.58 8.39
CA ASP A 137 -21.53 -13.95 9.79
C ASP A 137 -22.63 -14.90 10.28
N LYS A 138 -22.56 -15.25 11.55
CA LYS A 138 -23.67 -15.87 12.27
C LYS A 138 -24.86 -14.92 12.17
N SER A 139 -24.64 -13.67 12.55
CA SER A 139 -25.66 -12.63 12.42
C SER A 139 -25.04 -11.23 12.23
N GLY A 140 -25.74 -10.39 11.47
CA GLY A 140 -25.25 -9.03 11.18
C GLY A 140 -26.12 -8.24 10.21
N THR A 141 -25.86 -6.93 10.17
CA THR A 141 -26.56 -5.99 9.30
C THR A 141 -25.95 -6.04 7.90
N VAL A 142 -26.72 -5.68 6.88
CA VAL A 142 -26.19 -5.50 5.52
C VAL A 142 -27.02 -4.55 4.66
N ASP A 143 -26.34 -3.58 4.05
CA ASP A 143 -26.93 -2.73 3.02
C ASP A 143 -27.13 -3.54 1.73
N ILE A 144 -28.29 -4.17 1.64
CA ILE A 144 -28.61 -5.08 0.53
C ILE A 144 -28.35 -4.48 -0.86
N ARG A 145 -28.41 -3.17 -1.01
CA ARG A 145 -28.04 -2.58 -2.28
C ARG A 145 -26.58 -2.87 -2.51
N ASP A 146 -25.73 -2.32 -1.65
CA ASP A 146 -24.27 -2.40 -1.83
C ASP A 146 -23.80 -3.85 -1.90
N ALA A 147 -24.36 -4.73 -1.09
CA ALA A 147 -23.94 -6.12 -1.12
C ALA A 147 -24.24 -6.76 -2.47
N LEU A 148 -25.48 -6.69 -2.93
CA LEU A 148 -25.84 -7.26 -4.23
C LEU A 148 -25.19 -6.53 -5.43
N ALA A 149 -24.76 -5.29 -5.23
CA ALA A 149 -23.95 -4.61 -6.24
C ALA A 149 -22.56 -5.27 -6.35
N GLU A 150 -21.87 -5.46 -5.22
CA GLU A 150 -20.58 -6.16 -5.20
C GLU A 150 -20.70 -7.51 -5.88
N LEU A 151 -21.77 -8.23 -5.52
CA LEU A 151 -21.94 -9.63 -5.89
C LEU A 151 -22.27 -9.80 -7.36
N ILE A 152 -23.03 -8.87 -7.92
CA ILE A 152 -23.40 -8.97 -9.35
C ILE A 152 -22.24 -8.61 -10.25
N ILE A 153 -21.42 -7.63 -9.86
CA ILE A 153 -20.23 -7.28 -10.67
C ILE A 153 -19.23 -8.44 -10.71
N LEU A 154 -19.04 -9.09 -9.56
CA LEU A 154 -18.24 -10.31 -9.49
C LEU A 154 -18.67 -11.25 -10.60
N THR A 155 -19.97 -11.54 -10.67
CA THR A 155 -20.50 -12.52 -11.63
C THR A 155 -20.59 -11.95 -13.01
N ALA A 156 -20.84 -10.64 -13.11
CA ALA A 156 -20.75 -9.95 -14.38
C ALA A 156 -19.34 -10.12 -14.96
N SER A 157 -18.30 -9.99 -14.13
CA SER A 157 -16.91 -10.30 -14.56
C SER A 157 -16.80 -11.67 -15.22
N ARG A 158 -17.08 -12.75 -14.47
CA ARG A 158 -16.82 -14.13 -14.95
C ARG A 158 -17.61 -14.53 -16.23
N CYS A 159 -18.86 -14.11 -16.35
CA CYS A 159 -19.66 -14.46 -17.54
C CYS A 159 -19.31 -13.65 -18.75
N LEU A 160 -19.01 -12.37 -18.55
CA LEU A 160 -18.75 -11.44 -19.66
C LEU A 160 -17.28 -11.41 -20.10
N MET A 161 -16.37 -11.36 -19.12
CA MET A 161 -14.91 -11.16 -19.37
C MET A 161 -13.98 -12.37 -19.08
N GLY A 162 -14.57 -13.50 -18.72
CA GLY A 162 -13.82 -14.72 -18.49
C GLY A 162 -13.11 -14.86 -17.14
N LYS A 163 -12.66 -16.10 -16.92
CA LYS A 163 -11.85 -16.54 -15.78
C LYS A 163 -10.63 -15.69 -15.50
N GLU A 164 -9.91 -15.20 -16.51
CA GLU A 164 -8.64 -14.46 -16.24
C GLU A 164 -8.96 -13.13 -15.57
N ILE A 165 -9.78 -12.32 -16.25
CA ILE A 165 -10.28 -11.08 -15.66
C ILE A 165 -10.81 -11.28 -14.24
N ARG A 166 -11.61 -12.33 -14.05
CA ARG A 166 -12.34 -12.53 -12.80
C ARG A 166 -11.41 -13.04 -11.69
N GLU A 167 -10.55 -14.00 -12.04
CA GLU A 167 -9.58 -14.59 -11.11
C GLU A 167 -8.39 -13.66 -10.81
N ASN A 168 -7.83 -13.03 -11.85
CA ASN A 168 -6.60 -12.24 -11.70
C ASN A 168 -6.85 -10.75 -11.40
N LEU A 169 -7.77 -10.12 -12.12
CA LEU A 169 -7.81 -8.65 -12.30
C LEU A 169 -9.05 -7.90 -11.80
N PHE A 170 -9.94 -8.56 -11.06
CA PHE A 170 -11.22 -7.92 -10.71
C PHE A 170 -11.05 -6.48 -10.18
N THR A 171 -10.27 -6.27 -9.11
CA THR A 171 -10.20 -4.96 -8.44
C THR A 171 -9.71 -3.83 -9.35
N GLU A 172 -8.88 -4.18 -10.33
CA GLU A 172 -8.48 -3.26 -11.41
C GLU A 172 -9.67 -2.92 -12.32
N VAL A 173 -10.40 -3.93 -12.78
CA VAL A 173 -11.51 -3.73 -13.74
C VAL A 173 -12.78 -3.19 -13.07
N ALA A 174 -12.87 -3.27 -11.75
CA ALA A 174 -13.96 -2.67 -10.99
C ALA A 174 -13.75 -1.16 -10.79
N LYS A 175 -12.48 -0.72 -10.84
CA LYS A 175 -12.13 0.71 -10.90
C LYS A 175 -12.35 1.25 -12.32
N LEU A 176 -11.71 0.59 -13.30
CA LEU A 176 -11.81 1.02 -14.70
C LEU A 176 -13.24 1.06 -15.24
N TYR A 177 -14.16 0.32 -14.63
CA TYR A 177 -15.57 0.47 -14.91
C TYR A 177 -16.05 1.74 -14.25
N GLN A 178 -16.03 1.77 -12.92
CA GLN A 178 -16.65 2.86 -12.14
C GLN A 178 -16.05 4.25 -12.46
N THR A 179 -14.88 4.28 -13.07
CA THR A 179 -14.38 5.50 -13.71
C THR A 179 -15.10 5.87 -15.02
N LEU A 180 -15.44 4.90 -15.86
CA LEU A 180 -16.35 5.14 -16.99
C LEU A 180 -17.71 5.61 -16.49
N ASP A 181 -18.23 4.91 -15.47
CA ASP A 181 -19.54 5.20 -14.84
C ASP A 181 -19.54 6.65 -14.37
N GLU A 182 -18.48 7.02 -13.67
CA GLU A 182 -18.38 8.35 -13.12
C GLU A 182 -18.40 9.47 -14.19
N GLY A 183 -18.01 9.15 -15.42
CA GLY A 183 -18.17 10.10 -16.54
C GLY A 183 -19.54 10.07 -17.17
N LEU A 184 -20.55 9.65 -16.40
CA LEU A 184 -21.92 9.83 -16.78
C LEU A 184 -22.65 10.83 -15.84
N LEU A 185 -22.60 12.10 -16.23
CA LEU A 185 -23.29 13.18 -15.54
C LEU A 185 -24.48 13.62 -16.40
N PRO A 186 -25.51 14.24 -15.78
CA PRO A 186 -26.67 14.59 -16.60
C PRO A 186 -26.34 15.63 -17.67
N ILE A 187 -25.21 16.34 -17.51
CA ILE A 187 -24.63 17.16 -18.59
C ILE A 187 -24.20 16.25 -19.78
N SER A 188 -23.58 15.11 -19.46
CA SER A 188 -23.03 14.17 -20.45
C SER A 188 -24.06 13.69 -21.45
N VAL A 189 -25.33 13.71 -21.08
CA VAL A 189 -26.37 13.19 -21.97
C VAL A 189 -26.73 14.10 -23.15
N PHE A 190 -26.25 15.35 -23.16
CA PHE A 190 -26.39 16.32 -24.29
C PHE A 190 -25.05 16.76 -24.92
N PHE A 191 -24.03 16.89 -24.08
CA PHE A 191 -22.66 17.08 -24.52
C PHE A 191 -21.93 15.95 -23.85
N PRO A 192 -21.75 14.82 -24.58
CA PRO A 192 -20.95 13.69 -24.08
C PRO A 192 -19.46 13.83 -24.44
N TYR A 193 -19.05 14.98 -24.96
CA TYR A 193 -17.65 15.31 -25.21
C TYR A 193 -17.25 16.69 -24.63
N LEU A 194 -18.04 17.27 -23.70
CA LEU A 194 -17.62 18.50 -23.00
C LEU A 194 -16.26 18.19 -22.28
N PRO A 195 -15.16 18.92 -22.65
CA PRO A 195 -13.82 18.70 -22.09
C PRO A 195 -13.65 18.78 -20.60
N ILE A 196 -14.64 18.30 -19.84
CA ILE A 196 -14.69 18.56 -18.40
C ILE A 196 -13.80 17.49 -17.80
N PRO A 197 -13.36 17.63 -16.54
CA PRO A 197 -12.33 16.69 -16.09
C PRO A 197 -12.79 15.19 -16.04
N ALA A 198 -14.07 14.93 -15.70
CA ALA A 198 -14.63 13.57 -15.59
C ALA A 198 -14.60 12.81 -16.90
N HIS A 199 -15.07 13.47 -17.96
CA HIS A 199 -15.01 12.94 -19.32
C HIS A 199 -13.58 12.50 -19.77
N LYS A 200 -12.57 13.28 -19.37
CA LYS A 200 -11.18 12.96 -19.70
C LYS A 200 -10.88 11.63 -19.06
N ARG A 201 -11.06 11.59 -17.74
CA ARG A 201 -10.82 10.42 -16.90
C ARG A 201 -11.52 9.15 -17.41
N ARG A 202 -12.79 9.30 -17.79
CA ARG A 202 -13.55 8.27 -18.53
C ARG A 202 -12.86 7.82 -19.85
N ASP A 203 -12.85 8.68 -20.87
CA ASP A 203 -12.08 8.41 -22.11
C ASP A 203 -10.74 7.68 -21.84
N GLU A 204 -10.03 8.19 -20.84
CA GLU A 204 -8.75 7.65 -20.35
C GLU A 204 -8.89 6.21 -19.84
N ALA A 205 -9.85 6.00 -18.96
CA ALA A 205 -10.07 4.70 -18.35
C ALA A 205 -10.54 3.64 -19.34
N ARG A 206 -11.31 4.05 -20.35
CA ARG A 206 -11.69 3.12 -21.43
C ARG A 206 -10.45 2.65 -22.18
N LEU A 207 -9.67 3.59 -22.73
CA LEU A 207 -8.38 3.28 -23.42
C LEU A 207 -7.57 2.24 -22.68
N ALA A 208 -7.40 2.47 -21.38
CA ALA A 208 -6.72 1.53 -20.48
C ALA A 208 -7.37 0.15 -20.48
N MET A 209 -8.69 0.12 -20.31
CA MET A 209 -9.42 -1.17 -20.33
C MET A 209 -9.31 -1.92 -21.67
N VAL A 210 -9.15 -1.22 -22.79
CA VAL A 210 -8.96 -1.86 -24.09
C VAL A 210 -7.64 -2.59 -24.11
N ARG A 211 -6.58 -1.88 -23.76
CA ARG A 211 -5.25 -2.49 -23.66
C ARG A 211 -5.25 -3.70 -22.71
N MET A 212 -6.07 -3.71 -21.66
CA MET A 212 -6.20 -4.90 -20.79
C MET A 212 -6.73 -6.14 -21.53
N PHE A 213 -7.73 -5.96 -22.39
CA PHE A 213 -8.28 -7.05 -23.15
C PHE A 213 -7.43 -7.32 -24.38
N LYS A 214 -6.69 -6.33 -24.87
CA LYS A 214 -5.61 -6.55 -25.88
C LYS A 214 -4.80 -7.77 -25.50
N LYS A 215 -4.28 -7.73 -24.28
CA LYS A 215 -3.38 -8.73 -23.77
C LYS A 215 -4.09 -10.06 -23.70
N ILE A 216 -5.24 -10.05 -23.04
CA ILE A 216 -6.00 -11.27 -22.78
C ILE A 216 -6.46 -11.89 -24.08
N ILE A 217 -6.90 -11.12 -25.05
CA ILE A 217 -7.38 -11.70 -26.30
C ILE A 217 -6.22 -12.25 -27.15
N ASP A 218 -5.10 -11.51 -27.20
CA ASP A 218 -3.90 -11.92 -27.96
C ASP A 218 -3.32 -13.21 -27.42
N GLU A 219 -3.24 -13.31 -26.09
CA GLU A 219 -3.01 -14.58 -25.41
C GLU A 219 -3.89 -15.71 -26.02
N ARG A 220 -5.21 -15.55 -25.97
CA ARG A 220 -6.14 -16.56 -26.47
C ARG A 220 -5.97 -16.85 -27.96
N ARG A 221 -5.88 -15.82 -28.81
CA ARG A 221 -5.70 -16.04 -30.26
C ARG A 221 -4.42 -16.82 -30.61
N ALA A 222 -3.52 -16.95 -29.60
CA ALA A 222 -2.31 -17.80 -29.65
C ALA A 222 -2.49 -19.28 -29.27
N ASN A 223 -3.52 -19.61 -28.48
CA ASN A 223 -3.92 -21.00 -28.23
C ASN A 223 -5.42 -21.28 -28.48
N PRO A 224 -5.87 -21.14 -29.74
CA PRO A 224 -7.25 -21.51 -30.12
C PRO A 224 -7.75 -22.83 -29.55
N GLU A 225 -6.86 -23.82 -29.47
CA GLU A 225 -7.08 -25.06 -28.76
C GLU A 225 -8.03 -24.86 -27.57
N VAL A 226 -7.59 -24.13 -26.54
CA VAL A 226 -8.34 -24.05 -25.26
C VAL A 226 -9.77 -23.50 -25.42
N LYS A 227 -10.77 -24.32 -25.07
CA LYS A 227 -12.20 -23.92 -25.12
C LYS A 227 -12.48 -22.86 -24.03
N HIS A 228 -13.48 -22.01 -24.29
CA HIS A 228 -13.76 -20.83 -23.41
C HIS A 228 -15.24 -20.42 -23.21
N ASN A 229 -15.64 -20.38 -21.93
CA ASN A 229 -17.04 -20.15 -21.53
C ASN A 229 -17.22 -18.76 -20.95
N ASP A 230 -17.41 -17.80 -21.86
CA ASP A 230 -17.73 -16.40 -21.52
C ASP A 230 -18.26 -15.67 -22.75
N CYS A 231 -18.69 -14.42 -22.55
CA CYS A 231 -19.18 -13.62 -23.65
C CYS A 231 -18.06 -13.31 -24.60
N LEU A 232 -16.94 -12.84 -24.07
CA LEU A 232 -15.89 -12.26 -24.93
C LEU A 232 -15.40 -13.25 -25.97
N GLN A 233 -15.43 -14.54 -25.61
CA GLN A 233 -15.25 -15.65 -26.56
C GLN A 233 -16.31 -15.60 -27.66
N VAL A 234 -17.59 -15.47 -27.28
CA VAL A 234 -18.66 -15.33 -28.26
C VAL A 234 -18.37 -14.18 -29.21
N PHE A 235 -17.78 -13.12 -28.67
CA PHE A 235 -17.51 -11.95 -29.49
C PHE A 235 -16.28 -12.20 -30.36
N MET A 236 -15.18 -12.65 -29.75
CA MET A 236 -13.95 -13.04 -30.47
C MET A 236 -14.22 -13.87 -31.74
N ASP A 237 -15.14 -14.83 -31.62
CA ASP A 237 -15.51 -15.73 -32.71
C ASP A 237 -16.60 -15.14 -33.65
N ALA A 238 -17.06 -13.93 -33.37
CA ALA A 238 -18.11 -13.31 -34.18
C ALA A 238 -17.46 -12.67 -35.38
N ARG A 239 -18.15 -12.70 -36.51
CA ARG A 239 -17.70 -11.97 -37.71
C ARG A 239 -18.90 -11.35 -38.43
N TYR A 240 -18.66 -10.30 -39.23
CA TYR A 240 -19.74 -9.55 -39.90
C TYR A 240 -20.04 -10.22 -41.22
N ARG A 241 -21.10 -9.79 -41.91
CA ARG A 241 -21.29 -10.13 -43.32
C ARG A 241 -20.32 -9.29 -44.15
N GLY A 242 -19.78 -9.89 -45.22
CA GLY A 242 -18.88 -9.20 -46.18
C GLY A 242 -17.40 -9.02 -45.81
N GLU A 243 -16.96 -9.68 -44.72
CA GLU A 243 -15.65 -9.43 -44.14
C GLU A 243 -15.34 -10.47 -43.05
N GLU A 244 -14.11 -10.96 -43.03
CA GLU A 244 -13.73 -12.10 -42.20
C GLU A 244 -12.42 -11.87 -41.40
N GLN A 245 -12.15 -10.60 -41.04
CA GLN A 245 -11.04 -10.23 -40.13
C GLN A 245 -11.48 -10.23 -38.66
N ALA A 246 -12.79 -10.20 -38.38
CA ALA A 246 -13.36 -10.19 -37.00
C ALA A 246 -13.53 -8.79 -36.43
N LEU A 247 -14.12 -8.74 -35.23
CA LEU A 247 -14.13 -7.54 -34.39
C LEU A 247 -12.78 -7.39 -33.73
N ASN A 248 -12.45 -6.17 -33.36
CA ASN A 248 -11.11 -5.86 -32.83
C ASN A 248 -11.05 -5.54 -31.32
N ASP A 249 -9.85 -5.38 -30.81
CA ASP A 249 -9.65 -5.27 -29.37
C ASP A 249 -10.25 -3.99 -28.74
N GLU A 250 -10.87 -3.12 -29.54
CA GLU A 250 -11.74 -2.07 -29.00
C GLU A 250 -13.19 -2.55 -29.09
N GLU A 251 -13.71 -2.64 -30.33
CA GLU A 251 -15.07 -3.08 -30.61
C GLU A 251 -15.54 -4.15 -29.63
N ILE A 252 -14.72 -5.18 -29.39
CA ILE A 252 -15.03 -6.24 -28.41
C ILE A 252 -15.15 -5.60 -27.06
N THR A 253 -14.06 -5.05 -26.58
CA THR A 253 -14.05 -4.51 -25.23
C THR A 253 -15.29 -3.65 -25.00
N GLY A 254 -15.62 -2.85 -26.03
CA GLY A 254 -16.81 -2.00 -25.99
C GLY A 254 -18.06 -2.81 -25.74
N LEU A 255 -18.24 -3.85 -26.58
CA LEU A 255 -19.42 -4.70 -26.53
C LEU A 255 -19.61 -5.32 -25.19
N MET A 256 -18.50 -5.63 -24.52
CA MET A 256 -18.55 -6.26 -23.20
C MET A 256 -18.87 -5.22 -22.16
N ILE A 257 -18.15 -4.08 -22.16
CA ILE A 257 -18.42 -2.99 -21.21
C ILE A 257 -19.89 -2.63 -21.15
N ALA A 258 -20.51 -2.56 -22.33
CA ALA A 258 -21.94 -2.29 -22.45
C ALA A 258 -22.75 -3.25 -21.58
N LEU A 259 -22.47 -4.53 -21.73
CA LEU A 259 -23.16 -5.54 -20.96
C LEU A 259 -22.79 -5.46 -19.45
N LEU A 260 -21.60 -4.94 -19.14
CA LEU A 260 -21.23 -4.58 -17.78
C LEU A 260 -22.14 -3.47 -17.29
N PHE A 261 -22.25 -2.43 -18.11
CA PHE A 261 -23.10 -1.28 -17.84
C PHE A 261 -24.54 -1.73 -17.59
N ALA A 262 -25.20 -2.28 -18.61
CA ALA A 262 -26.57 -2.76 -18.45
C ALA A 262 -26.81 -3.63 -17.19
N GLY A 263 -25.87 -4.52 -16.88
CA GLY A 263 -25.93 -5.30 -15.65
C GLY A 263 -25.96 -4.44 -14.41
N GLN A 264 -24.98 -3.56 -14.27
CA GLN A 264 -24.80 -2.79 -13.01
C GLN A 264 -25.88 -1.74 -12.79
N HIS A 265 -26.34 -1.14 -13.87
CA HIS A 265 -27.40 -0.16 -13.78
C HIS A 265 -28.77 -0.79 -13.52
N THR A 266 -28.98 -2.07 -13.79
CA THR A 266 -30.32 -2.65 -13.56
C THR A 266 -30.38 -3.85 -12.58
N SER A 267 -30.08 -5.07 -13.02
CA SER A 267 -30.09 -6.23 -12.12
C SER A 267 -29.79 -5.84 -10.64
N SER A 268 -28.64 -5.19 -10.44
CA SER A 268 -28.19 -4.68 -9.11
C SER A 268 -29.28 -4.09 -8.19
N VAL A 269 -30.20 -3.31 -8.76
CA VAL A 269 -31.23 -2.62 -7.98
C VAL A 269 -32.48 -3.50 -7.84
N THR A 270 -33.01 -3.99 -8.96
CA THR A 270 -34.21 -4.81 -8.95
C THR A 270 -33.98 -6.06 -8.11
N GLY A 271 -32.71 -6.47 -8.04
CA GLY A 271 -32.27 -7.45 -7.04
C GLY A 271 -32.70 -6.98 -5.66
N SER A 272 -32.17 -5.83 -5.26
CA SER A 272 -32.46 -5.27 -3.96
C SER A 272 -33.95 -5.03 -3.73
N TRP A 273 -34.67 -4.47 -4.71
CA TRP A 273 -36.11 -4.17 -4.54
C TRP A 273 -36.88 -5.44 -4.21
N THR A 274 -36.66 -6.49 -4.99
CA THR A 274 -37.32 -7.82 -4.81
C THR A 274 -37.43 -8.28 -3.37
N GLY A 275 -36.33 -8.00 -2.64
CA GLY A 275 -36.16 -8.31 -1.22
C GLY A 275 -36.63 -7.25 -0.25
N LEU A 276 -36.32 -5.98 -0.49
CA LEU A 276 -36.85 -4.89 0.36
C LEU A 276 -38.37 -4.96 0.50
N LEU A 277 -39.06 -5.20 -0.62
CA LEU A 277 -40.51 -5.33 -0.62
C LEU A 277 -40.96 -6.57 0.16
N LEU A 278 -40.43 -7.75 -0.21
CA LEU A 278 -40.74 -9.05 0.46
C LEU A 278 -40.62 -9.02 1.99
N PHE A 279 -39.49 -8.52 2.47
CA PHE A 279 -39.17 -8.55 3.88
C PHE A 279 -39.64 -7.29 4.64
N GLU A 280 -40.41 -6.41 3.99
CA GLU A 280 -41.28 -5.45 4.71
C GLU A 280 -42.40 -6.28 5.33
N ALA A 281 -42.82 -5.91 6.54
CA ALA A 281 -43.59 -6.83 7.41
C ALA A 281 -45.02 -7.03 6.93
N ASN A 282 -45.64 -5.91 6.61
CA ASN A 282 -46.78 -5.86 5.69
C ASN A 282 -46.85 -7.08 4.75
N ASN A 283 -45.75 -7.33 4.05
CA ASN A 283 -45.70 -8.25 2.91
C ASN A 283 -45.11 -9.63 3.23
N LYS A 284 -44.10 -9.63 4.11
CA LYS A 284 -43.56 -10.87 4.70
C LYS A 284 -44.71 -11.78 5.23
N LYS A 285 -45.69 -11.20 5.94
CA LYS A 285 -46.87 -11.95 6.44
C LYS A 285 -47.63 -12.48 5.23
N LYS A 286 -48.10 -11.58 4.36
CA LYS A 286 -48.96 -11.98 3.24
C LYS A 286 -48.32 -12.90 2.16
N PHE A 287 -46.98 -12.89 2.02
CA PHE A 287 -46.27 -13.57 0.88
C PHE A 287 -45.12 -14.55 1.17
N LEU A 288 -44.36 -14.36 2.26
CA LEU A 288 -43.13 -15.14 2.48
C LEU A 288 -43.34 -16.63 2.78
N PRO A 289 -44.46 -17.00 3.44
CA PRO A 289 -44.79 -18.43 3.45
C PRO A 289 -44.95 -18.99 2.03
N GLY A 290 -45.82 -18.37 1.22
CA GLY A 290 -45.97 -18.72 -0.20
C GLY A 290 -44.63 -19.02 -0.85
N VAL A 291 -43.71 -18.08 -0.70
CA VAL A 291 -42.32 -18.18 -1.18
C VAL A 291 -41.63 -19.47 -0.68
N LEU A 292 -41.30 -19.53 0.61
CA LEU A 292 -40.46 -20.61 1.19
C LEU A 292 -41.03 -22.02 1.00
N GLU A 293 -42.35 -22.12 0.91
CA GLU A 293 -43.01 -23.37 0.54
C GLU A 293 -42.44 -23.82 -0.80
N GLU A 294 -42.44 -22.92 -1.79
CA GLU A 294 -41.90 -23.26 -3.11
C GLU A 294 -40.38 -23.57 -3.05
N GLN A 295 -39.64 -22.90 -2.15
CA GLN A 295 -38.21 -23.22 -1.92
C GLN A 295 -37.97 -24.65 -1.43
N GLU A 296 -38.90 -25.19 -0.63
CA GLU A 296 -38.85 -26.59 -0.20
C GLU A 296 -39.36 -27.55 -1.28
N GLU A 297 -40.58 -27.30 -1.79
CA GLU A 297 -41.22 -28.10 -2.87
C GLU A 297 -40.29 -28.47 -4.02
N ILE A 298 -39.38 -27.57 -4.33
CA ILE A 298 -38.38 -27.77 -5.37
C ILE A 298 -37.16 -28.47 -4.77
N ARG A 299 -36.58 -27.90 -3.71
CA ARG A 299 -35.47 -28.53 -2.94
C ARG A 299 -35.52 -30.06 -2.88
N LYS A 300 -36.73 -30.56 -2.64
CA LYS A 300 -37.04 -31.99 -2.69
C LYS A 300 -37.64 -32.30 -4.06
N GLU A 301 -36.76 -32.36 -5.05
CA GLU A 301 -37.05 -32.77 -6.43
C GLU A 301 -35.78 -32.56 -7.23
N PHE A 302 -35.25 -31.34 -7.16
CA PHE A 302 -34.00 -30.92 -7.80
C PHE A 302 -32.84 -30.68 -6.78
N GLY A 303 -32.87 -31.35 -5.61
CA GLY A 303 -31.73 -31.39 -4.69
C GLY A 303 -31.27 -30.14 -3.97
N ASP A 304 -30.31 -30.35 -3.06
CA ASP A 304 -29.63 -29.25 -2.32
C ASP A 304 -28.83 -28.33 -3.26
N GLU A 305 -28.30 -28.88 -4.35
CA GLU A 305 -27.58 -28.09 -5.36
C GLU A 305 -28.56 -27.31 -6.22
N LEU A 306 -28.02 -26.38 -7.02
CA LEU A 306 -28.83 -25.36 -7.67
C LEU A 306 -28.61 -25.27 -9.19
N THR A 307 -29.61 -25.66 -9.95
CA THR A 307 -29.47 -25.67 -11.40
C THR A 307 -30.58 -24.92 -12.06
N MET A 308 -30.29 -24.40 -13.25
CA MET A 308 -31.27 -23.70 -14.10
C MET A 308 -32.65 -24.38 -14.21
N GLU A 309 -32.72 -25.64 -14.64
CA GLU A 309 -33.98 -26.42 -14.59
C GLU A 309 -34.84 -25.95 -13.43
N ALA A 310 -34.21 -25.89 -12.25
CA ALA A 310 -34.83 -25.58 -10.93
C ALA A 310 -35.22 -24.12 -10.72
N LEU A 311 -34.38 -23.23 -11.21
CA LEU A 311 -34.73 -21.80 -11.29
C LEU A 311 -35.90 -21.60 -12.25
N ASN A 312 -35.78 -22.06 -13.49
CA ASN A 312 -36.85 -21.90 -14.50
C ASN A 312 -38.27 -22.19 -14.01
N LYS A 313 -38.38 -23.21 -13.14
CA LYS A 313 -39.62 -23.53 -12.45
C LYS A 313 -39.44 -23.15 -10.97
N MET A 314 -39.32 -21.86 -10.70
CA MET A 314 -39.56 -21.26 -9.37
C MET A 314 -40.52 -20.13 -9.66
N ASP A 315 -41.71 -20.51 -10.15
CA ASP A 315 -42.68 -19.57 -10.73
C ASP A 315 -43.18 -18.48 -9.79
N LYS A 316 -43.14 -18.73 -8.48
CA LYS A 316 -43.47 -17.69 -7.47
C LYS A 316 -42.39 -16.61 -7.52
N LEU A 317 -41.17 -16.95 -7.11
CA LEU A 317 -40.09 -15.93 -6.98
C LEU A 317 -39.89 -15.19 -8.30
N HIS A 318 -40.12 -15.84 -9.44
CA HIS A 318 -40.15 -15.10 -10.71
C HIS A 318 -41.10 -13.91 -10.61
N ARG A 319 -42.32 -14.12 -10.07
CA ARG A 319 -43.28 -13.01 -9.85
C ARG A 319 -42.89 -12.01 -8.75
N CYS A 320 -42.46 -12.54 -7.62
CA CYS A 320 -41.98 -11.74 -6.47
C CYS A 320 -40.80 -10.76 -6.83
N VAL A 321 -40.03 -11.12 -7.85
CA VAL A 321 -39.01 -10.23 -8.45
C VAL A 321 -39.72 -9.30 -9.41
N LYS A 322 -40.48 -9.89 -10.35
CA LYS A 322 -41.13 -9.18 -11.45
C LYS A 322 -41.97 -8.00 -10.97
N GLU A 323 -42.61 -8.15 -9.80
CA GLU A 323 -43.38 -7.09 -9.13
C GLU A 323 -42.51 -5.92 -8.61
N ALA A 324 -41.28 -6.22 -8.24
CA ALA A 324 -40.29 -5.21 -7.89
C ALA A 324 -39.67 -4.46 -9.13
N LEU A 325 -39.85 -5.02 -10.31
CA LEU A 325 -39.63 -4.28 -11.52
C LEU A 325 -40.86 -3.43 -11.77
N ARG A 326 -42.05 -4.03 -11.69
CA ARG A 326 -43.29 -3.27 -11.95
C ARG A 326 -43.36 -1.98 -11.14
N MET A 327 -42.98 -2.04 -9.86
CA MET A 327 -43.10 -0.88 -8.95
C MET A 327 -41.92 0.08 -8.91
N TYR A 328 -40.73 -0.41 -9.18
CA TYR A 328 -39.51 0.40 -9.09
C TYR A 328 -38.58 0.04 -10.23
N PRO A 329 -39.02 0.32 -11.48
CA PRO A 329 -38.16 -0.06 -12.59
C PRO A 329 -36.84 0.68 -12.43
N PRO A 330 -35.74 0.11 -12.95
CA PRO A 330 -34.45 0.76 -12.75
C PRO A 330 -34.21 1.87 -13.74
N LEU A 331 -34.57 1.63 -15.01
CA LEU A 331 -34.64 2.67 -16.05
C LEU A 331 -35.94 3.37 -15.86
N LEU A 332 -35.90 4.70 -15.79
CA LEU A 332 -37.12 5.47 -15.55
C LEU A 332 -37.96 5.50 -16.81
N PHE A 333 -37.29 5.75 -17.94
CA PHE A 333 -37.96 5.82 -19.23
C PHE A 333 -37.04 5.49 -20.40
N VAL A 334 -37.66 5.18 -21.52
CA VAL A 334 -36.95 4.76 -22.73
C VAL A 334 -37.34 5.63 -23.94
N MET A 335 -36.36 6.00 -24.77
CA MET A 335 -36.50 7.10 -25.73
C MET A 335 -36.13 6.72 -27.17
N ARG A 336 -36.74 7.43 -28.12
CA ARG A 336 -36.39 7.37 -29.53
C ARG A 336 -36.61 8.78 -30.09
N LYS A 337 -35.80 9.25 -31.04
CA LYS A 337 -36.19 10.40 -31.90
C LYS A 337 -37.15 9.86 -33.00
N VAL A 338 -38.16 10.64 -33.37
CA VAL A 338 -39.15 10.19 -34.35
C VAL A 338 -38.66 10.47 -35.76
N ILE A 339 -38.72 9.45 -36.64
CA ILE A 339 -38.28 9.61 -38.05
C ILE A 339 -39.50 9.74 -38.98
N LYS A 340 -40.20 8.63 -39.24
CA LYS A 340 -41.49 8.70 -39.93
C LYS A 340 -42.50 9.13 -38.85
N PRO A 341 -43.17 10.27 -39.08
CA PRO A 341 -44.07 10.78 -38.06
C PRO A 341 -45.34 9.93 -38.02
N PHE A 342 -46.09 10.01 -36.92
CA PHE A 342 -47.26 9.16 -36.70
C PHE A 342 -48.33 9.85 -35.84
N SER A 343 -49.60 9.73 -36.23
CA SER A 343 -50.70 10.25 -35.43
C SER A 343 -51.01 9.19 -34.40
N TYR A 344 -51.43 9.63 -33.23
CA TYR A 344 -51.98 8.71 -32.24
C TYR A 344 -53.29 9.28 -31.78
N LYS A 345 -54.40 8.60 -32.10
CA LYS A 345 -55.71 9.16 -31.84
C LYS A 345 -55.75 10.54 -32.57
N ASP A 346 -56.30 11.57 -31.92
CA ASP A 346 -56.13 12.95 -32.34
C ASP A 346 -55.02 13.53 -31.46
N TYR A 347 -53.80 13.18 -31.85
CA TYR A 347 -52.54 13.78 -31.37
C TYR A 347 -51.50 13.47 -32.42
N TYR A 348 -50.96 14.51 -33.02
CA TYR A 348 -49.95 14.33 -34.03
C TYR A 348 -48.58 14.48 -33.41
N VAL A 349 -47.69 13.57 -33.78
CA VAL A 349 -46.34 13.52 -33.24
C VAL A 349 -45.42 13.76 -34.44
N PRO A 350 -45.00 15.02 -34.63
CA PRO A 350 -44.12 15.42 -35.75
C PRO A 350 -42.77 14.70 -35.84
N GLU A 351 -41.94 15.14 -36.79
CA GLU A 351 -40.55 14.67 -36.91
C GLU A 351 -39.59 15.47 -36.04
N GLY A 352 -38.54 14.81 -35.56
CA GLY A 352 -37.56 15.46 -34.69
C GLY A 352 -38.06 15.49 -33.26
N ASP A 353 -39.20 14.85 -33.01
CA ASP A 353 -39.74 14.73 -31.66
C ASP A 353 -38.83 13.77 -30.93
N THR A 354 -39.15 13.50 -29.68
CA THR A 354 -38.46 12.46 -28.95
C THR A 354 -39.48 11.79 -28.06
N VAL A 355 -39.97 10.64 -28.50
CA VAL A 355 -41.05 9.94 -27.83
C VAL A 355 -40.54 9.11 -26.65
N PHE A 356 -41.21 9.23 -25.51
CA PHE A 356 -40.77 8.51 -24.33
C PHE A 356 -41.81 7.46 -23.99
N VAL A 357 -41.41 6.56 -23.10
CA VAL A 357 -42.32 5.69 -22.37
C VAL A 357 -41.70 5.55 -21.01
N SER A 358 -42.47 5.69 -19.94
CA SER A 358 -41.92 5.30 -18.67
C SER A 358 -42.53 4.01 -18.19
N PRO A 359 -41.67 3.00 -17.98
CA PRO A 359 -41.91 1.95 -17.03
C PRO A 359 -42.68 2.41 -15.81
N ALA A 360 -42.05 3.24 -14.98
CA ALA A 360 -42.65 3.62 -13.70
C ALA A 360 -44.04 4.25 -13.82
N LEU A 361 -44.32 4.91 -14.94
CA LEU A 361 -45.61 5.58 -15.20
C LEU A 361 -46.65 4.59 -15.73
N SER A 362 -46.28 3.85 -16.77
CA SER A 362 -47.22 3.00 -17.51
C SER A 362 -47.54 1.67 -16.81
N MET A 363 -46.86 1.45 -15.68
CA MET A 363 -47.08 0.30 -14.85
C MET A 363 -47.74 0.67 -13.54
N ARG A 364 -48.03 1.96 -13.31
CA ARG A 364 -48.98 2.35 -12.24
C ARG A 364 -50.36 2.77 -12.75
N VAL A 365 -50.63 2.69 -14.06
CA VAL A 365 -51.99 2.84 -14.57
C VAL A 365 -52.91 1.78 -13.91
N GLU A 366 -53.98 2.24 -13.23
CA GLU A 366 -54.89 1.38 -12.48
C GLU A 366 -56.00 0.79 -13.33
N GLU A 367 -56.26 1.37 -14.52
CA GLU A 367 -57.09 0.68 -15.52
C GLU A 367 -56.35 -0.51 -16.16
N VAL A 368 -55.11 -0.78 -15.75
CA VAL A 368 -54.28 -1.90 -16.23
C VAL A 368 -53.66 -2.71 -15.10
N PHE A 369 -53.31 -2.06 -13.99
CA PHE A 369 -52.93 -2.76 -12.76
C PHE A 369 -53.84 -2.38 -11.58
N PRO A 370 -54.94 -3.13 -11.38
CA PRO A 370 -55.62 -3.16 -10.08
C PRO A 370 -54.61 -3.13 -8.91
N ASN A 371 -54.88 -2.29 -7.90
CA ASN A 371 -54.01 -2.18 -6.70
C ASN A 371 -52.53 -1.71 -6.99
N ALA A 372 -52.35 -0.87 -8.01
CA ALA A 372 -51.01 -0.47 -8.47
C ALA A 372 -50.08 0.15 -7.38
N ASP A 373 -50.63 0.91 -6.45
CA ASP A 373 -49.84 1.43 -5.35
C ASP A 373 -49.15 0.32 -4.52
N GLN A 374 -49.79 -0.86 -4.39
CA GLN A 374 -49.33 -1.88 -3.43
C GLN A 374 -48.78 -3.19 -4.01
N TYR A 375 -47.85 -3.77 -3.24
CA TYR A 375 -46.92 -4.82 -3.68
C TYR A 375 -47.62 -6.14 -3.75
N ASN A 376 -48.05 -6.52 -4.95
CA ASN A 376 -48.76 -7.78 -5.14
C ASN A 376 -48.10 -8.74 -6.14
N PRO A 377 -47.08 -9.49 -5.67
CA PRO A 377 -46.44 -10.50 -6.49
C PRO A 377 -47.39 -11.36 -7.32
N GLU A 378 -48.46 -11.81 -6.70
CA GLU A 378 -49.39 -12.77 -7.32
C GLU A 378 -50.31 -12.18 -8.38
N ARG A 379 -50.20 -10.88 -8.66
CA ARG A 379 -50.98 -10.25 -9.73
C ARG A 379 -50.73 -10.94 -11.07
N PHE A 380 -49.48 -11.37 -11.30
CA PHE A 380 -49.06 -11.92 -12.60
C PHE A 380 -49.61 -13.30 -12.93
N VAL A 381 -50.30 -13.94 -11.98
CA VAL A 381 -50.68 -15.35 -12.12
C VAL A 381 -51.72 -15.51 -13.26
N GLU A 382 -52.56 -14.50 -13.48
CA GLU A 382 -53.33 -14.42 -14.74
C GLU A 382 -53.33 -13.03 -15.37
N GLU A 383 -52.52 -12.09 -14.85
CA GLU A 383 -52.13 -10.93 -15.64
C GLU A 383 -51.25 -11.47 -16.76
N ASP A 384 -50.29 -12.34 -16.41
CA ASP A 384 -49.39 -12.91 -17.42
C ASP A 384 -50.22 -13.67 -18.47
N LYS A 385 -51.44 -14.08 -18.08
CA LYS A 385 -52.45 -14.59 -19.00
C LYS A 385 -53.05 -13.58 -20.02
N GLN A 386 -52.75 -12.29 -19.89
CA GLN A 386 -53.40 -11.26 -20.73
C GLN A 386 -52.87 -11.25 -22.15
N ALA A 387 -53.70 -10.75 -23.06
CA ALA A 387 -53.44 -10.80 -24.50
C ALA A 387 -52.85 -9.50 -25.06
N GLN A 388 -53.49 -8.38 -24.68
CA GLN A 388 -53.11 -7.03 -25.10
C GLN A 388 -51.60 -6.78 -24.94
N LYS A 389 -50.95 -6.26 -25.98
CA LYS A 389 -49.48 -6.09 -25.93
C LYS A 389 -49.01 -4.87 -25.11
N TYR A 390 -47.83 -5.00 -24.50
CA TYR A 390 -47.15 -3.90 -23.81
C TYR A 390 -47.82 -3.39 -22.53
N ARG A 391 -48.41 -4.28 -21.72
CA ARG A 391 -49.02 -3.89 -20.43
C ARG A 391 -47.95 -3.78 -19.33
N PHE A 392 -47.01 -4.72 -19.36
CA PHE A 392 -45.75 -4.69 -18.61
C PHE A 392 -44.63 -4.34 -19.57
N VAL A 393 -43.89 -3.27 -19.23
CA VAL A 393 -42.83 -2.72 -20.11
C VAL A 393 -41.49 -2.52 -19.42
N GLY A 394 -41.33 -3.01 -18.20
CA GLY A 394 -40.10 -2.78 -17.46
C GLY A 394 -38.87 -3.38 -18.08
N PHE A 395 -39.08 -4.42 -18.89
CA PHE A 395 -38.08 -5.00 -19.80
C PHE A 395 -38.38 -4.57 -21.23
N GLY A 396 -39.05 -3.43 -21.36
CA GLY A 396 -39.48 -2.95 -22.66
C GLY A 396 -40.15 -4.02 -23.46
N ALA A 397 -40.23 -3.75 -24.77
CA ALA A 397 -40.78 -4.67 -25.78
C ALA A 397 -40.19 -4.39 -27.15
N GLY A 398 -40.63 -5.22 -28.10
CA GLY A 398 -40.37 -5.00 -29.52
C GLY A 398 -38.99 -5.38 -30.05
N ARG A 399 -38.77 -4.94 -31.29
CA ARG A 399 -37.48 -4.98 -31.98
C ARG A 399 -36.31 -4.83 -31.00
N HIS A 400 -36.43 -3.97 -29.98
CA HIS A 400 -35.33 -3.73 -29.07
C HIS A 400 -35.52 -4.05 -27.61
N GLY A 401 -36.44 -4.97 -27.31
CA GLY A 401 -36.60 -5.44 -25.94
C GLY A 401 -35.34 -6.11 -25.39
N CYS A 402 -35.26 -6.16 -24.06
CA CYS A 402 -34.05 -6.52 -23.33
C CYS A 402 -33.51 -7.88 -23.69
N MET A 403 -32.32 -7.88 -24.31
CA MET A 403 -31.54 -9.11 -24.57
C MET A 403 -31.00 -9.79 -23.31
N GLY A 404 -31.00 -9.10 -22.16
CA GLY A 404 -30.56 -9.73 -20.92
C GLY A 404 -31.63 -10.27 -20.00
N GLU A 405 -32.91 -10.30 -20.45
CA GLU A 405 -34.03 -10.56 -19.53
C GLU A 405 -33.80 -11.75 -18.58
N ASN A 406 -33.57 -12.94 -19.16
CA ASN A 406 -33.41 -14.19 -18.38
C ASN A 406 -32.13 -14.13 -17.54
N PHE A 407 -31.01 -13.70 -18.16
CA PHE A 407 -29.75 -13.52 -17.40
C PHE A 407 -30.00 -12.78 -16.10
N ALA A 408 -30.75 -11.69 -16.21
CA ALA A 408 -31.13 -10.92 -15.03
C ALA A 408 -31.93 -11.77 -14.06
N TYR A 409 -33.01 -12.37 -14.53
CA TYR A 409 -33.84 -13.21 -13.66
C TYR A 409 -33.00 -14.24 -12.91
N LEU A 410 -32.11 -14.90 -13.64
CA LEU A 410 -31.41 -16.07 -13.13
C LEU A 410 -30.39 -15.63 -12.10
N GLN A 411 -29.69 -14.55 -12.43
CA GLN A 411 -28.84 -13.86 -11.46
C GLN A 411 -29.63 -13.50 -10.21
N ILE A 412 -30.79 -12.88 -10.40
CA ILE A 412 -31.59 -12.39 -9.29
C ILE A 412 -32.22 -13.52 -8.46
N LYS A 413 -32.90 -14.45 -9.15
CA LYS A 413 -33.57 -15.54 -8.45
C LYS A 413 -32.56 -16.34 -7.63
N THR A 414 -31.40 -16.66 -8.23
CA THR A 414 -30.26 -17.29 -7.52
C THR A 414 -29.89 -16.62 -6.22
N ILE A 415 -29.82 -15.30 -6.21
CA ILE A 415 -29.43 -14.54 -5.02
C ILE A 415 -30.40 -14.80 -3.86
N TRP A 416 -31.70 -14.60 -4.09
CA TRP A 416 -32.71 -14.82 -3.06
C TRP A 416 -32.93 -16.29 -2.82
N SER A 417 -32.96 -17.08 -3.91
CA SER A 417 -32.92 -18.54 -3.83
C SER A 417 -31.88 -19.04 -2.80
N VAL A 418 -30.64 -18.58 -2.89
CA VAL A 418 -29.64 -18.87 -1.87
C VAL A 418 -30.02 -18.25 -0.54
N LEU A 419 -30.24 -16.94 -0.53
CA LEU A 419 -30.44 -16.19 0.71
C LEU A 419 -31.61 -16.69 1.55
N LEU A 420 -32.67 -17.20 0.91
CA LEU A 420 -33.80 -17.80 1.64
C LEU A 420 -33.39 -19.07 2.39
N ARG A 421 -32.61 -19.92 1.73
CA ARG A 421 -32.20 -21.21 2.33
C ARG A 421 -31.17 -21.08 3.44
N ASN A 422 -30.26 -20.11 3.35
CA ASN A 422 -29.21 -19.95 4.36
C ASN A 422 -29.43 -18.88 5.44
N PHE A 423 -30.58 -18.20 5.43
CA PHE A 423 -30.84 -17.11 6.41
C PHE A 423 -32.32 -16.96 6.73
N ASP A 424 -32.61 -16.15 7.76
CA ASP A 424 -33.93 -15.58 8.00
C ASP A 424 -33.77 -14.07 7.99
N ILE A 425 -34.52 -13.40 7.11
CA ILE A 425 -34.26 -12.00 6.73
C ILE A 425 -35.37 -11.06 7.17
N GLU A 426 -34.99 -10.12 8.03
CA GLU A 426 -35.91 -9.12 8.57
C GLU A 426 -35.40 -7.74 8.15
N LEU A 427 -36.33 -6.87 7.76
CA LEU A 427 -36.03 -5.47 7.38
C LEU A 427 -35.78 -4.58 8.62
N VAL A 428 -34.87 -3.62 8.52
CA VAL A 428 -34.75 -2.53 9.52
C VAL A 428 -35.25 -1.23 8.87
N GLY A 429 -36.03 -0.48 9.65
CA GLY A 429 -36.78 0.66 9.12
C GLY A 429 -37.97 0.19 8.32
N GLU A 430 -38.50 1.08 7.51
CA GLU A 430 -39.58 0.76 6.58
C GLU A 430 -38.99 0.77 5.17
N LEU A 431 -39.73 0.15 4.25
CA LEU A 431 -39.47 0.20 2.79
C LEU A 431 -38.81 1.51 2.27
N PRO A 432 -37.52 1.47 1.90
CA PRO A 432 -36.79 2.64 1.40
C PRO A 432 -37.41 3.41 0.22
N LYS A 433 -37.10 4.71 0.20
CA LYS A 433 -37.65 5.62 -0.77
C LYS A 433 -36.79 5.55 -2.03
N PRO A 434 -37.42 5.50 -3.21
CA PRO A 434 -36.71 5.70 -4.49
C PRO A 434 -35.75 6.87 -4.50
N ASP A 435 -34.56 6.68 -5.08
CA ASP A 435 -33.46 7.67 -5.02
C ASP A 435 -33.15 8.25 -6.41
N TYR A 436 -33.85 9.33 -6.76
CA TYR A 436 -33.75 9.94 -8.10
C TYR A 436 -32.51 10.84 -8.21
N THR A 437 -31.93 11.22 -7.07
CA THR A 437 -30.69 12.00 -7.03
C THR A 437 -29.49 11.12 -7.43
N ALA A 438 -29.43 10.83 -8.74
CA ALA A 438 -28.48 9.91 -9.37
C ALA A 438 -28.93 9.60 -10.79
N MET A 439 -28.02 9.04 -11.59
CA MET A 439 -28.36 8.52 -12.92
C MET A 439 -29.01 7.14 -12.81
N VAL A 440 -28.45 6.32 -11.93
CA VAL A 440 -29.04 5.04 -11.50
C VAL A 440 -30.19 5.37 -10.55
N VAL A 441 -31.20 4.51 -10.49
CA VAL A 441 -32.43 4.82 -9.76
C VAL A 441 -32.88 3.71 -8.77
N GLY A 442 -31.97 3.28 -7.89
CA GLY A 442 -32.27 2.25 -6.87
C GLY A 442 -32.88 2.81 -5.58
N PRO A 443 -33.00 1.99 -4.51
CA PRO A 443 -33.47 2.47 -3.21
C PRO A 443 -32.45 3.28 -2.42
N ALA A 444 -32.95 4.20 -1.60
CA ALA A 444 -32.14 5.16 -0.84
C ALA A 444 -31.25 4.48 0.17
N HIS A 445 -30.12 5.11 0.47
CA HIS A 445 -28.94 4.32 0.79
C HIS A 445 -28.71 3.85 2.22
N PRO A 446 -29.60 4.20 3.16
CA PRO A 446 -29.74 3.27 4.27
C PRO A 446 -30.94 2.32 4.00
N CYS A 447 -30.71 1.39 3.07
CA CYS A 447 -31.70 0.38 2.65
C CYS A 447 -31.19 -1.01 3.00
N LEU A 448 -31.33 -1.35 4.29
CA LEU A 448 -30.64 -2.50 4.89
C LEU A 448 -31.57 -3.53 5.54
N LEU A 449 -31.04 -4.75 5.66
CA LEU A 449 -31.70 -5.87 6.32
C LEU A 449 -30.83 -6.31 7.49
N ARG A 450 -31.24 -7.38 8.17
CA ARG A 450 -30.35 -8.09 9.10
C ARG A 450 -30.65 -9.58 9.05
N TYR A 451 -29.58 -10.38 9.06
CA TYR A 451 -29.65 -11.83 8.81
C TYR A 451 -29.28 -12.63 10.04
N THR A 452 -29.95 -13.77 10.20
CA THR A 452 -29.64 -14.74 11.26
C THR A 452 -29.69 -16.14 10.65
N ARG A 453 -28.56 -16.87 10.73
CA ARG A 453 -28.33 -18.16 10.04
C ARG A 453 -29.45 -19.23 10.27
N LYS A 454 -29.65 -20.13 9.31
CA LYS A 454 -30.72 -21.16 9.37
C LYS A 454 -30.16 -22.58 9.46
N LYS B 42 11.11 3.07 38.44
CA LYS B 42 9.63 2.90 38.26
C LYS B 42 9.28 1.56 37.57
N TYR B 43 7.98 1.36 37.34
CA TYR B 43 7.48 0.14 36.67
C TYR B 43 6.43 0.45 35.56
N GLY B 44 6.40 1.69 35.05
CA GLY B 44 5.35 2.12 34.11
C GLY B 44 3.98 2.03 34.76
N ASP B 45 3.96 2.50 36.00
CA ASP B 45 2.97 2.09 36.99
C ASP B 45 2.83 3.14 38.07
N ILE B 46 3.95 3.53 38.66
CA ILE B 46 4.01 4.70 39.54
C ILE B 46 5.35 5.41 39.28
N PHE B 47 5.35 6.75 39.24
CA PHE B 47 6.59 7.55 39.19
C PHE B 47 6.42 8.94 39.74
N THR B 48 7.54 9.52 40.15
CA THR B 48 7.55 10.77 40.91
C THR B 48 8.52 11.74 40.26
N MET B 49 8.20 13.02 40.31
CA MET B 49 9.13 14.11 39.98
C MET B 49 9.20 15.01 41.18
N LYS B 50 10.23 15.87 41.18
CA LYS B 50 10.23 17.13 41.95
C LYS B 50 10.37 18.22 40.87
N VAL B 51 9.69 19.33 41.09
CA VAL B 51 9.66 20.48 40.19
C VAL B 51 9.50 21.70 41.08
N PHE B 52 10.39 22.69 40.96
CA PHE B 52 10.34 23.87 41.83
C PHE B 52 10.62 23.49 43.28
N GLY B 53 9.78 22.63 43.84
CA GLY B 53 10.04 22.01 45.15
C GLY B 53 8.93 21.07 45.60
N GLN B 54 7.69 21.46 45.34
CA GLN B 54 6.54 20.56 45.52
C GLN B 54 6.78 19.35 44.58
N ARG B 55 6.69 18.14 45.13
CA ARG B 55 7.00 16.91 44.37
C ARG B 55 5.76 16.05 44.18
N LEU B 56 5.67 15.44 43.01
CA LEU B 56 4.41 15.01 42.47
C LEU B 56 4.50 13.56 42.13
N THR B 57 3.57 12.77 42.63
CA THR B 57 3.61 11.32 42.45
C THR B 57 2.52 10.92 41.46
N PHE B 58 2.90 10.39 40.31
CA PHE B 58 1.91 9.93 39.33
C PHE B 58 1.51 8.46 39.58
N LEU B 59 0.25 8.13 39.31
CA LEU B 59 -0.30 6.78 39.48
C LEU B 59 -0.90 6.40 38.12
N VAL B 60 -0.42 5.32 37.52
CA VAL B 60 -0.89 4.94 36.20
C VAL B 60 -1.40 3.50 36.24
N GLY B 61 -2.71 3.32 36.05
CA GLY B 61 -3.35 2.00 36.09
C GLY B 61 -4.09 1.65 37.39
N PRO B 62 -5.04 0.70 37.32
CA PRO B 62 -6.02 0.47 38.36
C PRO B 62 -5.47 0.01 39.68
N ASP B 63 -4.29 -0.61 39.69
CA ASP B 63 -3.60 -0.86 40.96
C ASP B 63 -3.20 0.47 41.60
N ALA B 64 -2.49 1.29 40.82
CA ALA B 64 -2.00 2.59 41.28
C ALA B 64 -3.12 3.57 41.68
N HIS B 65 -4.26 3.43 41.04
CA HIS B 65 -5.42 4.25 41.33
C HIS B 65 -5.96 4.03 42.77
N VAL B 66 -5.88 2.79 43.22
CA VAL B 66 -6.51 2.34 44.46
C VAL B 66 -6.18 3.17 45.69
N PRO B 67 -4.98 3.78 45.76
CA PRO B 67 -4.79 4.85 46.76
C PRO B 67 -5.60 6.15 46.53
N PHE B 68 -5.60 6.61 45.28
CA PHE B 68 -6.17 7.90 44.91
C PHE B 68 -7.69 7.89 44.98
N PHE B 69 -8.32 6.96 44.26
CA PHE B 69 -9.78 6.89 44.26
C PHE B 69 -10.43 6.23 45.47
N SER B 70 -9.68 5.62 46.40
CA SER B 70 -10.30 5.04 47.59
C SER B 70 -10.41 6.00 48.72
N GLN B 71 -9.30 6.61 49.10
CA GLN B 71 -9.25 7.40 50.34
C GLN B 71 -10.29 8.56 50.35
N GLY B 72 -10.43 9.15 51.54
CA GLY B 72 -11.41 10.21 51.79
C GLY B 72 -10.79 11.57 52.09
N ASP B 73 -11.63 12.49 52.55
CA ASP B 73 -11.23 13.87 52.79
C ASP B 73 -10.13 13.94 53.85
N ALA B 74 -10.28 13.23 54.97
CA ALA B 74 -9.24 13.23 56.03
C ALA B 74 -7.83 12.73 55.61
N GLU B 75 -7.77 12.00 54.50
CA GLU B 75 -6.55 11.37 53.98
C GLU B 75 -5.95 12.08 52.70
N LEU B 76 -6.81 12.51 51.76
CA LEU B 76 -6.40 13.23 50.53
C LEU B 76 -7.13 14.55 50.43
N SER B 77 -6.39 15.66 50.23
CA SER B 77 -6.99 16.99 50.10
C SER B 77 -7.16 17.42 48.63
N GLN B 78 -8.40 17.80 48.29
CA GLN B 78 -8.74 18.38 47.01
C GLN B 78 -8.32 19.87 46.93
N ASP B 79 -8.10 20.53 48.10
CA ASP B 79 -8.14 22.02 48.25
C ASP B 79 -7.02 22.69 47.50
N GLU B 80 -5.77 22.29 47.79
CA GLU B 80 -4.53 22.96 47.33
C GLU B 80 -4.30 22.84 45.81
N PRO B 81 -4.39 21.63 45.23
CA PRO B 81 -4.40 21.48 43.77
C PRO B 81 -5.43 22.27 42.98
N TYR B 82 -6.61 22.47 43.56
CA TYR B 82 -7.65 23.23 42.86
C TYR B 82 -7.86 24.64 43.43
N GLN B 83 -6.81 25.24 44.01
CA GLN B 83 -6.93 26.58 44.59
C GLN B 83 -6.95 27.63 43.52
N PHE B 84 -6.65 27.23 42.28
CA PHE B 84 -6.89 28.06 41.10
C PHE B 84 -8.36 28.33 40.80
N SER B 85 -9.24 27.43 41.24
CA SER B 85 -10.70 27.49 41.01
C SER B 85 -11.45 28.44 41.95
N VAL B 86 -10.77 28.98 42.96
CA VAL B 86 -11.39 29.85 43.94
C VAL B 86 -11.86 31.17 43.33
N PRO B 87 -10.93 32.01 42.85
CA PRO B 87 -11.37 33.24 42.19
C PRO B 87 -12.03 33.13 40.80
N ILE B 88 -12.38 31.94 40.31
CA ILE B 88 -13.22 31.80 39.11
C ILE B 88 -14.71 31.65 39.50
N PHE B 89 -14.97 30.90 40.57
CA PHE B 89 -16.34 30.66 41.06
C PHE B 89 -16.67 31.67 42.15
N GLY B 90 -15.80 31.74 43.14
CA GLY B 90 -15.85 32.80 44.12
C GLY B 90 -15.58 32.36 45.55
N PRO B 91 -15.32 33.33 46.43
CA PRO B 91 -15.19 33.16 47.87
C PRO B 91 -16.16 32.17 48.49
N ASN B 92 -15.65 31.33 49.36
CA ASN B 92 -16.48 30.42 50.11
C ASN B 92 -17.41 29.58 49.22
N VAL B 93 -16.92 29.23 48.03
CA VAL B 93 -17.66 28.39 47.14
C VAL B 93 -16.73 27.30 46.56
N VAL B 94 -17.21 26.07 46.67
CA VAL B 94 -16.50 24.85 46.32
C VAL B 94 -15.10 24.81 46.95
N TYR B 95 -14.05 25.03 46.17
CA TYR B 95 -12.74 24.69 46.64
C TYR B 95 -12.23 25.77 47.57
N GLY B 96 -12.78 26.98 47.43
CA GLY B 96 -12.57 28.05 48.40
C GLY B 96 -13.30 27.89 49.72
N ALA B 97 -14.45 27.22 49.71
CA ALA B 97 -15.27 26.98 50.91
C ALA B 97 -14.59 25.98 51.87
N ASP B 98 -14.84 26.09 53.18
CA ASP B 98 -14.31 25.11 54.15
C ASP B 98 -14.92 23.71 53.94
N LEU B 99 -14.42 22.71 54.64
CA LEU B 99 -14.88 21.32 54.42
C LEU B 99 -16.39 21.23 54.60
N ALA B 100 -16.85 21.60 55.79
CA ALA B 100 -18.25 21.45 56.23
C ALA B 100 -19.21 22.21 55.34
N HIS B 101 -18.83 23.40 54.93
CA HIS B 101 -19.65 24.21 54.06
C HIS B 101 -19.64 23.70 52.61
N ARG B 102 -18.55 23.06 52.21
CA ARG B 102 -18.37 22.56 50.84
C ARG B 102 -19.13 21.26 50.57
N ASN B 103 -18.94 20.30 51.48
CA ASN B 103 -19.61 19.01 51.38
C ASN B 103 -21.14 19.18 51.18
N GLN B 104 -21.73 20.10 51.94
CA GLN B 104 -23.12 20.46 51.75
C GLN B 104 -23.35 21.06 50.33
N GLN B 105 -22.51 22.01 49.90
CA GLN B 105 -22.57 22.57 48.54
C GLN B 105 -22.42 21.53 47.43
N LEU B 106 -21.64 20.49 47.69
CA LEU B 106 -21.54 19.37 46.75
C LEU B 106 -22.85 18.61 46.77
N LYS B 107 -23.43 18.50 47.96
CA LYS B 107 -24.77 17.93 48.12
C LYS B 107 -25.89 18.71 47.41
N PHE B 108 -25.71 20.00 47.18
CA PHE B 108 -26.77 20.74 46.49
C PHE B 108 -26.65 20.47 45.00
N ILE B 109 -25.42 20.46 44.49
CA ILE B 109 -25.14 20.25 43.06
C ILE B 109 -25.60 18.86 42.63
N ALA B 110 -25.47 17.92 43.55
CA ALA B 110 -25.97 16.56 43.38
C ALA B 110 -27.45 16.59 43.04
N ALA B 111 -28.20 17.29 43.90
CA ALA B 111 -29.63 17.42 43.75
C ALA B 111 -29.97 18.25 42.52
N SER B 112 -29.21 19.31 42.26
CA SER B 112 -29.42 20.11 41.03
C SER B 112 -29.26 19.28 39.74
N LEU B 113 -28.42 18.23 39.83
CA LEU B 113 -28.14 17.30 38.74
C LEU B 113 -28.65 15.87 39.00
N SER B 114 -29.54 15.69 39.97
CA SER B 114 -30.12 14.36 40.26
C SER B 114 -30.99 13.92 39.08
N THR B 115 -31.24 12.61 39.00
CA THR B 115 -32.04 12.03 37.91
C THR B 115 -33.49 12.56 37.87
N LYS B 116 -34.01 13.03 39.01
CA LYS B 116 -35.32 13.70 39.04
C LYS B 116 -35.26 15.01 38.27
N ALA B 117 -34.38 15.91 38.69
CA ALA B 117 -34.18 17.18 38.00
C ALA B 117 -33.69 17.00 36.54
N LEU B 118 -32.92 15.93 36.30
CA LEU B 118 -32.40 15.65 34.97
C LEU B 118 -33.52 15.25 34.01
N GLN B 119 -34.40 14.35 34.44
CA GLN B 119 -35.62 14.01 33.67
C GLN B 119 -36.33 15.24 33.13
N SER B 120 -36.46 16.25 34.00
CA SER B 120 -37.13 17.51 33.66
C SER B 120 -36.25 18.45 32.82
N TYR B 121 -34.93 18.33 32.89
CA TYR B 121 -34.08 19.09 31.96
C TYR B 121 -34.06 18.54 30.52
N VAL B 122 -34.39 17.26 30.35
CA VAL B 122 -34.27 16.63 29.04
C VAL B 122 -35.13 17.33 27.99
N PRO B 123 -36.42 17.62 28.32
CA PRO B 123 -37.25 18.42 27.42
C PRO B 123 -36.53 19.65 26.86
N LEU B 124 -35.85 20.40 27.75
CA LEU B 124 -35.19 21.68 27.43
C LEU B 124 -33.98 21.44 26.54
N ILE B 125 -33.12 20.49 26.97
CA ILE B 125 -31.91 20.07 26.23
C ILE B 125 -32.23 19.71 24.78
N VAL B 126 -33.27 18.87 24.61
CA VAL B 126 -33.70 18.35 23.30
C VAL B 126 -34.09 19.44 22.33
N LYS B 127 -34.96 20.33 22.83
CA LYS B 127 -35.48 21.46 22.06
C LYS B 127 -34.34 22.37 21.66
N GLU B 128 -33.64 22.86 22.67
CA GLU B 128 -32.49 23.73 22.47
C GLU B 128 -31.61 23.31 21.30
N ALA B 129 -31.34 22.00 21.21
CA ALA B 129 -30.52 21.44 20.14
C ALA B 129 -31.26 21.43 18.83
N GLU B 130 -32.53 21.05 18.85
CA GLU B 130 -33.33 20.97 17.61
C GLU B 130 -33.52 22.32 16.90
N ASP B 131 -33.73 23.37 17.70
CA ASP B 131 -33.79 24.72 17.18
C ASP B 131 -32.39 25.17 16.68
N PHE B 132 -31.32 24.76 17.35
CA PHE B 132 -29.92 25.04 16.92
C PHE B 132 -29.56 24.43 15.54
N PHE B 133 -30.03 23.22 15.26
CA PHE B 133 -29.67 22.50 14.01
C PHE B 133 -30.69 22.72 12.89
N ALA B 134 -31.86 23.24 13.21
CA ALA B 134 -32.72 23.87 12.22
C ALA B 134 -31.98 25.02 11.52
N LYS B 135 -31.23 25.83 12.30
CA LYS B 135 -30.38 26.94 11.77
C LYS B 135 -29.31 26.57 10.72
N TRP B 136 -28.82 25.33 10.74
CA TRP B 136 -27.90 24.86 9.70
C TRP B 136 -28.64 24.80 8.39
N ASP B 137 -27.95 25.08 7.31
CA ASP B 137 -28.57 25.17 5.98
C ASP B 137 -28.86 23.74 5.47
N LYS B 138 -29.45 23.60 4.28
CA LYS B 138 -29.72 22.24 3.68
C LYS B 138 -28.44 21.42 3.44
N SER B 139 -27.33 22.13 3.26
CA SER B 139 -25.97 21.57 3.25
C SER B 139 -24.97 22.66 3.67
N GLY B 140 -23.74 22.25 3.96
CA GLY B 140 -22.65 23.18 4.33
C GLY B 140 -21.57 22.52 5.18
N THR B 141 -20.64 23.33 5.71
CA THR B 141 -19.51 22.83 6.52
C THR B 141 -19.39 23.61 7.83
N VAL B 142 -19.00 22.91 8.91
CA VAL B 142 -18.79 23.48 10.26
C VAL B 142 -17.54 22.96 10.92
N ASP B 143 -17.04 23.72 11.89
CA ASP B 143 -16.06 23.22 12.84
C ASP B 143 -16.90 22.72 14.02
N ILE B 144 -17.01 21.41 14.17
CA ILE B 144 -17.86 20.77 15.20
C ILE B 144 -17.50 21.12 16.68
N ARG B 145 -16.31 21.63 16.95
CA ARG B 145 -15.91 22.02 18.31
C ARG B 145 -16.42 23.38 18.68
N ASP B 146 -16.45 24.30 17.71
CA ASP B 146 -17.06 25.60 17.94
C ASP B 146 -18.54 25.39 18.20
N ALA B 147 -19.21 24.81 17.21
CA ALA B 147 -20.67 24.68 17.22
C ALA B 147 -21.16 24.15 18.55
N LEU B 148 -20.62 23.01 18.95
CA LEU B 148 -21.15 22.33 20.12
C LEU B 148 -20.83 23.08 21.41
N ALA B 149 -19.75 23.86 21.41
CA ALA B 149 -19.50 24.74 22.54
C ALA B 149 -20.55 25.85 22.61
N GLU B 150 -20.95 26.43 21.46
CA GLU B 150 -22.11 27.37 21.38
C GLU B 150 -23.35 26.65 21.92
N LEU B 151 -23.65 25.48 21.35
CA LEU B 151 -24.86 24.76 21.72
C LEU B 151 -24.85 24.30 23.19
N ILE B 152 -23.70 23.99 23.75
CA ILE B 152 -23.66 23.54 25.14
C ILE B 152 -23.83 24.71 26.10
N ILE B 153 -23.23 25.86 25.78
CA ILE B 153 -23.37 27.04 26.65
C ILE B 153 -24.82 27.51 26.68
N LEU B 154 -25.49 27.47 25.54
CA LEU B 154 -26.92 27.80 25.50
C LEU B 154 -27.65 26.83 26.43
N THR B 155 -27.60 25.53 26.14
CA THR B 155 -28.34 24.53 26.92
C THR B 155 -27.92 24.51 28.37
N ALA B 156 -26.67 24.90 28.65
CA ALA B 156 -26.18 25.05 30.02
C ALA B 156 -26.84 26.24 30.67
N SER B 157 -27.02 27.33 29.91
CA SER B 157 -27.79 28.48 30.40
C SER B 157 -29.23 28.11 30.81
N ARG B 158 -30.06 27.60 29.90
CA ARG B 158 -31.46 27.35 30.27
C ARG B 158 -31.62 26.38 31.43
N CYS B 159 -30.68 25.45 31.58
CA CYS B 159 -30.77 24.45 32.65
C CYS B 159 -30.19 24.95 33.96
N LEU B 160 -29.05 25.64 33.89
CA LEU B 160 -28.39 26.09 35.11
C LEU B 160 -29.07 27.34 35.70
N MET B 161 -29.34 28.36 34.86
CA MET B 161 -29.59 29.73 35.35
C MET B 161 -31.00 30.28 35.00
N GLY B 162 -31.84 29.45 34.36
CA GLY B 162 -33.26 29.73 34.13
C GLY B 162 -33.67 30.36 32.80
N LYS B 163 -34.99 30.38 32.55
CA LYS B 163 -35.61 31.06 31.38
C LYS B 163 -35.15 32.50 31.21
N GLU B 164 -34.95 33.21 32.33
CA GLU B 164 -34.73 34.66 32.31
C GLU B 164 -33.35 34.96 31.74
N ILE B 165 -32.31 34.50 32.44
CA ILE B 165 -30.91 34.68 32.00
C ILE B 165 -30.72 34.31 30.52
N ARG B 166 -31.36 33.23 30.08
CA ARG B 166 -31.25 32.70 28.70
C ARG B 166 -31.92 33.58 27.63
N GLU B 167 -33.24 33.73 27.72
CA GLU B 167 -34.03 34.41 26.68
C GLU B 167 -33.75 35.92 26.60
N ASN B 168 -33.15 36.48 27.65
CA ASN B 168 -32.79 37.90 27.73
C ASN B 168 -31.28 38.21 27.68
N LEU B 169 -30.51 37.54 28.53
CA LEU B 169 -29.14 37.93 28.80
C LEU B 169 -28.11 36.85 28.41
N PHE B 170 -28.41 35.99 27.44
CA PHE B 170 -27.45 34.96 27.09
C PHE B 170 -26.10 35.59 26.81
N THR B 171 -26.06 36.47 25.81
CA THR B 171 -24.80 37.06 25.33
C THR B 171 -24.11 37.94 26.42
N GLU B 172 -24.83 38.34 27.45
CA GLU B 172 -24.21 38.98 28.60
C GLU B 172 -23.45 37.93 29.43
N VAL B 173 -24.17 36.89 29.87
CA VAL B 173 -23.59 35.82 30.70
C VAL B 173 -22.61 34.88 29.92
N ALA B 174 -22.74 34.86 28.60
CA ALA B 174 -21.73 34.27 27.70
C ALA B 174 -20.34 34.93 27.79
N LYS B 175 -20.31 36.24 27.64
CA LYS B 175 -19.05 36.97 27.56
C LYS B 175 -18.45 37.21 28.96
N LEU B 176 -19.28 37.26 29.99
CA LEU B 176 -18.74 37.30 31.36
C LEU B 176 -18.02 35.99 31.71
N TYR B 177 -18.53 34.87 31.19
CA TYR B 177 -17.81 33.60 31.27
C TYR B 177 -16.55 33.68 30.43
N GLN B 178 -16.74 33.89 29.13
CA GLN B 178 -15.63 34.03 28.19
C GLN B 178 -14.41 34.78 28.81
N THR B 179 -14.66 35.75 29.69
CA THR B 179 -13.61 36.42 30.47
C THR B 179 -13.09 35.59 31.66
N LEU B 180 -14.01 35.08 32.48
CA LEU B 180 -13.70 34.22 33.63
C LEU B 180 -12.73 33.09 33.25
N ASP B 181 -13.01 32.50 32.07
CA ASP B 181 -12.23 31.41 31.41
C ASP B 181 -10.81 31.87 31.05
N GLU B 182 -10.74 33.00 30.34
CA GLU B 182 -9.48 33.64 29.99
C GLU B 182 -8.67 34.06 31.22
N GLY B 183 -9.31 34.18 32.38
CA GLY B 183 -8.62 34.37 33.68
C GLY B 183 -7.86 33.18 34.24
N LEU B 184 -7.81 32.09 33.47
CA LEU B 184 -7.15 30.86 33.83
C LEU B 184 -5.99 30.63 32.91
N LEU B 185 -4.86 31.17 33.30
CA LEU B 185 -3.63 30.89 32.60
C LEU B 185 -2.76 29.96 33.43
N PRO B 186 -1.86 29.20 32.78
CA PRO B 186 -0.87 28.36 33.44
C PRO B 186 -0.39 28.90 34.77
N ILE B 187 -0.19 30.19 34.83
CA ILE B 187 0.42 30.75 36.00
C ILE B 187 -0.64 30.64 37.09
N SER B 188 -1.90 30.99 36.73
CA SER B 188 -3.10 30.98 37.62
C SER B 188 -3.23 29.84 38.60
N VAL B 189 -2.65 28.68 38.25
CA VAL B 189 -2.72 27.52 39.10
C VAL B 189 -1.73 27.66 40.26
N PHE B 190 -0.55 28.21 39.97
CA PHE B 190 0.51 28.35 40.98
C PHE B 190 0.37 29.65 41.75
N PHE B 191 -0.07 30.70 41.05
CA PHE B 191 -0.41 32.00 41.65
C PHE B 191 -1.75 32.46 41.09
N PRO B 192 -2.86 32.23 41.82
CA PRO B 192 -4.17 32.68 41.36
C PRO B 192 -4.46 34.16 41.71
N TYR B 193 -3.52 34.83 42.38
CA TYR B 193 -3.60 36.25 42.71
C TYR B 193 -2.26 36.99 42.38
N LEU B 194 -1.81 36.87 41.14
CA LEU B 194 -0.85 37.79 40.53
C LEU B 194 -1.75 38.90 39.93
N PRO B 195 -1.48 40.20 40.25
CA PRO B 195 -2.24 41.34 39.68
C PRO B 195 -2.12 41.58 38.15
N ILE B 196 -2.41 40.57 37.33
CA ILE B 196 -2.11 40.61 35.90
C ILE B 196 -3.37 41.10 35.13
N PRO B 197 -3.25 41.44 33.82
CA PRO B 197 -4.44 41.83 33.02
C PRO B 197 -5.70 40.93 33.24
N ALA B 198 -5.56 39.64 32.92
CA ALA B 198 -6.66 38.67 32.96
C ALA B 198 -7.26 38.47 34.35
N HIS B 199 -6.39 38.35 35.35
CA HIS B 199 -6.82 38.15 36.74
C HIS B 199 -7.77 39.21 37.27
N LYS B 200 -7.52 40.45 36.90
CA LYS B 200 -8.44 41.50 37.26
C LYS B 200 -9.68 41.33 36.39
N ARG B 201 -9.50 41.25 35.06
CA ARG B 201 -10.66 41.16 34.13
C ARG B 201 -11.64 40.04 34.50
N ARG B 202 -11.06 38.89 34.82
CA ARG B 202 -11.74 37.80 35.51
C ARG B 202 -12.45 38.33 36.77
N ASP B 203 -11.71 38.82 37.77
CA ASP B 203 -12.33 39.26 39.03
C ASP B 203 -13.40 40.35 38.86
N GLU B 204 -13.30 41.15 37.79
CA GLU B 204 -14.41 42.02 37.41
C GLU B 204 -15.50 41.03 37.00
N ALA B 205 -15.23 40.23 35.96
CA ALA B 205 -16.27 39.43 35.28
C ALA B 205 -17.07 38.53 36.22
N ARG B 206 -16.46 38.14 37.35
CA ARG B 206 -17.18 37.44 38.43
C ARG B 206 -18.14 38.38 39.10
N LEU B 207 -17.61 39.35 39.83
CA LEU B 207 -18.44 40.24 40.65
C LEU B 207 -19.50 40.91 39.75
N ALA B 208 -19.11 41.24 38.52
CA ALA B 208 -20.04 41.66 37.44
C ALA B 208 -21.23 40.74 37.24
N MET B 209 -20.95 39.44 37.21
CA MET B 209 -21.99 38.44 37.06
C MET B 209 -22.84 38.30 38.33
N VAL B 210 -22.20 38.36 39.49
CA VAL B 210 -22.94 38.26 40.77
C VAL B 210 -24.09 39.26 40.86
N ARG B 211 -23.89 40.45 40.31
CA ARG B 211 -24.94 41.49 40.34
C ARG B 211 -26.01 41.13 39.31
N MET B 212 -25.59 40.64 38.14
CA MET B 212 -26.53 40.13 37.13
C MET B 212 -27.49 39.08 37.72
N PHE B 213 -26.97 38.28 38.65
CA PHE B 213 -27.75 37.23 39.29
C PHE B 213 -28.55 37.75 40.48
N LYS B 214 -27.97 38.67 41.26
CA LYS B 214 -28.68 39.34 42.37
C LYS B 214 -30.01 39.94 41.89
N LYS B 215 -30.01 40.48 40.66
CA LYS B 215 -31.24 40.96 39.97
C LYS B 215 -32.31 39.87 39.79
N ILE B 216 -31.96 38.80 39.07
CA ILE B 216 -32.92 37.71 38.79
C ILE B 216 -33.27 36.90 40.04
N ILE B 217 -32.38 36.87 41.01
CA ILE B 217 -32.65 36.21 42.30
C ILE B 217 -33.71 36.93 43.16
N ASP B 218 -33.68 38.26 43.20
CA ASP B 218 -34.65 39.00 44.04
C ASP B 218 -36.00 39.02 43.37
N GLU B 219 -36.05 39.56 42.15
CA GLU B 219 -37.14 39.31 41.20
C GLU B 219 -37.87 37.97 41.41
N ARG B 220 -37.14 36.91 41.79
CA ARG B 220 -37.77 35.66 42.18
C ARG B 220 -38.21 35.67 43.63
N ARG B 221 -37.32 36.02 44.56
CA ARG B 221 -37.67 36.06 45.99
C ARG B 221 -38.89 36.92 46.27
N ALA B 222 -39.19 37.84 45.36
CA ALA B 222 -40.44 38.60 45.30
C ALA B 222 -41.69 37.75 45.18
N ASN B 223 -41.66 36.79 44.26
CA ASN B 223 -42.81 35.91 44.02
C ASN B 223 -42.38 34.45 44.20
N PRO B 224 -42.06 34.05 45.45
CA PRO B 224 -41.64 32.67 45.67
C PRO B 224 -42.76 31.69 45.38
N GLU B 225 -43.99 32.14 45.58
CA GLU B 225 -45.17 31.52 44.99
C GLU B 225 -44.82 30.72 43.71
N VAL B 226 -44.32 31.40 42.68
CA VAL B 226 -43.98 30.74 41.39
C VAL B 226 -42.67 29.96 41.49
N LYS B 227 -42.75 28.64 41.27
CA LYS B 227 -41.59 27.77 41.22
C LYS B 227 -40.99 27.82 39.83
N HIS B 228 -39.68 27.60 39.75
CA HIS B 228 -38.96 27.64 38.48
C HIS B 228 -38.26 26.32 38.30
N ASN B 229 -38.05 25.94 37.04
CA ASN B 229 -37.34 24.71 36.71
C ASN B 229 -35.85 24.96 36.29
N ASP B 230 -34.93 24.89 37.27
CA ASP B 230 -33.46 25.03 37.05
C ASP B 230 -32.61 24.94 38.34
N CYS B 231 -31.29 24.84 38.18
CA CYS B 231 -30.37 24.71 39.33
C CYS B 231 -30.45 25.90 40.26
N LEU B 232 -30.41 27.10 39.66
CA LEU B 232 -30.56 28.38 40.36
C LEU B 232 -31.58 28.21 41.45
N GLN B 233 -32.79 27.79 41.03
CA GLN B 233 -33.91 27.52 41.93
C GLN B 233 -33.53 26.58 43.08
N VAL B 234 -32.82 25.51 42.77
CA VAL B 234 -32.39 24.57 43.80
C VAL B 234 -31.36 25.18 44.74
N PHE B 235 -30.55 26.11 44.23
CA PHE B 235 -29.56 26.82 45.05
C PHE B 235 -30.18 27.87 45.96
N MET B 236 -31.17 28.59 45.42
CA MET B 236 -32.01 29.49 46.24
C MET B 236 -32.67 28.72 47.39
N ASP B 237 -33.41 27.65 47.05
CA ASP B 237 -34.09 26.79 48.05
C ASP B 237 -33.19 26.10 49.07
N ALA B 238 -31.89 25.98 48.81
CA ALA B 238 -31.00 25.23 49.68
C ALA B 238 -30.64 26.00 50.93
N ARG B 239 -30.43 25.27 52.04
CA ARG B 239 -29.98 25.85 53.32
C ARG B 239 -29.04 24.87 54.04
N TYR B 240 -28.12 25.38 54.86
CA TYR B 240 -27.07 24.57 55.53
C TYR B 240 -27.66 23.98 56.81
N ARG B 241 -26.90 23.13 57.50
CA ARG B 241 -27.22 22.80 58.89
C ARG B 241 -26.95 24.03 59.77
N GLY B 242 -27.85 24.32 60.72
CA GLY B 242 -27.55 25.19 61.87
C GLY B 242 -27.62 26.73 61.78
N GLU B 243 -27.65 27.31 60.58
CA GLU B 243 -27.65 28.78 60.42
C GLU B 243 -29.07 29.38 60.28
N GLU B 244 -29.28 30.55 60.90
CA GLU B 244 -30.52 31.34 60.77
C GLU B 244 -30.84 31.65 59.28
N GLN B 245 -29.88 32.26 58.59
CA GLN B 245 -29.99 32.61 57.16
C GLN B 245 -30.03 31.39 56.16
N ALA B 246 -29.60 31.61 54.91
CA ALA B 246 -29.65 30.61 53.82
C ALA B 246 -28.30 30.59 53.07
N LEU B 247 -28.30 30.31 51.76
CA LEU B 247 -27.13 30.55 50.87
C LEU B 247 -27.22 31.96 50.36
N ASN B 248 -26.10 32.67 50.33
CA ASN B 248 -26.11 34.09 49.90
C ASN B 248 -26.03 34.27 48.37
N ASP B 249 -26.17 35.52 47.91
CA ASP B 249 -26.27 35.83 46.48
C ASP B 249 -24.98 35.45 45.74
N GLU B 250 -23.83 35.78 46.32
CA GLU B 250 -22.52 35.51 45.71
C GLU B 250 -22.27 34.00 45.58
N GLU B 251 -22.58 33.27 46.65
CA GLU B 251 -22.47 31.84 46.67
C GLU B 251 -23.39 31.15 45.65
N ILE B 252 -24.69 31.44 45.66
CA ILE B 252 -25.60 30.95 44.61
C ILE B 252 -25.04 31.27 43.23
N THR B 253 -24.42 32.42 43.07
CA THR B 253 -23.72 32.76 41.82
C THR B 253 -22.51 31.85 41.59
N GLY B 254 -21.69 31.70 42.61
CA GLY B 254 -20.46 30.92 42.48
C GLY B 254 -20.69 29.49 42.05
N LEU B 255 -21.68 28.83 42.65
CA LEU B 255 -22.02 27.46 42.27
C LEU B 255 -22.59 27.40 40.88
N MET B 256 -23.37 28.40 40.50
CA MET B 256 -23.79 28.55 39.12
C MET B 256 -22.61 28.45 38.15
N ILE B 257 -21.48 29.06 38.49
CA ILE B 257 -20.31 29.16 37.59
C ILE B 257 -19.52 27.86 37.53
N ALA B 258 -19.28 27.24 38.70
CA ALA B 258 -18.71 25.88 38.78
C ALA B 258 -19.28 24.93 37.69
N LEU B 259 -20.58 24.70 37.77
CA LEU B 259 -21.29 23.81 36.85
C LEU B 259 -21.32 24.31 35.40
N LEU B 260 -21.03 25.60 35.22
CA LEU B 260 -21.05 26.25 33.94
C LEU B 260 -19.70 26.10 33.23
N PHE B 261 -18.66 26.44 33.98
CA PHE B 261 -17.25 26.22 33.65
C PHE B 261 -17.01 24.73 33.35
N ALA B 262 -17.42 23.87 34.28
CA ALA B 262 -17.35 22.44 34.07
C ALA B 262 -18.08 21.98 32.80
N GLY B 263 -19.36 22.35 32.64
CA GLY B 263 -20.12 22.15 31.38
C GLY B 263 -19.29 22.37 30.11
N GLN B 264 -18.54 23.47 30.09
CA GLN B 264 -17.69 23.85 28.95
C GLN B 264 -16.35 23.11 28.81
N HIS B 265 -15.59 22.96 29.89
CA HIS B 265 -14.25 22.35 29.80
C HIS B 265 -14.28 20.88 29.38
N THR B 266 -15.37 20.17 29.72
CA THR B 266 -15.49 18.72 29.53
C THR B 266 -16.58 18.29 28.53
N SER B 267 -17.84 18.64 28.78
CA SER B 267 -18.93 18.19 27.90
C SER B 267 -18.74 18.64 26.46
N SER B 268 -18.17 19.82 26.24
CA SER B 268 -17.89 20.31 24.87
C SER B 268 -16.92 19.46 24.08
N VAL B 269 -15.72 19.26 24.61
CA VAL B 269 -14.65 18.62 23.83
C VAL B 269 -15.01 17.17 23.53
N THR B 270 -15.55 16.48 24.54
CA THR B 270 -15.89 15.08 24.39
C THR B 270 -17.02 14.95 23.38
N GLY B 271 -18.08 15.75 23.51
CA GLY B 271 -19.20 15.79 22.53
C GLY B 271 -18.72 15.98 21.09
N SER B 272 -17.67 16.80 20.95
CA SER B 272 -17.03 17.04 19.67
C SER B 272 -16.32 15.80 19.16
N TRP B 273 -15.47 15.22 20.02
CA TRP B 273 -14.74 13.98 19.70
C TRP B 273 -15.67 12.84 19.25
N THR B 274 -16.79 12.67 19.95
CA THR B 274 -17.72 11.56 19.72
C THR B 274 -17.94 11.29 18.25
N GLY B 275 -18.30 12.37 17.54
CA GLY B 275 -18.59 12.34 16.11
C GLY B 275 -17.37 12.41 15.22
N LEU B 276 -16.33 13.15 15.62
CA LEU B 276 -15.04 13.15 14.91
C LEU B 276 -14.50 11.72 14.71
N LEU B 277 -14.64 10.90 15.75
CA LEU B 277 -14.28 9.49 15.71
C LEU B 277 -15.33 8.60 15.05
N LEU B 278 -16.61 8.82 15.34
CA LEU B 278 -17.68 8.02 14.73
C LEU B 278 -17.63 8.13 13.23
N PHE B 279 -17.36 9.33 12.71
CA PHE B 279 -17.33 9.56 11.26
C PHE B 279 -15.90 9.69 10.75
N GLU B 280 -15.04 8.75 11.09
CA GLU B 280 -13.76 8.56 10.39
C GLU B 280 -14.01 7.44 9.40
N ALA B 281 -13.58 7.62 8.15
CA ALA B 281 -13.87 6.69 7.02
C ALA B 281 -14.11 5.23 7.40
N ASN B 282 -13.14 4.70 8.13
CA ASN B 282 -13.05 3.30 8.50
C ASN B 282 -13.83 3.02 9.78
N ASN B 283 -13.61 3.87 10.79
CA ASN B 283 -14.36 3.81 12.06
C ASN B 283 -15.87 4.09 11.88
N LYS B 284 -16.26 4.71 10.77
CA LYS B 284 -17.67 4.89 10.39
C LYS B 284 -18.23 3.61 9.75
N LYS B 285 -17.50 3.05 8.76
CA LYS B 285 -17.93 1.82 8.04
C LYS B 285 -18.18 0.71 9.02
N LYS B 286 -17.37 0.66 10.10
CA LYS B 286 -17.48 -0.36 11.17
C LYS B 286 -18.75 -0.27 12.04
N PHE B 287 -19.01 0.89 12.67
CA PHE B 287 -20.02 0.99 13.74
C PHE B 287 -21.33 1.74 13.42
N LEU B 288 -21.27 2.78 12.59
CA LEU B 288 -22.47 3.57 12.23
C LEU B 288 -23.70 2.75 11.81
N PRO B 289 -23.51 1.66 11.04
CA PRO B 289 -24.54 0.65 10.85
C PRO B 289 -25.30 0.25 12.12
N GLY B 290 -24.56 0.03 13.21
CA GLY B 290 -25.15 -0.32 14.49
C GLY B 290 -25.94 0.81 15.13
N VAL B 291 -25.41 2.03 15.02
CA VAL B 291 -26.03 3.19 15.65
C VAL B 291 -27.31 3.59 14.91
N LEU B 292 -27.21 3.80 13.59
CA LEU B 292 -28.39 4.21 12.78
C LEU B 292 -29.50 3.14 12.83
N GLU B 293 -29.11 1.88 13.03
CA GLU B 293 -30.08 0.80 13.32
C GLU B 293 -30.81 1.10 14.62
N GLU B 294 -30.02 1.27 15.69
CA GLU B 294 -30.51 1.54 17.05
C GLU B 294 -31.45 2.76 17.11
N GLN B 295 -31.04 3.87 16.49
CA GLN B 295 -31.86 5.10 16.42
C GLN B 295 -33.22 4.84 15.78
N GLU B 296 -33.19 4.19 14.60
CA GLU B 296 -34.42 3.80 13.89
C GLU B 296 -35.22 2.69 14.61
N GLU B 297 -34.54 1.86 15.38
CA GLU B 297 -35.19 0.94 16.33
C GLU B 297 -35.96 1.68 17.43
N ILE B 298 -35.42 2.82 17.89
CA ILE B 298 -36.01 3.56 19.01
C ILE B 298 -37.12 4.48 18.53
N ARG B 299 -36.98 5.11 17.36
CA ARG B 299 -38.12 5.82 16.75
C ARG B 299 -39.33 4.89 16.74
N LYS B 300 -39.15 3.71 16.15
CA LYS B 300 -40.18 2.66 16.07
C LYS B 300 -40.46 1.99 17.42
N GLU B 301 -40.83 2.77 18.44
CA GLU B 301 -40.94 2.31 19.83
C GLU B 301 -41.36 3.46 20.75
N PHE B 302 -40.56 4.54 20.78
CA PHE B 302 -40.85 5.76 21.56
C PHE B 302 -41.20 6.98 20.67
N GLY B 303 -41.25 6.82 19.35
CA GLY B 303 -41.68 7.88 18.44
C GLY B 303 -40.54 8.82 18.11
N ASP B 304 -40.80 9.73 17.16
CA ASP B 304 -39.83 10.79 16.78
C ASP B 304 -39.42 11.63 17.99
N GLU B 305 -40.38 11.87 18.88
CA GLU B 305 -40.15 12.60 20.13
C GLU B 305 -39.08 11.84 20.94
N LEU B 306 -38.01 12.56 21.32
CA LEU B 306 -36.99 12.06 22.26
C LEU B 306 -37.48 12.16 23.70
N THR B 307 -36.81 11.43 24.59
CA THR B 307 -37.08 11.52 26.03
C THR B 307 -35.87 10.99 26.79
N MET B 308 -35.88 11.16 28.10
CA MET B 308 -34.83 10.58 28.93
C MET B 308 -34.94 9.07 28.94
N GLU B 309 -36.18 8.57 28.87
CA GLU B 309 -36.41 7.13 28.70
C GLU B 309 -35.76 6.54 27.42
N ALA B 310 -35.73 7.33 26.34
CA ALA B 310 -35.23 6.90 25.02
C ALA B 310 -33.77 7.26 24.72
N LEU B 311 -33.15 8.13 25.51
CA LEU B 311 -31.71 8.26 25.53
C LEU B 311 -31.14 7.14 26.40
N ASN B 312 -31.76 6.84 27.54
CA ASN B 312 -31.34 5.72 28.42
C ASN B 312 -31.47 4.29 27.83
N LYS B 313 -32.10 4.18 26.67
CA LYS B 313 -32.06 2.96 25.85
C LYS B 313 -31.24 3.18 24.55
N MET B 314 -30.23 4.04 24.57
CA MET B 314 -29.31 4.20 23.41
C MET B 314 -27.92 3.71 23.83
N ASP B 315 -27.85 2.43 24.18
CA ASP B 315 -26.61 1.80 24.63
C ASP B 315 -25.47 1.98 23.64
N LYS B 316 -25.75 1.80 22.35
CA LYS B 316 -24.69 1.81 21.32
C LYS B 316 -24.02 3.18 21.18
N LEU B 317 -24.83 4.23 21.23
CA LEU B 317 -24.32 5.59 21.17
C LEU B 317 -23.62 5.96 22.48
N HIS B 318 -24.29 5.68 23.59
CA HIS B 318 -23.70 5.84 24.92
C HIS B 318 -22.23 5.36 24.98
N ARG B 319 -21.92 4.31 24.20
CA ARG B 319 -20.56 3.78 24.07
C ARG B 319 -19.71 4.54 23.08
N CYS B 320 -20.28 4.91 21.92
CA CYS B 320 -19.56 5.76 20.92
C CYS B 320 -19.01 7.04 21.58
N VAL B 321 -19.72 7.48 22.61
CA VAL B 321 -19.31 8.58 23.48
C VAL B 321 -18.21 8.12 24.42
N LYS B 322 -18.53 7.18 25.29
CA LYS B 322 -17.64 6.74 26.38
C LYS B 322 -16.23 6.41 25.88
N GLU B 323 -16.13 5.85 24.67
CA GLU B 323 -14.84 5.58 24.01
C GLU B 323 -14.12 6.91 23.68
N ALA B 324 -14.79 7.81 22.97
CA ALA B 324 -14.20 9.13 22.68
C ALA B 324 -13.72 9.80 23.96
N LEU B 325 -14.30 9.41 25.09
CA LEU B 325 -13.79 9.80 26.38
C LEU B 325 -12.48 9.07 26.69
N ARG B 326 -12.53 7.74 26.68
CA ARG B 326 -11.35 6.88 26.95
C ARG B 326 -10.10 7.37 26.21
N MET B 327 -10.32 7.64 24.93
CA MET B 327 -9.26 7.89 24.00
C MET B 327 -8.65 9.25 24.27
N TYR B 328 -9.54 10.24 24.28
CA TYR B 328 -9.19 11.65 24.41
C TYR B 328 -9.97 12.30 25.55
N PRO B 329 -9.54 12.08 26.82
CA PRO B 329 -10.33 12.61 27.90
C PRO B 329 -10.07 14.10 28.09
N PRO B 330 -11.09 14.84 28.56
CA PRO B 330 -10.98 16.28 28.65
C PRO B 330 -10.05 16.74 29.73
N LEU B 331 -10.28 16.27 30.94
CA LEU B 331 -9.37 16.56 32.02
C LEU B 331 -8.23 15.62 31.75
N LEU B 332 -7.02 16.15 31.82
CA LEU B 332 -5.83 15.34 31.58
C LEU B 332 -5.46 14.61 32.85
N PHE B 333 -5.49 15.32 33.97
CA PHE B 333 -5.18 14.71 35.24
C PHE B 333 -5.91 15.36 36.39
N VAL B 334 -6.36 14.51 37.30
CA VAL B 334 -6.89 14.90 38.60
C VAL B 334 -5.80 14.74 39.69
N MET B 335 -5.94 15.44 40.81
CA MET B 335 -4.87 15.63 41.77
C MET B 335 -5.37 15.78 43.19
N ARG B 336 -4.55 15.38 44.16
CA ARG B 336 -4.79 15.67 45.58
C ARG B 336 -3.47 15.98 46.24
N LYS B 337 -3.54 16.82 47.28
CA LYS B 337 -2.48 16.83 48.29
C LYS B 337 -2.67 15.57 49.14
N VAL B 338 -1.57 15.05 49.70
CA VAL B 338 -1.60 13.90 50.60
C VAL B 338 -1.61 14.37 52.03
N ILE B 339 -2.58 13.90 52.81
CA ILE B 339 -2.71 14.26 54.23
C ILE B 339 -2.09 13.17 55.10
N LYS B 340 -2.50 11.92 54.88
CA LYS B 340 -1.88 10.74 55.53
C LYS B 340 -1.16 9.85 54.47
N PRO B 341 0.14 9.59 54.69
CA PRO B 341 0.99 8.97 53.69
C PRO B 341 0.65 7.51 53.46
N PHE B 342 1.22 6.91 52.41
CA PHE B 342 0.95 5.49 52.10
C PHE B 342 2.01 4.86 51.20
N SER B 343 2.35 3.59 51.47
CA SER B 343 3.22 2.82 50.58
C SER B 343 2.37 2.25 49.46
N TYR B 344 2.94 2.19 48.27
CA TYR B 344 2.36 1.39 47.21
C TYR B 344 3.54 0.73 46.50
N LYS B 345 3.70 -0.57 46.77
CA LYS B 345 4.89 -1.30 46.38
C LYS B 345 6.10 -0.79 47.21
N ASP B 346 7.24 -0.58 46.54
CA ASP B 346 8.40 0.08 47.15
C ASP B 346 8.00 1.50 47.49
N TYR B 347 7.45 2.20 46.48
CA TYR B 347 7.24 3.65 46.51
C TYR B 347 6.41 4.06 47.72
N TYR B 348 7.01 4.98 48.46
CA TYR B 348 6.44 5.51 49.68
C TYR B 348 6.17 6.96 49.36
N VAL B 349 4.92 7.34 49.59
CA VAL B 349 4.43 8.65 49.23
C VAL B 349 4.30 9.41 50.53
N PRO B 350 5.20 10.40 50.74
CA PRO B 350 5.15 11.22 51.97
C PRO B 350 3.86 12.02 52.16
N GLU B 351 3.77 12.67 53.31
CA GLU B 351 2.84 13.79 53.49
C GLU B 351 3.28 14.95 52.59
N GLY B 352 2.32 15.71 52.09
CA GLY B 352 2.63 16.89 51.29
C GLY B 352 2.97 16.65 49.83
N ASP B 353 2.97 15.40 49.37
CA ASP B 353 3.07 15.10 47.92
C ASP B 353 1.76 15.48 47.26
N THR B 354 1.83 15.98 46.03
CA THR B 354 0.66 16.09 45.19
C THR B 354 0.59 14.84 44.35
N VAL B 355 -0.31 13.94 44.72
CA VAL B 355 -0.63 12.79 43.86
C VAL B 355 -1.48 13.19 42.65
N PHE B 356 -1.54 12.33 41.65
CA PHE B 356 -1.95 12.74 40.30
C PHE B 356 -2.40 11.51 39.53
N VAL B 357 -3.66 11.45 39.10
CA VAL B 357 -4.12 10.35 38.21
C VAL B 357 -4.31 10.97 36.83
N SER B 358 -3.99 10.24 35.77
CA SER B 358 -4.17 10.76 34.42
C SER B 358 -5.08 9.88 33.61
N PRO B 359 -6.39 10.20 33.58
CA PRO B 359 -7.33 9.51 32.70
C PRO B 359 -6.75 9.16 31.34
N ALA B 360 -6.17 10.15 30.66
CA ALA B 360 -5.62 9.99 29.30
C ALA B 360 -4.69 8.83 29.20
N LEU B 361 -3.73 8.87 30.12
CA LEU B 361 -2.59 7.99 30.17
C LEU B 361 -2.98 6.61 30.66
N SER B 362 -3.71 6.58 31.77
CA SER B 362 -4.16 5.32 32.41
C SER B 362 -5.28 4.51 31.68
N MET B 363 -5.82 5.07 30.60
CA MET B 363 -6.76 4.38 29.71
C MET B 363 -6.15 4.15 28.33
N ARG B 364 -4.83 4.31 28.24
CA ARG B 364 -4.05 3.88 27.09
C ARG B 364 -2.96 2.94 27.62
N VAL B 365 -3.37 2.03 28.50
CA VAL B 365 -2.54 1.00 29.05
C VAL B 365 -3.06 -0.29 28.45
N GLU B 366 -2.16 -1.09 27.85
CA GLU B 366 -2.54 -2.29 27.09
C GLU B 366 -3.22 -3.36 27.90
N GLU B 367 -2.64 -3.67 29.06
CA GLU B 367 -3.15 -4.77 29.91
C GLU B 367 -4.62 -4.56 30.34
N VAL B 368 -5.04 -3.30 30.37
CA VAL B 368 -6.41 -2.93 30.70
C VAL B 368 -7.27 -2.96 29.43
N PHE B 369 -6.90 -2.15 28.44
CA PHE B 369 -7.72 -2.01 27.23
C PHE B 369 -6.95 -2.56 26.03
N PRO B 370 -7.27 -3.81 25.63
CA PRO B 370 -6.78 -4.36 24.37
C PRO B 370 -6.98 -3.42 23.18
N ASN B 371 -5.96 -3.21 22.36
CA ASN B 371 -5.98 -2.19 21.28
C ASN B 371 -6.29 -0.77 21.79
N ALA B 372 -5.75 -0.42 22.95
CA ALA B 372 -5.96 0.90 23.54
C ALA B 372 -5.86 2.02 22.51
N ASP B 373 -4.89 1.89 21.62
CA ASP B 373 -4.65 2.83 20.52
C ASP B 373 -5.78 2.96 19.45
N GLN B 374 -6.70 1.99 19.36
CA GLN B 374 -7.72 1.98 18.31
C GLN B 374 -9.14 2.28 18.79
N TYR B 375 -9.86 3.07 18.00
CA TYR B 375 -11.27 3.30 18.23
C TYR B 375 -12.05 1.99 18.12
N ASN B 376 -12.50 1.48 19.25
CA ASN B 376 -13.56 0.50 19.27
C ASN B 376 -14.57 0.70 20.41
N PRO B 377 -15.73 1.33 20.11
CA PRO B 377 -16.85 1.52 21.04
C PRO B 377 -17.47 0.26 21.61
N GLU B 378 -17.56 -0.78 20.81
CA GLU B 378 -18.14 -2.01 21.29
C GLU B 378 -17.28 -2.69 22.37
N ARG B 379 -16.03 -2.24 22.54
CA ARG B 379 -15.17 -2.69 23.64
C ARG B 379 -15.80 -2.63 25.03
N PHE B 380 -16.76 -1.74 25.20
CA PHE B 380 -17.41 -1.57 26.49
C PHE B 380 -18.58 -2.53 26.83
N VAL B 381 -18.85 -3.51 25.97
CA VAL B 381 -19.92 -4.47 26.25
C VAL B 381 -19.35 -5.47 27.23
N GLU B 382 -18.18 -5.97 26.91
CA GLU B 382 -17.43 -6.85 27.80
C GLU B 382 -16.79 -6.06 28.95
N GLU B 383 -16.20 -4.90 28.63
CA GLU B 383 -15.41 -4.15 29.62
C GLU B 383 -16.29 -3.78 30.79
N ASP B 384 -17.37 -3.06 30.51
CA ASP B 384 -18.33 -2.67 31.55
C ASP B 384 -18.81 -3.87 32.42
N LYS B 385 -18.61 -5.11 31.95
CA LYS B 385 -18.82 -6.34 32.74
C LYS B 385 -17.72 -6.71 33.76
N GLN B 386 -16.55 -6.06 33.71
CA GLN B 386 -15.41 -6.40 34.60
C GLN B 386 -15.61 -5.80 35.98
N ALA B 387 -15.49 -6.60 37.05
CA ALA B 387 -15.71 -6.08 38.43
C ALA B 387 -14.44 -5.59 39.16
N GLN B 388 -13.37 -5.34 38.40
CA GLN B 388 -12.16 -4.71 38.91
C GLN B 388 -12.38 -3.21 38.92
N LYS B 389 -12.17 -2.60 40.09
CA LYS B 389 -12.38 -1.18 40.27
C LYS B 389 -11.29 -0.31 39.62
N TYR B 390 -11.71 0.78 38.99
CA TYR B 390 -10.85 1.89 38.57
C TYR B 390 -10.07 1.63 37.28
N ARG B 391 -10.72 1.06 36.27
CA ARG B 391 -10.05 0.78 34.98
C ARG B 391 -10.30 1.94 34.02
N PHE B 392 -11.59 2.30 33.92
CA PHE B 392 -12.04 3.49 33.24
C PHE B 392 -12.11 4.61 34.28
N VAL B 393 -11.62 5.79 33.90
CA VAL B 393 -11.56 6.98 34.79
C VAL B 393 -11.81 8.33 34.07
N GLY B 394 -12.38 8.33 32.87
CA GLY B 394 -12.72 9.56 32.16
C GLY B 394 -13.58 10.51 32.96
N PHE B 395 -14.48 9.92 33.76
CA PHE B 395 -15.27 10.67 34.72
C PHE B 395 -14.72 10.59 36.14
N GLY B 396 -13.55 10.02 36.32
CA GLY B 396 -13.05 9.77 37.66
C GLY B 396 -13.99 8.83 38.38
N ALA B 397 -13.72 8.61 39.66
CA ALA B 397 -14.46 7.65 40.43
C ALA B 397 -14.16 7.78 41.91
N GLY B 398 -14.94 7.06 42.73
CA GLY B 398 -14.83 7.12 44.17
C GLY B 398 -15.60 8.30 44.72
N ARG B 399 -15.23 8.71 45.93
CA ARG B 399 -15.94 9.71 46.71
C ARG B 399 -16.21 10.95 45.89
N HIS B 400 -15.17 11.53 45.29
CA HIS B 400 -15.33 12.78 44.54
C HIS B 400 -15.51 12.54 43.04
N GLY B 401 -16.26 11.50 42.69
CA GLY B 401 -16.62 11.22 41.28
C GLY B 401 -17.67 12.16 40.69
N CYS B 402 -17.74 12.17 39.37
CA CYS B 402 -18.45 13.24 38.66
C CYS B 402 -19.96 13.22 38.81
N MET B 403 -20.53 14.28 39.35
CA MET B 403 -21.97 14.39 39.47
C MET B 403 -22.58 14.79 38.14
N GLY B 404 -21.75 15.11 37.16
CA GLY B 404 -22.24 15.44 35.82
C GLY B 404 -22.64 14.25 34.99
N GLU B 405 -21.93 13.13 35.17
CA GLU B 405 -21.87 12.02 34.20
C GLU B 405 -23.22 11.84 33.48
N ASN B 406 -24.27 11.60 34.27
CA ASN B 406 -25.62 11.35 33.75
C ASN B 406 -26.11 12.48 32.88
N PHE B 407 -25.98 13.73 33.37
CA PHE B 407 -26.23 14.93 32.55
C PHE B 407 -25.35 14.89 31.31
N ALA B 408 -24.07 14.69 31.54
CA ALA B 408 -23.09 14.87 30.50
C ALA B 408 -23.25 13.89 29.35
N TYR B 409 -23.87 12.73 29.60
CA TYR B 409 -24.21 11.81 28.52
C TYR B 409 -25.49 12.21 27.80
N LEU B 410 -26.50 12.63 28.56
CA LEU B 410 -27.80 13.03 27.98
C LEU B 410 -27.63 14.20 27.01
N GLN B 411 -26.79 15.17 27.39
CA GLN B 411 -26.51 16.34 26.55
C GLN B 411 -25.83 15.95 25.23
N ILE B 412 -24.88 15.02 25.31
CA ILE B 412 -24.12 14.60 24.14
C ILE B 412 -25.01 13.70 23.25
N LYS B 413 -25.68 12.72 23.89
CA LYS B 413 -26.50 11.74 23.16
C LYS B 413 -27.76 12.35 22.56
N THR B 414 -28.18 13.50 23.10
CA THR B 414 -29.16 14.33 22.42
C THR B 414 -28.50 14.86 21.15
N ILE B 415 -27.36 15.53 21.30
CA ILE B 415 -26.69 16.21 20.18
C ILE B 415 -26.54 15.33 18.95
N TRP B 416 -26.01 14.13 19.16
CA TRP B 416 -25.73 13.21 18.04
C TRP B 416 -27.00 12.51 17.63
N SER B 417 -27.85 12.11 18.58
CA SER B 417 -29.20 11.61 18.27
C SER B 417 -29.91 12.54 17.32
N VAL B 418 -29.84 13.83 17.61
CA VAL B 418 -30.40 14.84 16.73
C VAL B 418 -29.66 14.86 15.40
N LEU B 419 -28.34 15.05 15.41
CA LEU B 419 -27.57 15.21 14.16
C LEU B 419 -27.69 13.99 13.25
N LEU B 420 -27.75 12.80 13.85
CA LEU B 420 -27.95 11.56 13.08
C LEU B 420 -29.30 11.56 12.39
N ARG B 421 -30.39 11.76 13.15
CA ARG B 421 -31.74 11.66 12.59
C ARG B 421 -31.98 12.58 11.40
N ASN B 422 -31.49 13.82 11.50
CA ASN B 422 -31.63 14.83 10.44
C ASN B 422 -30.57 14.72 9.33
N PHE B 423 -29.30 14.77 9.73
CA PHE B 423 -28.24 14.96 8.76
C PHE B 423 -27.54 13.68 8.39
N ASP B 424 -26.63 13.83 7.43
CA ASP B 424 -25.62 12.83 7.09
C ASP B 424 -24.28 13.56 7.03
N ILE B 425 -23.30 13.01 7.74
CA ILE B 425 -22.10 13.70 8.21
C ILE B 425 -20.84 12.97 7.74
N GLU B 426 -19.79 13.72 7.41
CA GLU B 426 -18.47 13.16 7.04
C GLU B 426 -17.34 14.10 7.51
N LEU B 427 -16.23 13.54 7.97
CA LEU B 427 -15.06 14.32 8.43
C LEU B 427 -14.21 14.83 7.27
N VAL B 428 -13.71 16.06 7.38
CA VAL B 428 -12.83 16.63 6.36
C VAL B 428 -11.44 15.98 6.48
N GLY B 429 -11.20 15.00 5.59
CA GLY B 429 -9.94 14.31 5.51
C GLY B 429 -9.76 13.41 6.71
N GLU B 430 -8.77 13.75 7.54
CA GLU B 430 -8.31 12.87 8.61
C GLU B 430 -8.69 13.43 9.97
N LEU B 431 -8.69 12.55 10.96
CA LEU B 431 -8.88 12.90 12.37
C LEU B 431 -7.90 13.95 12.86
N PRO B 432 -8.39 14.97 13.57
CA PRO B 432 -7.45 15.91 14.18
C PRO B 432 -6.67 15.34 15.38
N LYS B 433 -5.48 15.87 15.59
CA LYS B 433 -4.67 15.58 16.77
C LYS B 433 -5.27 16.37 17.94
N PRO B 434 -4.71 16.24 19.17
CA PRO B 434 -5.23 17.02 20.31
C PRO B 434 -4.43 18.27 20.59
N ASP B 435 -5.10 19.40 20.86
CA ASP B 435 -4.42 20.66 21.21
C ASP B 435 -4.13 20.72 22.72
N TYR B 436 -3.05 20.03 23.12
CA TYR B 436 -2.58 19.97 24.52
C TYR B 436 -2.25 21.35 25.12
N THR B 437 -1.79 22.28 24.27
CA THR B 437 -1.41 23.67 24.68
C THR B 437 -2.54 24.71 24.51
N ALA B 438 -3.65 24.51 25.23
CA ALA B 438 -4.68 25.55 25.37
C ALA B 438 -5.52 25.44 26.65
N MET B 439 -5.01 24.74 27.67
CA MET B 439 -5.75 24.44 28.92
C MET B 439 -6.93 23.50 28.72
N VAL B 440 -7.90 23.97 27.95
CA VAL B 440 -9.06 23.20 27.53
C VAL B 440 -8.50 22.20 26.52
N VAL B 441 -8.16 21.00 26.99
CA VAL B 441 -7.49 20.01 26.14
C VAL B 441 -8.51 19.27 25.29
N GLY B 442 -8.46 19.47 23.97
CA GLY B 442 -9.48 18.95 23.05
C GLY B 442 -8.95 18.93 21.64
N PRO B 443 -9.81 18.65 20.64
CA PRO B 443 -9.35 18.45 19.26
C PRO B 443 -8.72 19.70 18.60
N ALA B 444 -7.65 19.48 17.84
CA ALA B 444 -6.84 20.54 17.23
C ALA B 444 -7.63 21.21 16.14
N HIS B 445 -7.58 22.55 16.14
CA HIS B 445 -8.74 23.36 15.77
C HIS B 445 -9.10 23.55 14.27
N PRO B 446 -8.45 22.80 13.34
CA PRO B 446 -9.24 22.57 12.11
C PRO B 446 -10.59 21.91 12.43
N CYS B 447 -10.58 20.68 12.93
CA CYS B 447 -11.80 19.89 13.31
C CYS B 447 -13.11 20.20 12.57
N LEU B 448 -13.25 19.66 11.35
CA LEU B 448 -14.30 20.02 10.40
C LEU B 448 -15.10 18.80 9.93
N LEU B 449 -16.43 18.90 9.97
CA LEU B 449 -17.35 17.89 9.44
C LEU B 449 -18.37 18.55 8.51
N ARG B 450 -18.50 18.05 7.28
CA ARG B 450 -19.51 18.57 6.35
C ARG B 450 -20.82 17.80 6.49
N TYR B 451 -21.94 18.43 6.11
CA TYR B 451 -23.30 17.88 6.33
C TYR B 451 -24.24 18.03 5.13
N THR B 452 -25.15 17.08 4.95
CA THR B 452 -26.33 17.24 4.07
C THR B 452 -27.58 16.69 4.77
N ARG B 453 -28.72 17.35 4.55
CA ARG B 453 -30.00 16.93 5.15
C ARG B 453 -30.53 15.61 4.53
N LYS B 454 -31.74 15.18 4.91
CA LYS B 454 -32.31 13.90 4.44
C LYS B 454 -33.87 14.01 4.30
N HIS B 455 -34.66 13.38 5.18
CA HIS B 455 -36.15 13.42 5.13
C HIS B 455 -36.70 14.51 6.06
N LYS C 42 31.50 32.40 40.43
CA LYS C 42 31.77 31.41 39.33
C LYS C 42 33.27 31.31 38.93
N TYR C 43 33.65 30.12 38.43
CA TYR C 43 35.04 29.77 38.02
C TYR C 43 35.27 29.94 36.50
N GLY C 44 34.34 29.36 35.71
CA GLY C 44 34.50 29.09 34.24
C GLY C 44 34.69 27.60 33.92
N ASP C 45 35.02 26.87 34.98
CA ASP C 45 35.80 25.64 34.99
C ASP C 45 35.05 24.45 35.62
N ILE C 46 34.04 24.73 36.44
CA ILE C 46 33.15 23.72 37.04
C ILE C 46 31.93 24.42 37.64
N PHE C 47 30.74 24.05 37.23
CA PHE C 47 29.53 24.69 37.76
C PHE C 47 28.37 23.72 37.87
N THR C 48 27.37 24.13 38.66
CA THR C 48 26.42 23.19 39.20
C THR C 48 24.99 23.73 39.20
N MET C 49 24.15 23.24 38.30
CA MET C 49 22.74 23.62 38.27
C MET C 49 22.03 22.82 39.37
N LYS C 50 20.87 23.28 39.85
CA LYS C 50 19.93 22.40 40.58
C LYS C 50 18.65 22.57 39.82
N VAL C 51 18.21 21.50 39.14
CA VAL C 51 17.10 21.54 38.18
C VAL C 51 16.20 20.35 38.39
N PHE C 52 14.88 20.56 38.31
CA PHE C 52 13.89 19.56 38.74
C PHE C 52 14.19 19.07 40.15
N GLY C 53 15.26 18.28 40.29
CA GLY C 53 15.81 17.91 41.59
C GLY C 53 17.27 17.52 41.47
N GLN C 54 17.57 16.43 40.75
CA GLN C 54 18.97 16.01 40.56
C GLN C 54 19.77 17.29 40.22
N ARG C 55 20.94 17.43 40.83
CA ARG C 55 21.71 18.67 40.67
C ARG C 55 23.01 18.36 39.93
N LEU C 56 23.06 18.92 38.73
CA LEU C 56 23.91 18.51 37.63
C LEU C 56 25.17 19.36 37.73
N THR C 57 26.33 18.75 37.52
CA THR C 57 27.60 19.40 37.83
C THR C 57 28.59 19.29 36.68
N PHE C 58 28.77 20.36 35.91
CA PHE C 58 29.52 20.26 34.66
C PHE C 58 31.02 20.41 34.91
N LEU C 59 31.85 19.67 34.16
CA LEU C 59 33.33 19.78 34.22
C LEU C 59 33.88 20.14 32.84
N VAL C 60 34.52 21.31 32.72
CA VAL C 60 35.01 21.81 31.42
C VAL C 60 36.53 21.93 31.41
N GLY C 61 37.13 21.52 30.30
CA GLY C 61 38.58 21.55 30.12
C GLY C 61 39.40 20.51 30.93
N PRO C 62 40.55 20.10 30.36
CA PRO C 62 41.50 19.12 30.91
C PRO C 62 41.58 18.95 32.42
N ASP C 63 41.83 20.03 33.14
CA ASP C 63 42.07 19.94 34.60
C ASP C 63 40.78 19.44 35.33
N ALA C 64 39.64 19.88 34.80
CA ALA C 64 38.33 19.50 35.30
C ALA C 64 38.00 18.07 34.95
N HIS C 65 38.35 17.66 33.72
CA HIS C 65 38.01 16.33 33.21
C HIS C 65 38.52 15.21 34.12
N VAL C 66 39.80 15.31 34.49
CA VAL C 66 40.50 14.36 35.38
C VAL C 66 39.60 13.53 36.35
N PRO C 67 38.88 14.17 37.30
CA PRO C 67 38.02 13.33 38.18
C PRO C 67 36.92 12.49 37.51
N PHE C 68 36.43 12.94 36.35
CA PHE C 68 35.35 12.28 35.61
C PHE C 68 35.78 11.00 34.84
N PHE C 69 36.97 11.03 34.25
CA PHE C 69 37.52 9.90 33.51
C PHE C 69 38.50 9.04 34.31
N SER C 70 39.19 9.60 35.29
CA SER C 70 40.21 8.85 36.02
C SER C 70 39.69 8.12 37.25
N GLN C 71 38.40 8.21 37.54
CA GLN C 71 37.84 7.46 38.67
C GLN C 71 37.34 6.09 38.16
N GLY C 72 36.85 5.24 39.08
CA GLY C 72 36.45 3.85 38.76
C GLY C 72 34.94 3.63 38.87
N ASP C 73 34.44 2.48 38.42
CA ASP C 73 33.02 2.15 38.55
C ASP C 73 32.61 2.21 40.02
N ALA C 74 33.58 1.95 40.89
CA ALA C 74 33.46 2.19 42.33
C ALA C 74 33.01 3.63 42.72
N GLU C 75 33.55 4.61 41.99
CA GLU C 75 33.35 6.05 42.24
C GLU C 75 32.33 6.74 41.33
N LEU C 76 32.27 6.34 40.06
CA LEU C 76 31.30 6.88 39.10
C LEU C 76 30.42 5.79 38.44
N SER C 77 29.12 5.83 38.72
CA SER C 77 28.15 4.86 38.22
C SER C 77 27.53 5.31 36.88
N GLN C 78 27.80 4.59 35.79
CA GLN C 78 27.12 4.83 34.52
C GLN C 78 25.64 4.45 34.51
N ASP C 79 25.16 3.74 35.55
CA ASP C 79 23.84 3.06 35.54
C ASP C 79 22.67 4.04 35.42
N GLU C 80 22.66 5.05 36.29
CA GLU C 80 21.49 5.93 36.49
C GLU C 80 21.29 6.95 35.33
N PRO C 81 22.37 7.71 34.95
CA PRO C 81 22.33 8.59 33.75
C PRO C 81 21.96 7.94 32.43
N TYR C 82 22.51 6.75 32.20
CA TYR C 82 22.20 5.98 31.00
C TYR C 82 21.10 4.92 31.12
N GLN C 83 20.33 4.93 32.19
CA GLN C 83 19.24 3.95 32.35
C GLN C 83 18.20 4.02 31.24
N PHE C 84 18.08 5.20 30.64
CA PHE C 84 17.16 5.44 29.52
C PHE C 84 17.24 4.49 28.33
N SER C 85 18.38 3.81 28.22
CA SER C 85 18.68 2.93 27.12
C SER C 85 18.14 1.54 27.33
N VAL C 86 17.83 1.18 28.58
CA VAL C 86 17.59 -0.23 28.93
C VAL C 86 16.49 -0.89 28.11
N PRO C 87 15.29 -0.34 28.12
CA PRO C 87 14.26 -0.90 27.26
C PRO C 87 14.42 -0.64 25.76
N ILE C 88 15.48 0.06 25.35
CA ILE C 88 15.86 0.13 23.93
C ILE C 88 16.71 -1.08 23.52
N PHE C 89 17.78 -1.35 24.28
CA PHE C 89 18.69 -2.45 23.96
C PHE C 89 18.08 -3.74 24.41
N GLY C 90 17.64 -3.73 25.65
CA GLY C 90 16.95 -4.85 26.26
C GLY C 90 17.46 -5.05 27.67
N PRO C 91 16.68 -5.78 28.48
CA PRO C 91 17.01 -6.13 29.87
C PRO C 91 18.28 -6.94 30.01
N ASN C 92 19.08 -6.64 31.03
CA ASN C 92 20.34 -7.40 31.32
C ASN C 92 21.36 -7.33 30.18
N VAL C 93 21.39 -6.20 29.52
CA VAL C 93 22.31 -5.90 28.44
C VAL C 93 22.92 -4.57 28.92
N VAL C 94 24.15 -4.32 28.51
CA VAL C 94 24.87 -3.05 28.75
C VAL C 94 24.54 -2.38 30.08
N TYR C 95 23.62 -1.41 30.10
CA TYR C 95 23.40 -0.62 31.31
C TYR C 95 22.26 -1.16 32.16
N GLY C 96 21.50 -2.13 31.65
CA GLY C 96 20.53 -2.91 32.46
C GLY C 96 21.14 -4.17 33.07
N ALA C 97 22.28 -4.57 32.50
CA ALA C 97 23.10 -5.60 33.10
C ALA C 97 23.64 -5.09 34.41
N ASP C 98 23.59 -5.90 35.46
CA ASP C 98 24.41 -5.63 36.65
C ASP C 98 25.91 -5.60 36.23
N LEU C 99 26.73 -5.04 37.12
CA LEU C 99 28.15 -4.65 36.85
C LEU C 99 28.97 -5.85 36.41
N ALA C 100 28.78 -6.97 37.11
CA ALA C 100 29.42 -8.23 36.75
C ALA C 100 29.33 -8.57 35.24
N HIS C 101 28.10 -8.70 34.74
CA HIS C 101 27.84 -9.19 33.35
C HIS C 101 28.13 -8.14 32.26
N ARG C 102 27.86 -6.91 32.66
CA ARG C 102 28.21 -5.74 31.90
C ARG C 102 29.69 -5.75 31.59
N ASN C 103 30.52 -5.81 32.64
CA ASN C 103 31.96 -5.81 32.46
C ASN C 103 32.43 -6.75 31.36
N GLN C 104 31.80 -7.91 31.27
CA GLN C 104 32.24 -8.97 30.38
C GLN C 104 31.65 -8.68 29.02
N GLN C 105 30.35 -8.37 28.97
CA GLN C 105 29.70 -7.90 27.74
C GLN C 105 30.48 -6.83 27.02
N LEU C 106 30.89 -5.79 27.75
CA LEU C 106 31.73 -4.74 27.18
C LEU C 106 32.97 -5.33 26.53
N LYS C 107 33.62 -6.25 27.26
CA LYS C 107 34.79 -6.98 26.76
C LYS C 107 34.49 -7.89 25.56
N PHE C 108 33.26 -8.40 25.46
CA PHE C 108 32.84 -9.05 24.19
C PHE C 108 32.80 -8.02 23.04
N ILE C 109 32.04 -6.95 23.28
CA ILE C 109 31.86 -5.89 22.31
C ILE C 109 33.25 -5.47 21.85
N ALA C 110 34.08 -5.17 22.85
CA ALA C 110 35.45 -4.67 22.64
C ALA C 110 36.17 -5.51 21.62
N ALA C 111 36.15 -6.82 21.84
CA ALA C 111 36.73 -7.77 20.92
C ALA C 111 36.00 -7.78 19.56
N SER C 112 34.67 -7.73 19.55
CA SER C 112 33.90 -7.77 18.28
C SER C 112 34.28 -6.64 17.34
N LEU C 113 34.71 -5.53 17.93
CA LEU C 113 35.27 -4.36 17.24
C LEU C 113 36.81 -4.29 17.14
N SER C 114 37.54 -4.89 18.10
CA SER C 114 39.03 -4.93 18.09
C SER C 114 39.69 -5.15 16.72
N THR C 115 40.86 -4.51 16.56
CA THR C 115 41.55 -4.35 15.25
C THR C 115 41.72 -5.60 14.39
N LYS C 116 41.77 -6.78 15.03
CA LYS C 116 41.70 -8.08 14.34
C LYS C 116 40.35 -8.15 13.60
N ALA C 117 39.27 -8.08 14.40
CA ALA C 117 37.92 -8.13 13.87
C ALA C 117 37.76 -7.08 12.77
N LEU C 118 38.40 -5.92 12.94
CA LEU C 118 38.28 -4.83 11.98
C LEU C 118 38.77 -5.22 10.62
N GLN C 119 39.95 -5.82 10.58
CA GLN C 119 40.60 -6.17 9.30
C GLN C 119 39.65 -6.92 8.38
N SER C 120 38.93 -7.86 8.99
CA SER C 120 37.96 -8.70 8.32
C SER C 120 36.57 -8.05 8.08
N TYR C 121 36.29 -6.89 8.70
CA TYR C 121 35.14 -6.04 8.32
C TYR C 121 35.46 -5.03 7.17
N VAL C 122 36.73 -4.63 7.04
CA VAL C 122 37.08 -3.53 6.13
C VAL C 122 36.62 -3.76 4.70
N PRO C 123 37.07 -4.86 4.05
CA PRO C 123 36.52 -5.20 2.73
C PRO C 123 35.01 -4.96 2.60
N LEU C 124 34.25 -5.24 3.66
CA LEU C 124 32.80 -5.15 3.63
C LEU C 124 32.44 -3.68 3.66
N ILE C 125 33.07 -2.93 4.57
CA ILE C 125 32.92 -1.48 4.62
C ILE C 125 33.21 -0.89 3.24
N VAL C 126 34.33 -1.35 2.68
CA VAL C 126 34.89 -0.79 1.45
C VAL C 126 33.99 -1.09 0.26
N LYS C 127 33.48 -2.33 0.15
CA LYS C 127 32.63 -2.70 -0.99
C LYS C 127 31.25 -2.07 -0.87
N GLU C 128 30.61 -2.25 0.29
CA GLU C 128 29.33 -1.60 0.58
C GLU C 128 29.35 -0.16 0.10
N ALA C 129 30.41 0.55 0.50
CA ALA C 129 30.67 1.94 0.09
C ALA C 129 30.62 2.12 -1.44
N GLU C 130 31.47 1.36 -2.15
CA GLU C 130 31.62 1.56 -3.59
C GLU C 130 30.32 1.17 -4.32
N ASP C 131 29.73 0.04 -3.94
CA ASP C 131 28.41 -0.39 -4.46
C ASP C 131 27.31 0.64 -4.14
N PHE C 132 27.40 1.30 -2.99
CA PHE C 132 26.45 2.36 -2.64
C PHE C 132 26.64 3.58 -3.56
N PHE C 133 27.87 4.10 -3.61
CA PHE C 133 28.15 5.38 -4.29
C PHE C 133 28.09 5.37 -5.83
N ALA C 134 28.39 4.23 -6.45
CA ALA C 134 28.18 4.11 -7.88
C ALA C 134 26.73 4.49 -8.27
N LYS C 135 25.75 4.04 -7.47
CA LYS C 135 24.31 4.11 -7.83
C LYS C 135 23.66 5.50 -8.02
N TRP C 136 24.43 6.58 -7.82
CA TRP C 136 24.05 7.96 -8.19
C TRP C 136 24.18 8.20 -9.69
N ASP C 137 23.78 9.39 -10.12
CA ASP C 137 23.89 9.82 -11.53
C ASP C 137 25.36 10.20 -11.87
N LYS C 138 25.56 10.78 -13.05
CA LYS C 138 26.84 11.44 -13.39
C LYS C 138 27.01 12.79 -12.66
N SER C 139 25.87 13.43 -12.33
CA SER C 139 25.82 14.58 -11.40
C SER C 139 24.38 14.91 -10.92
N GLY C 140 24.27 15.55 -9.75
CA GLY C 140 22.97 15.85 -9.11
C GLY C 140 23.09 16.52 -7.73
N THR C 141 21.95 16.83 -7.10
CA THR C 141 21.95 17.31 -5.69
C THR C 141 21.53 16.16 -4.77
N VAL C 142 22.27 16.02 -3.66
CA VAL C 142 22.05 14.95 -2.65
C VAL C 142 22.23 15.49 -1.23
N ASP C 143 21.31 15.12 -0.33
CA ASP C 143 21.28 15.58 1.07
C ASP C 143 22.19 14.67 1.93
N ILE C 144 23.47 15.02 1.99
CA ILE C 144 24.53 14.11 2.48
C ILE C 144 24.17 13.29 3.73
N ARG C 145 23.45 13.90 4.69
CA ARG C 145 23.08 13.23 5.93
C ARG C 145 21.97 12.21 5.75
N ASP C 146 21.02 12.51 4.86
CA ASP C 146 20.03 11.49 4.43
C ASP C 146 20.67 10.29 3.66
N ALA C 147 21.74 10.57 2.88
CA ALA C 147 22.50 9.54 2.16
C ALA C 147 23.54 8.81 3.00
N LEU C 148 24.09 9.45 4.03
CA LEU C 148 25.10 8.81 4.91
C LEU C 148 24.53 8.01 6.10
N ALA C 149 23.26 8.24 6.47
CA ALA C 149 22.54 7.36 7.41
C ALA C 149 21.79 6.25 6.67
N GLU C 150 22.05 6.11 5.36
CA GLU C 150 21.62 4.95 4.57
C GLU C 150 22.78 3.99 4.31
N LEU C 151 23.95 4.51 3.92
CA LEU C 151 25.14 3.67 3.68
C LEU C 151 25.69 3.11 5.00
N ILE C 152 25.72 3.89 6.08
CA ILE C 152 26.32 3.39 7.35
C ILE C 152 25.52 2.24 7.94
N ILE C 153 24.19 2.30 7.80
CA ILE C 153 23.29 1.24 8.28
C ILE C 153 23.43 -0.02 7.39
N LEU C 154 23.67 0.19 6.10
CA LEU C 154 23.98 -0.90 5.18
C LEU C 154 25.34 -1.56 5.51
N THR C 155 26.37 -0.76 5.84
CA THR C 155 27.67 -1.34 6.23
C THR C 155 27.57 -1.97 7.62
N ALA C 156 26.78 -1.35 8.52
CA ALA C 156 26.64 -1.80 9.92
C ALA C 156 25.73 -3.00 10.13
N SER C 157 24.79 -3.26 9.21
CA SER C 157 24.09 -4.55 9.15
C SER C 157 25.06 -5.69 8.90
N ARG C 158 25.82 -5.54 7.81
CA ARG C 158 26.72 -6.57 7.32
C ARG C 158 27.87 -6.85 8.35
N CYS C 159 28.24 -5.90 9.20
CA CYS C 159 29.41 -6.10 10.11
C CYS C 159 29.03 -6.47 11.53
N LEU C 160 27.81 -6.12 11.91
CA LEU C 160 27.31 -6.40 13.24
C LEU C 160 26.44 -7.63 13.16
N MET C 161 25.45 -7.60 12.23
CA MET C 161 24.33 -8.54 12.13
C MET C 161 24.47 -9.65 11.07
N GLY C 162 25.53 -9.61 10.26
CA GLY C 162 25.85 -10.75 9.41
C GLY C 162 25.12 -10.81 8.09
N LYS C 163 25.69 -11.62 7.18
CA LYS C 163 25.30 -11.71 5.74
C LYS C 163 23.80 -11.92 5.53
N GLU C 164 23.20 -12.67 6.44
CA GLU C 164 21.81 -13.12 6.33
C GLU C 164 20.90 -11.89 6.52
N ILE C 165 21.03 -11.27 7.70
CA ILE C 165 20.27 -10.07 8.06
C ILE C 165 20.39 -9.06 6.93
N ARG C 166 21.63 -8.80 6.52
CA ARG C 166 21.97 -7.84 5.47
C ARG C 166 21.24 -8.08 4.14
N GLU C 167 21.38 -9.30 3.63
CA GLU C 167 20.97 -9.64 2.28
C GLU C 167 19.52 -10.08 2.21
N ASN C 168 18.97 -10.57 3.32
CA ASN C 168 17.55 -10.97 3.35
C ASN C 168 16.58 -9.94 3.95
N LEU C 169 17.04 -9.18 4.94
CA LEU C 169 16.13 -8.43 5.80
C LEU C 169 16.65 -7.06 6.25
N PHE C 170 17.40 -6.36 5.40
CA PHE C 170 17.83 -5.00 5.77
C PHE C 170 16.60 -4.13 6.09
N THR C 171 15.69 -4.05 5.13
CA THR C 171 14.51 -3.22 5.27
C THR C 171 13.56 -3.60 6.43
N GLU C 172 13.61 -4.84 6.90
CA GLU C 172 12.90 -5.21 8.13
C GLU C 172 13.68 -4.80 9.37
N VAL C 173 15.01 -4.88 9.32
CA VAL C 173 15.89 -4.48 10.45
C VAL C 173 15.93 -2.95 10.59
N ALA C 174 15.94 -2.23 9.47
CA ALA C 174 15.90 -0.78 9.47
C ALA C 174 14.58 -0.25 10.03
N LYS C 175 13.47 -0.74 9.45
CA LYS C 175 12.11 -0.40 9.90
C LYS C 175 12.04 -0.50 11.41
N LEU C 176 12.45 -1.65 11.94
CA LEU C 176 12.44 -1.92 13.38
C LEU C 176 13.35 -0.99 14.22
N TYR C 177 14.61 -0.87 13.82
CA TYR C 177 15.58 0.00 14.50
C TYR C 177 15.04 1.42 14.66
N GLN C 178 14.47 1.95 13.58
CA GLN C 178 13.80 3.25 13.59
C GLN C 178 12.58 3.27 14.53
N THR C 179 11.82 2.17 14.58
CA THR C 179 10.71 1.98 15.54
C THR C 179 11.18 1.71 17.00
N LEU C 180 12.47 1.49 17.18
CA LEU C 180 13.09 1.70 18.50
C LEU C 180 13.52 3.16 18.70
N ASP C 181 14.03 3.80 17.65
CA ASP C 181 14.58 5.17 17.73
C ASP C 181 13.52 6.28 17.96
N GLU C 182 12.47 6.25 17.14
CA GLU C 182 11.24 7.04 17.35
C GLU C 182 10.67 6.96 18.79
N GLY C 183 10.99 5.88 19.51
CA GLY C 183 10.71 5.76 20.97
C GLY C 183 11.84 6.12 21.94
N LEU C 184 12.72 7.03 21.51
CA LEU C 184 13.67 7.67 22.42
C LEU C 184 13.30 9.14 22.45
N LEU C 185 12.27 9.43 23.21
CA LEU C 185 11.77 10.78 23.35
C LEU C 185 12.40 11.38 24.61
N PRO C 186 12.72 12.68 24.59
CA PRO C 186 13.30 13.37 25.75
C PRO C 186 12.69 13.10 27.12
N ILE C 187 11.43 12.70 27.17
CA ILE C 187 10.84 12.21 28.43
C ILE C 187 11.54 10.90 28.86
N SER C 188 11.79 10.04 27.86
CA SER C 188 12.38 8.69 28.01
C SER C 188 13.70 8.60 28.78
N VAL C 189 14.30 9.75 29.09
CA VAL C 189 15.53 9.77 29.88
C VAL C 189 15.32 9.80 31.38
N PHE C 190 14.19 10.34 31.84
CA PHE C 190 13.92 10.43 33.28
C PHE C 190 13.12 9.20 33.69
N PHE C 191 12.01 8.96 32.98
CA PHE C 191 11.28 7.73 33.15
C PHE C 191 11.12 7.09 31.75
N PRO C 192 11.83 5.97 31.53
CA PRO C 192 11.78 5.30 30.23
C PRO C 192 10.62 4.32 30.09
N TYR C 193 9.58 4.44 30.92
CA TYR C 193 8.51 3.43 31.00
C TYR C 193 7.07 3.98 30.95
N LEU C 194 6.88 5.21 30.49
CA LEU C 194 5.52 5.77 30.42
C LEU C 194 4.72 5.12 29.30
N PRO C 195 3.52 4.55 29.61
CA PRO C 195 2.64 3.95 28.61
C PRO C 195 2.26 4.83 27.41
N ILE C 196 3.23 5.53 26.81
CA ILE C 196 2.95 6.55 25.80
C ILE C 196 2.86 5.83 24.47
N PRO C 197 2.56 6.54 23.37
CA PRO C 197 2.46 5.79 22.10
C PRO C 197 3.77 5.08 21.67
N ALA C 198 4.87 5.82 21.64
CA ALA C 198 6.14 5.29 21.17
C ALA C 198 6.73 4.22 22.10
N HIS C 199 6.87 4.55 23.39
CA HIS C 199 7.41 3.63 24.39
C HIS C 199 6.88 2.21 24.25
N LYS C 200 5.59 2.11 23.92
CA LYS C 200 4.97 0.85 23.59
C LYS C 200 5.63 0.26 22.36
N ARG C 201 5.58 0.99 21.25
CA ARG C 201 6.12 0.50 19.97
C ARG C 201 7.57 0.01 20.05
N ARG C 202 8.39 0.76 20.76
CA ARG C 202 9.77 0.35 21.07
C ARG C 202 9.75 -1.06 21.65
N ASP C 203 9.16 -1.21 22.82
CA ASP C 203 9.08 -2.52 23.46
C ASP C 203 8.52 -3.61 22.54
N GLU C 204 7.51 -3.26 21.73
CA GLU C 204 6.92 -4.17 20.73
C GLU C 204 8.00 -4.62 19.77
N ALA C 205 8.65 -3.65 19.14
CA ALA C 205 9.62 -3.90 18.08
C ALA C 205 11.01 -4.46 18.54
N ARG C 206 11.41 -4.21 19.79
CA ARG C 206 12.58 -4.91 20.33
C ARG C 206 12.33 -6.40 20.49
N LEU C 207 11.11 -6.78 20.89
CA LEU C 207 10.73 -8.20 20.98
C LEU C 207 10.75 -8.81 19.57
N ALA C 208 10.08 -8.14 18.65
CA ALA C 208 10.13 -8.52 17.24
C ALA C 208 11.55 -8.80 16.72
N MET C 209 12.47 -7.92 17.05
CA MET C 209 13.87 -8.07 16.68
C MET C 209 14.53 -9.33 17.26
N VAL C 210 14.16 -9.75 18.47
CA VAL C 210 14.81 -10.94 19.04
C VAL C 210 14.29 -12.17 18.30
N ARG C 211 12.97 -12.27 18.14
CA ARG C 211 12.34 -13.32 17.30
C ARG C 211 13.09 -13.47 15.98
N MET C 212 13.32 -12.36 15.29
CA MET C 212 14.12 -12.35 14.07
C MET C 212 15.53 -12.95 14.27
N PHE C 213 16.17 -12.61 15.39
CA PHE C 213 17.54 -13.08 15.66
C PHE C 213 17.60 -14.50 16.20
N LYS C 214 16.55 -14.99 16.86
CA LYS C 214 16.48 -16.43 17.19
C LYS C 214 16.58 -17.26 15.90
N LYS C 215 15.59 -17.10 15.01
CA LYS C 215 15.60 -17.74 13.68
C LYS C 215 17.04 -17.90 13.24
N ILE C 216 17.74 -16.78 13.15
CA ILE C 216 19.11 -16.77 12.65
C ILE C 216 20.09 -17.50 13.56
N ILE C 217 20.07 -17.21 14.84
CA ILE C 217 21.01 -17.87 15.77
C ILE C 217 20.86 -19.40 15.76
N ASP C 218 19.65 -19.89 15.53
CA ASP C 218 19.39 -21.35 15.40
C ASP C 218 20.10 -21.91 14.17
N GLU C 219 19.64 -21.51 12.98
CA GLU C 219 20.27 -21.92 11.72
C GLU C 219 21.80 -21.99 11.80
N ARG C 220 22.41 -21.05 12.52
CA ARG C 220 23.87 -21.03 12.78
C ARG C 220 24.32 -22.03 13.84
N ARG C 221 23.89 -21.86 15.08
CA ARG C 221 24.28 -22.79 16.16
C ARG C 221 24.07 -24.24 15.72
N ALA C 222 23.13 -24.45 14.78
CA ALA C 222 22.86 -25.75 14.12
C ALA C 222 23.96 -26.28 13.18
N ASN C 223 24.82 -25.38 12.71
CA ASN C 223 25.79 -25.66 11.66
C ASN C 223 27.18 -25.11 11.98
N PRO C 224 27.71 -25.41 13.19
CA PRO C 224 29.05 -24.90 13.60
C PRO C 224 30.18 -25.09 12.59
N GLU C 225 30.08 -26.12 11.74
CA GLU C 225 30.94 -26.26 10.57
C GLU C 225 31.23 -24.88 9.98
N VAL C 226 30.16 -24.13 9.66
CA VAL C 226 30.29 -22.79 9.01
C VAL C 226 30.36 -21.65 10.07
N LYS C 227 31.48 -20.89 10.06
CA LYS C 227 31.68 -19.70 10.93
C LYS C 227 31.66 -18.43 10.07
N HIS C 228 31.17 -17.33 10.67
CA HIS C 228 30.76 -16.13 9.92
C HIS C 228 31.49 -14.85 10.31
N ASN C 229 31.44 -13.86 9.42
CA ASN C 229 32.12 -12.59 9.68
C ASN C 229 31.18 -11.48 10.21
N ASP C 230 31.03 -11.41 11.53
CA ASP C 230 30.13 -10.44 12.19
C ASP C 230 30.28 -10.41 13.71
N CYS C 231 29.73 -9.36 14.32
CA CYS C 231 29.73 -9.22 15.79
C CYS C 231 28.84 -10.28 16.47
N LEU C 232 27.77 -10.64 15.77
CA LEU C 232 26.86 -11.73 16.18
C LEU C 232 27.66 -12.94 16.59
N GLN C 233 28.48 -13.40 15.65
CA GLN C 233 29.33 -14.55 15.87
C GLN C 233 30.21 -14.42 17.09
N VAL C 234 30.76 -13.22 17.33
CA VAL C 234 31.63 -13.01 18.51
C VAL C 234 30.82 -13.09 19.82
N PHE C 235 29.51 -12.83 19.71
CA PHE C 235 28.60 -12.92 20.86
C PHE C 235 28.04 -14.31 21.12
N MET C 236 27.77 -15.08 20.05
CA MET C 236 27.31 -16.47 20.19
C MET C 236 28.43 -17.39 20.63
N ASP C 237 29.69 -16.97 20.52
CA ASP C 237 30.86 -17.78 20.96
C ASP C 237 31.46 -17.37 22.32
N ALA C 238 30.98 -16.29 22.91
CA ALA C 238 31.54 -15.82 24.16
C ALA C 238 30.58 -16.23 25.26
N ARG C 239 31.14 -16.80 26.33
CA ARG C 239 30.38 -17.08 27.57
C ARG C 239 30.97 -16.27 28.69
N TYR C 240 30.23 -16.15 29.79
CA TYR C 240 30.77 -15.52 31.00
C TYR C 240 31.71 -16.46 31.75
N ARG C 241 32.42 -15.94 32.76
CA ARG C 241 33.16 -16.78 33.71
C ARG C 241 32.18 -17.68 34.53
N GLY C 242 32.60 -18.94 34.74
CA GLY C 242 31.83 -19.90 35.56
C GLY C 242 30.48 -20.28 35.00
N GLU C 243 30.44 -20.53 33.69
CA GLU C 243 29.17 -20.72 32.97
C GLU C 243 29.45 -21.21 31.56
N GLU C 244 28.81 -22.32 31.19
CA GLU C 244 28.71 -22.77 29.78
C GLU C 244 27.31 -22.55 29.20
N GLN C 245 26.33 -22.22 30.05
CA GLN C 245 24.98 -21.84 29.59
C GLN C 245 24.98 -20.64 28.60
N ALA C 246 26.01 -19.78 28.65
CA ALA C 246 26.35 -18.83 27.57
C ALA C 246 25.42 -17.61 27.45
N LEU C 247 25.71 -16.73 26.48
CA LEU C 247 24.76 -15.66 26.12
C LEU C 247 23.58 -16.24 25.38
N ASN C 248 22.42 -15.60 25.61
CA ASN C 248 21.15 -15.99 25.01
C ASN C 248 20.70 -15.00 23.92
N ASP C 249 19.52 -15.22 23.36
CA ASP C 249 19.06 -14.44 22.20
C ASP C 249 18.66 -13.01 22.56
N GLU C 250 17.95 -12.80 23.67
CA GLU C 250 17.59 -11.43 24.08
C GLU C 250 18.89 -10.63 24.24
N GLU C 251 19.77 -11.13 25.12
CA GLU C 251 21.10 -10.55 25.35
C GLU C 251 21.95 -10.34 24.10
N ILE C 252 22.04 -11.33 23.20
CA ILE C 252 22.74 -11.16 21.90
C ILE C 252 22.04 -10.03 21.18
N THR C 253 20.79 -10.24 20.78
CA THR C 253 20.01 -9.19 20.14
C THR C 253 20.13 -7.87 20.90
N GLY C 254 20.32 -7.97 22.21
CA GLY C 254 20.67 -6.83 23.05
C GLY C 254 21.87 -5.97 22.66
N LEU C 255 23.02 -6.61 22.44
CA LEU C 255 24.27 -5.87 22.20
C LEU C 255 24.36 -5.51 20.73
N MET C 256 23.93 -6.45 19.89
CA MET C 256 23.57 -6.21 18.49
C MET C 256 23.02 -4.80 18.27
N ILE C 257 21.91 -4.48 18.95
CA ILE C 257 21.23 -3.18 18.85
C ILE C 257 22.10 -2.09 19.42
N ALA C 258 22.53 -2.26 20.67
CA ALA C 258 23.40 -1.28 21.35
C ALA C 258 24.45 -0.72 20.41
N LEU C 259 25.17 -1.61 19.74
CA LEU C 259 26.18 -1.20 18.79
C LEU C 259 25.58 -0.65 17.50
N LEU C 260 24.39 -1.11 17.12
CA LEU C 260 23.71 -0.57 15.92
C LEU C 260 23.46 0.90 16.16
N PHE C 261 22.74 1.14 17.27
CA PHE C 261 22.26 2.46 17.79
C PHE C 261 23.44 3.39 17.92
N ALA C 262 24.45 2.99 18.68
CA ALA C 262 25.72 3.71 18.74
C ALA C 262 26.33 4.11 17.37
N GLY C 263 26.48 3.16 16.45
CA GLY C 263 26.94 3.46 15.07
C GLY C 263 26.06 4.51 14.42
N GLN C 264 24.76 4.23 14.43
CA GLN C 264 23.76 5.06 13.75
C GLN C 264 23.51 6.46 14.34
N HIS C 265 23.88 6.69 15.61
CA HIS C 265 23.77 8.03 16.25
C HIS C 265 25.02 8.92 16.10
N THR C 266 26.15 8.40 15.62
CA THR C 266 27.44 9.12 15.74
C THR C 266 28.31 9.08 14.47
N SER C 267 28.69 7.88 14.03
CA SER C 267 29.34 7.71 12.74
C SER C 267 28.58 8.51 11.65
N SER C 268 27.25 8.43 11.67
CA SER C 268 26.34 9.10 10.71
C SER C 268 26.63 10.56 10.48
N VAL C 269 26.81 11.28 11.59
CA VAL C 269 26.89 12.76 11.57
C VAL C 269 28.29 13.29 11.39
N THR C 270 29.27 12.72 12.10
CA THR C 270 30.67 13.09 11.87
C THR C 270 31.10 12.75 10.43
N GLY C 271 30.47 11.76 9.82
CA GLY C 271 30.62 11.49 8.40
C GLY C 271 30.00 12.56 7.52
N SER C 272 28.86 13.10 7.97
CA SER C 272 28.23 14.25 7.32
C SER C 272 28.87 15.62 7.68
N TRP C 273 29.51 15.75 8.84
CA TRP C 273 30.23 16.98 9.17
C TRP C 273 31.56 17.02 8.45
N THR C 274 32.36 15.97 8.58
CA THR C 274 33.72 15.90 7.99
C THR C 274 33.82 16.64 6.68
N GLY C 275 32.83 16.44 5.81
CA GLY C 275 32.82 16.97 4.43
C GLY C 275 31.96 18.18 4.12
N LEU C 276 31.06 18.56 5.02
CA LEU C 276 30.45 19.88 4.95
C LEU C 276 31.43 20.99 5.38
N LEU C 277 32.46 20.63 6.16
CA LEU C 277 33.56 21.56 6.50
C LEU C 277 34.61 21.58 5.38
N LEU C 278 35.05 20.40 4.94
CA LEU C 278 36.04 20.27 3.85
C LEU C 278 35.54 20.71 2.47
N PHE C 279 34.29 21.19 2.37
CA PHE C 279 33.80 21.85 1.15
C PHE C 279 33.03 23.12 1.46
N GLU C 280 33.39 23.79 2.58
CA GLU C 280 32.76 25.05 2.99
C GLU C 280 33.41 26.27 2.34
N ALA C 281 33.85 26.13 1.09
CA ALA C 281 34.64 27.13 0.34
C ALA C 281 35.92 27.57 1.09
N ASN C 282 35.74 28.33 2.17
CA ASN C 282 36.77 28.65 3.19
C ASN C 282 37.93 27.67 3.13
N ASN C 283 37.54 26.42 3.36
CA ASN C 283 38.42 25.36 3.75
C ASN C 283 38.66 24.44 2.57
N LYS C 284 37.64 24.31 1.71
CA LYS C 284 37.79 23.70 0.39
C LYS C 284 39.08 24.24 -0.29
N LYS C 285 39.17 25.57 -0.38
CA LYS C 285 40.36 26.25 -0.87
C LYS C 285 41.54 26.08 0.10
N LYS C 286 41.31 26.25 1.40
CA LYS C 286 42.40 26.23 2.41
C LYS C 286 43.09 24.87 2.56
N PHE C 287 42.32 23.79 2.37
CA PHE C 287 42.78 22.43 2.71
C PHE C 287 42.67 21.36 1.64
N LEU C 288 41.64 21.41 0.78
CA LEU C 288 41.29 20.27 -0.08
C LEU C 288 42.46 19.76 -0.94
N PRO C 289 43.24 20.68 -1.55
CA PRO C 289 44.55 20.30 -2.10
C PRO C 289 45.49 19.52 -1.16
N GLY C 290 45.62 19.92 0.11
CA GLY C 290 46.36 19.16 1.12
C GLY C 290 45.94 17.70 1.13
N VAL C 291 44.63 17.46 1.23
CA VAL C 291 44.05 16.10 1.24
C VAL C 291 44.21 15.43 -0.12
N LEU C 292 43.47 15.90 -1.13
CA LEU C 292 43.47 15.27 -2.45
C LEU C 292 44.85 14.83 -2.97
N GLU C 293 45.90 15.59 -2.61
CA GLU C 293 47.30 15.23 -2.92
C GLU C 293 47.80 14.07 -2.06
N GLU C 294 47.35 13.99 -0.80
CA GLU C 294 47.59 12.82 0.06
C GLU C 294 46.91 11.53 -0.46
N GLN C 295 45.76 11.66 -1.12
CA GLN C 295 45.03 10.52 -1.76
C GLN C 295 45.75 9.88 -2.96
N GLU C 296 46.40 10.73 -3.76
CA GLU C 296 47.15 10.28 -4.94
C GLU C 296 48.46 9.56 -4.56
N GLU C 297 49.12 10.00 -3.49
CA GLU C 297 50.35 9.32 -2.96
C GLU C 297 50.09 7.85 -2.62
N ILE C 298 48.87 7.60 -2.14
CA ILE C 298 48.37 6.28 -1.85
C ILE C 298 48.01 5.56 -3.15
N ARG C 299 47.07 6.12 -3.92
CA ARG C 299 46.66 5.59 -5.26
C ARG C 299 47.82 5.15 -6.19
N LYS C 300 48.98 5.78 -6.03
CA LYS C 300 50.24 5.37 -6.68
C LYS C 300 50.93 4.25 -5.91
N GLU C 301 51.08 4.43 -4.59
CA GLU C 301 51.77 3.44 -3.77
C GLU C 301 50.88 2.21 -3.45
N PHE C 302 49.79 2.39 -2.71
CA PHE C 302 48.85 1.28 -2.35
C PHE C 302 47.74 0.94 -3.41
N GLY C 303 47.82 1.49 -4.63
CA GLY C 303 46.89 1.13 -5.70
C GLY C 303 45.48 1.72 -5.63
N ASP C 304 44.71 1.44 -6.69
CA ASP C 304 43.35 1.99 -6.87
C ASP C 304 42.23 1.17 -6.18
N GLU C 305 42.48 0.65 -4.97
CA GLU C 305 41.48 -0.15 -4.25
C GLU C 305 41.79 -0.25 -2.76
N LEU C 306 40.74 -0.05 -1.97
CA LEU C 306 40.91 0.47 -0.60
C LEU C 306 41.27 -0.60 0.40
N THR C 307 42.56 -0.69 0.68
CA THR C 307 43.04 -1.66 1.67
C THR C 307 42.98 -0.99 3.03
N MET C 308 42.94 -1.76 4.11
CA MET C 308 43.12 -1.22 5.48
C MET C 308 44.54 -0.71 5.71
N GLU C 309 45.52 -1.38 5.09
CA GLU C 309 46.94 -0.94 5.06
C GLU C 309 47.00 0.56 4.74
N ALA C 310 46.22 0.97 3.73
CA ALA C 310 46.20 2.32 3.15
C ALA C 310 45.50 3.42 3.98
N LEU C 311 44.31 3.14 4.51
CA LEU C 311 43.60 4.11 5.36
C LEU C 311 44.44 4.51 6.58
N ASN C 312 45.14 3.56 7.18
CA ASN C 312 45.98 3.83 8.36
C ASN C 312 47.24 4.68 8.08
N LYS C 313 47.47 5.01 6.80
CA LYS C 313 48.37 6.08 6.38
C LYS C 313 47.59 7.08 5.51
N MET C 314 46.52 7.67 6.08
CA MET C 314 45.80 8.82 5.49
C MET C 314 45.75 9.90 6.55
N ASP C 315 46.90 10.18 7.16
CA ASP C 315 46.94 11.00 8.38
C ASP C 315 46.35 12.41 8.26
N LYS C 316 46.18 12.91 7.03
CA LYS C 316 45.45 14.18 6.76
C LYS C 316 43.93 14.02 6.86
N LEU C 317 43.37 13.10 6.07
CA LEU C 317 41.91 12.88 6.09
C LEU C 317 41.44 12.45 7.46
N HIS C 318 42.30 11.73 8.19
CA HIS C 318 42.06 11.40 9.61
C HIS C 318 41.91 12.64 10.48
N ARG C 319 42.58 13.73 10.10
CA ARG C 319 42.45 14.99 10.82
C ARG C 319 41.23 15.81 10.42
N CYS C 320 40.83 15.81 9.15
CA CYS C 320 39.60 16.52 8.76
C CYS C 320 38.32 15.92 9.37
N VAL C 321 38.40 14.61 9.64
CA VAL C 321 37.39 13.88 10.36
C VAL C 321 37.52 14.32 11.81
N LYS C 322 38.68 14.07 12.40
CA LYS C 322 38.90 14.36 13.81
C LYS C 322 38.53 15.83 14.15
N GLU C 323 38.66 16.73 13.16
CA GLU C 323 38.31 18.13 13.33
C GLU C 323 36.80 18.31 13.33
N ALA C 324 36.13 17.80 12.30
CA ALA C 324 34.66 17.84 12.28
C ALA C 324 34.03 17.13 13.49
N LEU C 325 34.84 16.34 14.21
CA LEU C 325 34.47 15.85 15.53
C LEU C 325 34.64 16.98 16.54
N ARG C 326 35.84 17.57 16.62
CA ARG C 326 36.12 18.68 17.56
C ARG C 326 35.05 19.78 17.51
N MET C 327 34.60 20.07 16.29
CA MET C 327 33.67 21.16 16.03
C MET C 327 32.26 20.81 16.49
N TYR C 328 31.71 19.74 15.95
CA TYR C 328 30.31 19.39 16.15
C TYR C 328 30.15 17.97 16.69
N PRO C 329 30.55 17.75 17.98
CA PRO C 329 30.56 16.40 18.49
C PRO C 329 29.13 15.94 18.62
N PRO C 330 28.88 14.65 18.36
CA PRO C 330 27.48 14.19 18.28
C PRO C 330 26.86 13.94 19.64
N LEU C 331 27.60 13.34 20.54
CA LEU C 331 27.20 13.37 21.92
C LEU C 331 27.62 14.72 22.44
N LEU C 332 26.69 15.39 23.12
CA LEU C 332 26.92 16.74 23.65
C LEU C 332 27.61 16.68 24.99
N PHE C 333 27.09 15.81 25.85
CA PHE C 333 27.64 15.61 27.18
C PHE C 333 27.60 14.13 27.53
N VAL C 334 28.43 13.74 28.50
CA VAL C 334 28.52 12.36 29.01
C VAL C 334 28.41 12.42 30.54
N MET C 335 27.62 11.53 31.12
CA MET C 335 27.27 11.62 32.54
C MET C 335 27.65 10.41 33.38
N ARG C 336 27.72 10.67 34.68
CA ARG C 336 27.94 9.64 35.69
C ARG C 336 27.26 10.18 36.93
N LYS C 337 26.48 9.34 37.64
CA LYS C 337 26.13 9.61 39.05
C LYS C 337 27.39 9.38 39.94
N VAL C 338 27.73 10.35 40.78
CA VAL C 338 28.88 10.22 41.70
C VAL C 338 28.53 9.24 42.84
N ILE C 339 29.53 8.49 43.29
CA ILE C 339 29.40 7.59 44.45
C ILE C 339 30.38 8.03 45.56
N LYS C 340 31.65 8.19 45.19
CA LYS C 340 32.69 8.78 46.05
C LYS C 340 32.72 10.28 45.82
N PRO C 341 32.30 11.09 46.82
CA PRO C 341 32.47 12.53 46.70
C PRO C 341 33.94 12.89 46.52
N PHE C 342 34.20 13.82 45.61
CA PHE C 342 35.55 14.22 45.21
C PHE C 342 35.70 15.76 45.21
N SER C 343 36.82 16.26 45.78
CA SER C 343 37.13 17.69 45.78
C SER C 343 37.70 18.07 44.43
N TYR C 344 37.62 19.35 44.10
CA TYR C 344 38.30 19.87 42.95
C TYR C 344 38.35 21.40 43.04
N LYS C 345 39.55 21.96 43.14
CA LYS C 345 39.74 23.40 43.42
C LYS C 345 39.18 23.75 44.81
N ASP C 346 38.02 24.41 44.92
CA ASP C 346 37.30 24.52 46.20
C ASP C 346 35.80 24.21 46.01
N TYR C 347 35.58 23.22 45.15
CA TYR C 347 34.26 22.73 44.83
C TYR C 347 34.16 21.30 45.38
N TYR C 348 33.11 21.06 46.14
CA TYR C 348 32.81 19.74 46.64
C TYR C 348 31.57 19.30 45.93
N VAL C 349 31.67 18.13 45.33
CA VAL C 349 30.60 17.49 44.59
C VAL C 349 30.12 16.33 45.45
N PRO C 350 28.95 16.46 46.10
CA PRO C 350 28.58 15.39 47.03
C PRO C 350 28.19 14.11 46.34
N GLU C 351 28.18 13.03 47.10
CA GLU C 351 27.49 11.84 46.65
C GLU C 351 26.05 12.21 46.24
N GLY C 352 25.58 11.61 45.15
CA GLY C 352 24.21 11.81 44.64
C GLY C 352 24.15 12.76 43.45
N ASP C 353 25.25 13.50 43.23
CA ASP C 353 25.36 14.42 42.09
C ASP C 353 25.45 13.65 40.80
N THR C 354 24.95 14.24 39.73
CA THR C 354 25.18 13.77 38.39
C THR C 354 26.29 14.67 37.84
N VAL C 355 27.53 14.16 37.76
CA VAL C 355 28.59 14.90 37.01
C VAL C 355 28.46 14.77 35.50
N PHE C 356 28.77 15.83 34.78
CA PHE C 356 28.71 15.88 33.32
C PHE C 356 30.09 16.36 32.81
N VAL C 357 30.42 15.96 31.60
CA VAL C 357 31.49 16.60 30.81
C VAL C 357 30.78 16.89 29.53
N SER C 358 31.02 18.05 28.92
CA SER C 358 30.50 18.31 27.58
C SER C 358 31.58 18.49 26.51
N PRO C 359 31.98 17.39 25.85
CA PRO C 359 32.76 17.49 24.62
C PRO C 359 32.35 18.63 23.73
N ALA C 360 31.06 18.76 23.50
CA ALA C 360 30.58 19.90 22.75
C ALA C 360 31.13 21.24 23.30
N LEU C 361 31.08 21.48 24.62
CA LEU C 361 31.79 22.64 25.28
C LEU C 361 33.31 22.40 25.34
N SER C 362 33.73 21.56 26.27
CA SER C 362 35.16 21.32 26.57
C SER C 362 36.22 21.46 25.43
N MET C 363 35.78 21.40 24.19
CA MET C 363 36.69 21.42 23.07
C MET C 363 36.69 22.75 22.32
N ARG C 364 36.02 23.78 22.86
CA ARG C 364 36.19 25.19 22.42
C ARG C 364 36.73 26.10 23.55
N VAL C 365 37.30 25.49 24.57
CA VAL C 365 38.08 26.22 25.55
C VAL C 365 39.26 26.72 24.73
N GLU C 366 39.32 28.03 24.47
CA GLU C 366 40.33 28.62 23.55
C GLU C 366 41.78 28.55 24.05
N GLU C 367 41.96 28.48 25.37
CA GLU C 367 43.29 28.29 25.94
C GLU C 367 43.91 26.97 25.47
N VAL C 368 43.07 25.94 25.34
CA VAL C 368 43.46 24.56 24.96
C VAL C 368 43.32 24.25 23.45
N PHE C 369 42.47 24.98 22.73
CA PHE C 369 42.44 24.93 21.27
C PHE C 369 42.58 26.34 20.66
N PRO C 370 43.81 26.91 20.73
CA PRO C 370 44.21 28.14 20.03
C PRO C 370 43.54 28.40 18.65
N ASN C 371 42.45 29.17 18.67
CA ASN C 371 41.59 29.50 17.52
C ASN C 371 40.49 28.45 17.29
N ALA C 372 39.77 28.16 18.36
CA ALA C 372 38.57 27.33 18.34
C ALA C 372 37.59 27.74 17.21
N ASP C 373 36.53 28.50 17.50
CA ASP C 373 35.51 28.91 16.50
C ASP C 373 35.62 28.40 15.03
N GLN C 374 36.78 28.65 14.38
CA GLN C 374 37.00 28.30 12.95
C GLN C 374 37.91 27.06 12.73
N TYR C 375 37.80 26.51 11.52
CA TYR C 375 38.20 25.12 11.16
C TYR C 375 39.65 24.92 10.71
N ASN C 376 40.43 24.13 11.46
CA ASN C 376 41.84 23.87 11.12
C ASN C 376 42.34 22.44 11.40
N PRO C 377 41.92 21.47 10.54
CA PRO C 377 42.34 20.06 10.60
C PRO C 377 43.77 19.85 11.03
N GLU C 378 44.66 20.59 10.38
CA GLU C 378 46.10 20.46 10.61
C GLU C 378 46.55 20.85 12.01
N ARG C 379 45.64 21.36 12.86
CA ARG C 379 46.00 21.63 14.26
C ARG C 379 46.37 20.35 15.04
N PHE C 380 45.93 19.19 14.56
CA PHE C 380 46.27 17.90 15.22
C PHE C 380 47.67 17.34 14.90
N VAL C 381 48.39 18.02 13.99
CA VAL C 381 49.77 17.67 13.58
C VAL C 381 50.75 17.62 14.79
N GLU C 382 50.51 18.46 15.79
CA GLU C 382 51.22 18.36 17.09
C GLU C 382 50.34 18.47 18.35
N GLU C 383 49.04 18.72 18.20
CA GLU C 383 48.11 18.55 19.32
C GLU C 383 48.11 17.07 19.73
N ASP C 384 48.12 16.16 18.74
CA ASP C 384 48.38 14.73 19.00
C ASP C 384 49.74 14.55 19.70
N LYS C 385 50.77 15.27 19.20
CA LYS C 385 52.11 15.34 19.84
C LYS C 385 52.15 15.91 21.27
N GLN C 386 51.10 16.61 21.69
CA GLN C 386 51.07 17.32 22.96
C GLN C 386 50.89 16.35 24.16
N ALA C 387 51.58 16.63 25.27
CA ALA C 387 51.71 15.75 26.45
C ALA C 387 50.46 15.53 27.34
N GLN C 388 49.52 16.47 27.37
CA GLN C 388 48.56 16.54 28.49
C GLN C 388 47.28 15.70 28.34
N LYS C 389 46.74 15.27 29.47
CA LYS C 389 45.62 14.35 29.48
C LYS C 389 44.27 15.04 29.29
N TYR C 390 43.37 14.35 28.58
CA TYR C 390 41.95 14.67 28.51
C TYR C 390 41.61 15.93 27.75
N ARG C 391 42.51 16.36 26.87
CA ARG C 391 42.31 17.59 26.11
C ARG C 391 41.22 17.37 25.08
N PHE C 392 41.39 16.33 24.29
CA PHE C 392 40.42 15.93 23.31
C PHE C 392 39.56 14.85 23.91
N VAL C 393 38.25 14.95 23.73
CA VAL C 393 37.30 14.04 24.40
C VAL C 393 36.08 13.68 23.54
N GLY C 394 36.20 13.78 22.22
CA GLY C 394 35.07 13.47 21.35
C GLY C 394 34.65 12.02 21.43
N PHE C 395 35.63 11.17 21.78
CA PHE C 395 35.46 9.76 22.10
C PHE C 395 35.69 9.45 23.59
N GLY C 396 35.46 10.40 24.49
CA GLY C 396 35.59 10.15 25.96
C GLY C 396 36.96 9.62 26.41
N ALA C 397 37.00 8.93 27.56
CA ALA C 397 38.22 8.25 28.05
C ALA C 397 37.97 7.34 29.27
N GLY C 398 39.06 6.81 29.84
CA GLY C 398 39.07 6.23 31.22
C GLY C 398 38.84 4.74 31.40
N ARG C 399 38.28 4.36 32.55
CA ARG C 399 37.79 2.98 32.78
C ARG C 399 36.67 2.57 31.78
N HIS C 400 36.04 3.55 31.13
CA HIS C 400 35.19 3.35 29.92
C HIS C 400 35.78 4.19 28.79
N GLY C 401 34.95 4.71 27.89
CA GLY C 401 35.44 5.41 26.70
C GLY C 401 35.33 4.54 25.47
N CYS C 402 35.31 5.23 24.31
CA CYS C 402 34.78 4.67 23.05
C CYS C 402 35.55 3.51 22.43
N MET C 403 35.02 2.30 22.67
CA MET C 403 35.38 1.12 21.92
C MET C 403 35.07 1.21 20.41
N GLY C 404 34.20 2.11 19.98
CA GLY C 404 33.96 2.29 18.54
C GLY C 404 34.99 3.04 17.72
N GLU C 405 35.88 3.74 18.42
CA GLU C 405 36.76 4.76 17.82
C GLU C 405 37.21 4.43 16.37
N ASN C 406 37.92 3.32 16.24
CA ASN C 406 38.60 3.02 14.99
C ASN C 406 37.63 2.43 13.99
N PHE C 407 36.54 1.76 14.43
CA PHE C 407 35.46 1.40 13.47
C PHE C 407 34.92 2.66 12.81
N ALA C 408 34.68 3.69 13.63
CA ALA C 408 34.12 4.93 13.13
C ALA C 408 35.11 5.63 12.19
N TYR C 409 36.30 5.95 12.67
CA TYR C 409 37.33 6.57 11.79
C TYR C 409 37.43 5.84 10.44
N LEU C 410 37.47 4.50 10.48
CA LEU C 410 37.60 3.68 9.25
C LEU C 410 36.37 3.74 8.35
N GLN C 411 35.17 3.67 8.92
CA GLN C 411 33.95 3.80 8.15
C GLN C 411 33.97 5.10 7.37
N ILE C 412 34.19 6.19 8.10
CA ILE C 412 34.17 7.51 7.50
C ILE C 412 35.35 7.70 6.52
N LYS C 413 36.60 7.62 7.00
CA LYS C 413 37.77 7.64 6.10
C LYS C 413 37.39 6.98 4.79
N THR C 414 36.88 5.76 4.85
CA THR C 414 36.43 5.05 3.66
C THR C 414 35.49 5.91 2.81
N ILE C 415 34.33 6.26 3.40
CA ILE C 415 33.21 6.92 2.69
C ILE C 415 33.70 8.11 1.84
N TRP C 416 34.51 8.98 2.45
CA TRP C 416 35.10 10.14 1.77
C TRP C 416 36.24 9.75 0.84
N SER C 417 37.12 8.84 1.30
CA SER C 417 38.21 8.33 0.46
C SER C 417 37.69 7.73 -0.85
N VAL C 418 36.52 7.09 -0.78
CA VAL C 418 35.79 6.72 -1.99
C VAL C 418 35.37 7.97 -2.77
N LEU C 419 34.60 8.83 -2.12
CA LEU C 419 34.03 10.02 -2.77
C LEU C 419 35.06 10.91 -3.50
N LEU C 420 36.23 11.11 -2.89
CA LEU C 420 37.26 11.99 -3.45
C LEU C 420 37.88 11.47 -4.77
N ARG C 421 38.14 10.16 -4.84
CA ARG C 421 38.67 9.53 -6.07
C ARG C 421 37.62 9.33 -7.19
N ASN C 422 36.34 9.49 -6.87
CA ASN C 422 35.26 9.32 -7.85
C ASN C 422 34.42 10.58 -8.14
N PHE C 423 34.58 11.65 -7.35
CA PHE C 423 33.77 12.88 -7.52
C PHE C 423 34.50 14.19 -7.18
N ASP C 424 34.22 15.23 -7.98
CA ASP C 424 34.55 16.61 -7.64
C ASP C 424 33.27 17.16 -7.00
N ILE C 425 33.33 17.49 -5.71
CA ILE C 425 32.13 17.81 -4.92
C ILE C 425 32.09 19.30 -4.60
N GLU C 426 30.87 19.85 -4.53
CA GLU C 426 30.67 21.25 -4.16
C GLU C 426 29.56 21.38 -3.13
N LEU C 427 29.43 22.58 -2.54
CA LEU C 427 28.51 22.93 -1.42
C LEU C 427 27.40 23.96 -1.74
N VAL C 428 26.14 23.50 -1.91
CA VAL C 428 25.00 24.40 -2.21
C VAL C 428 24.56 25.07 -0.92
N GLY C 429 24.42 26.40 -0.97
CA GLY C 429 24.21 27.20 0.23
C GLY C 429 25.48 27.29 1.04
N GLU C 430 25.32 27.49 2.35
CA GLU C 430 26.46 27.67 3.26
C GLU C 430 26.49 26.55 4.28
N LEU C 431 27.65 26.34 4.89
CA LEU C 431 27.82 25.47 6.05
C LEU C 431 26.59 25.56 6.97
N PRO C 432 25.92 24.42 7.25
CA PRO C 432 24.83 24.50 8.24
C PRO C 432 25.35 24.54 9.68
N LYS C 433 24.45 24.92 10.58
CA LYS C 433 24.68 24.86 12.01
C LYS C 433 23.87 23.71 12.61
N PRO C 434 24.19 23.32 13.85
CA PRO C 434 23.53 22.13 14.40
C PRO C 434 22.02 22.26 14.60
N ASP C 435 21.28 21.16 14.43
CA ASP C 435 19.89 21.05 14.93
C ASP C 435 19.92 20.49 16.37
N TYR C 436 19.75 21.35 17.37
CA TYR C 436 19.59 20.92 18.77
C TYR C 436 18.11 20.60 19.05
N THR C 437 17.43 19.98 18.07
CA THR C 437 15.99 19.71 18.12
C THR C 437 15.63 18.48 17.25
N ALA C 438 16.41 17.41 17.43
CA ALA C 438 16.08 16.04 16.96
C ALA C 438 16.63 14.90 17.86
N MET C 439 17.00 15.23 19.12
CA MET C 439 17.61 14.33 20.12
C MET C 439 19.03 13.90 19.75
N VAL C 440 19.16 13.29 18.56
CA VAL C 440 20.45 13.20 17.84
C VAL C 440 20.87 14.64 17.48
N VAL C 441 22.18 14.89 17.37
CA VAL C 441 22.68 16.25 17.14
C VAL C 441 23.71 16.41 16.01
N GLY C 442 23.24 16.82 14.83
CA GLY C 442 24.10 17.15 13.67
C GLY C 442 23.53 18.27 12.80
N PRO C 443 24.00 18.42 11.53
CA PRO C 443 23.54 19.55 10.70
C PRO C 443 22.12 19.35 10.20
N ALA C 444 21.27 20.37 10.30
CA ALA C 444 19.85 20.22 9.95
C ALA C 444 19.67 20.18 8.43
N HIS C 445 18.66 19.44 7.96
CA HIS C 445 18.32 19.37 6.53
C HIS C 445 17.65 20.70 6.19
N PRO C 446 17.97 21.40 5.08
CA PRO C 446 18.82 20.91 4.01
C PRO C 446 20.32 21.11 4.24
N CYS C 447 21.06 20.03 3.99
CA CYS C 447 22.53 20.00 4.04
C CYS C 447 23.02 19.12 2.90
N LEU C 448 23.12 19.72 1.71
CA LEU C 448 23.31 18.99 0.44
C LEU C 448 24.61 19.34 -0.28
N LEU C 449 24.99 18.49 -1.23
CA LEU C 449 26.17 18.71 -2.08
C LEU C 449 25.86 18.44 -3.56
N ARG C 450 26.81 18.79 -4.42
CA ARG C 450 26.72 18.50 -5.84
C ARG C 450 28.07 17.97 -6.34
N TYR C 451 28.00 17.07 -7.31
CA TYR C 451 29.13 16.20 -7.64
C TYR C 451 29.37 16.08 -9.16
N THR C 452 30.55 15.58 -9.51
CA THR C 452 31.07 15.52 -10.88
C THR C 452 32.06 14.36 -11.03
N ARG C 453 31.74 13.40 -11.91
CA ARG C 453 32.60 12.22 -12.14
C ARG C 453 33.95 12.56 -12.84
N LYS C 454 34.73 11.53 -13.21
CA LYS C 454 35.98 11.68 -14.00
C LYS C 454 35.66 11.61 -15.54
N HIS C 455 36.15 10.57 -16.25
CA HIS C 455 35.95 10.43 -17.71
C HIS C 455 34.58 9.78 -17.94
N LYS D 42 -7.51 -65.65 33.85
CA LYS D 42 -6.93 -64.30 34.12
C LYS D 42 -7.70 -63.57 35.24
N TYR D 43 -7.01 -62.66 35.93
CA TYR D 43 -7.67 -61.69 36.82
C TYR D 43 -8.52 -60.70 36.00
N GLY D 44 -7.95 -60.21 34.89
CA GLY D 44 -8.47 -59.06 34.15
C GLY D 44 -7.41 -57.98 34.27
N ASP D 45 -6.98 -57.75 35.52
CA ASP D 45 -5.84 -56.92 35.87
C ASP D 45 -4.44 -57.53 35.48
N ILE D 46 -3.88 -58.40 36.32
CA ILE D 46 -2.57 -59.11 36.12
C ILE D 46 -2.78 -60.44 35.35
N PHE D 47 -1.71 -61.09 34.88
CA PHE D 47 -1.73 -62.54 34.55
C PHE D 47 -0.39 -63.12 34.06
N THR D 48 -0.25 -64.45 34.19
CA THR D 48 1.02 -65.14 34.02
C THR D 48 0.91 -66.34 33.06
N MET D 49 1.99 -66.66 32.37
CA MET D 49 2.11 -67.89 31.55
C MET D 49 3.53 -68.42 31.73
N LYS D 50 3.65 -69.67 32.17
CA LYS D 50 4.90 -70.41 32.06
C LYS D 50 5.09 -70.64 30.58
N VAL D 51 6.28 -70.34 30.09
CA VAL D 51 6.66 -70.56 28.70
C VAL D 51 8.14 -70.86 28.71
N PHE D 52 8.53 -71.95 28.06
CA PHE D 52 9.94 -72.27 27.93
C PHE D 52 10.73 -72.38 29.26
N GLY D 53 10.04 -72.43 30.39
CA GLY D 53 10.70 -72.50 31.68
C GLY D 53 11.10 -71.18 32.31
N GLN D 54 10.68 -70.05 31.73
CA GLN D 54 10.45 -68.85 32.55
C GLN D 54 8.94 -68.64 32.69
N ARG D 55 8.56 -67.93 33.75
CA ARG D 55 7.19 -67.47 33.91
C ARG D 55 7.15 -65.98 33.64
N LEU D 56 6.27 -65.62 32.71
CA LEU D 56 6.10 -64.30 32.23
C LEU D 56 4.89 -63.80 32.95
N THR D 57 4.98 -62.62 33.53
CA THR D 57 3.97 -62.07 34.42
C THR D 57 3.63 -60.68 33.89
N PHE D 58 2.43 -60.48 33.37
CA PHE D 58 2.04 -59.22 32.71
C PHE D 58 1.25 -58.29 33.62
N LEU D 59 1.80 -57.11 33.92
CA LEU D 59 1.05 -56.10 34.62
C LEU D 59 0.35 -55.30 33.52
N VAL D 60 -0.99 -55.29 33.57
CA VAL D 60 -1.85 -54.55 32.60
C VAL D 60 -2.90 -53.70 33.31
N GLY D 61 -3.10 -52.49 32.78
CA GLY D 61 -3.89 -51.49 33.47
C GLY D 61 -3.08 -50.76 34.56
N PRO D 62 -3.20 -49.42 34.63
CA PRO D 62 -2.48 -48.49 35.51
C PRO D 62 -2.17 -48.99 36.91
N ASP D 63 -3.21 -49.56 37.52
CA ASP D 63 -3.15 -50.09 38.88
C ASP D 63 -1.95 -51.02 38.98
N ALA D 64 -1.86 -51.93 38.01
CA ALA D 64 -0.76 -52.91 37.90
C ALA D 64 0.61 -52.31 37.57
N HIS D 65 0.62 -51.28 36.73
CA HIS D 65 1.86 -50.71 36.24
C HIS D 65 2.72 -50.24 37.39
N VAL D 66 2.07 -49.75 38.44
CA VAL D 66 2.72 -49.12 39.61
C VAL D 66 4.09 -49.75 40.02
N PRO D 67 4.14 -51.05 40.32
CA PRO D 67 5.42 -51.71 40.68
C PRO D 67 6.48 -51.89 39.60
N PHE D 68 6.05 -51.89 38.33
CA PHE D 68 6.97 -52.08 37.20
C PHE D 68 7.74 -50.80 37.00
N PHE D 69 7.01 -49.73 36.83
CA PHE D 69 7.61 -48.45 36.61
C PHE D 69 8.08 -47.77 37.91
N SER D 70 7.83 -48.36 39.08
CA SER D 70 8.39 -47.80 40.33
C SER D 70 9.85 -48.18 40.47
N GLN D 71 10.12 -49.25 41.20
CA GLN D 71 11.38 -49.39 41.96
C GLN D 71 12.69 -49.22 41.12
N GLY D 72 13.83 -49.15 41.81
CA GLY D 72 15.13 -48.86 41.18
C GLY D 72 15.82 -50.03 40.47
N ASP D 73 16.93 -49.72 39.77
CA ASP D 73 17.69 -50.67 38.95
C ASP D 73 17.95 -52.01 39.66
N ALA D 74 18.14 -51.96 40.99
CA ALA D 74 18.44 -53.14 41.82
C ALA D 74 17.20 -53.83 42.44
N GLU D 75 15.98 -53.38 42.11
CA GLU D 75 14.75 -54.17 42.33
C GLU D 75 14.38 -54.96 41.06
N LEU D 76 14.19 -54.23 39.96
CA LEU D 76 13.86 -54.83 38.66
C LEU D 76 14.99 -54.52 37.68
N SER D 77 15.55 -55.57 37.07
CA SER D 77 16.74 -55.50 36.20
C SER D 77 16.38 -55.61 34.71
N GLN D 78 17.01 -54.79 33.88
CA GLN D 78 16.85 -54.87 32.42
C GLN D 78 17.95 -55.71 31.80
N ASP D 79 18.98 -56.06 32.58
CA ASP D 79 20.14 -56.81 32.07
C ASP D 79 19.67 -57.96 31.18
N GLU D 80 19.00 -58.93 31.80
CA GLU D 80 18.66 -60.21 31.15
C GLU D 80 17.74 -59.99 29.95
N PRO D 81 16.51 -59.51 30.17
CA PRO D 81 15.55 -59.44 29.08
C PRO D 81 16.03 -58.72 27.83
N TYR D 82 16.63 -57.55 28.02
CA TYR D 82 17.18 -56.77 26.90
C TYR D 82 18.59 -57.15 26.42
N GLN D 83 19.13 -58.29 26.87
CA GLN D 83 20.48 -58.71 26.42
C GLN D 83 20.49 -59.32 25.03
N PHE D 84 19.36 -59.25 24.34
CA PHE D 84 19.35 -59.47 22.90
C PHE D 84 20.12 -58.42 22.11
N SER D 85 20.22 -57.23 22.71
CA SER D 85 20.77 -56.05 22.05
C SER D 85 22.29 -55.99 22.09
N VAL D 86 22.90 -56.41 23.21
CA VAL D 86 24.35 -56.26 23.45
C VAL D 86 25.24 -56.44 22.19
N PRO D 87 25.16 -57.62 21.53
CA PRO D 87 25.98 -57.82 20.33
C PRO D 87 25.66 -56.89 19.15
N ILE D 88 24.43 -56.38 19.08
CA ILE D 88 24.01 -55.48 17.99
C ILE D 88 24.72 -54.14 18.17
N PHE D 89 24.64 -53.60 19.38
CA PHE D 89 25.20 -52.28 19.69
C PHE D 89 26.70 -52.44 19.98
N GLY D 90 27.00 -53.19 21.03
CA GLY D 90 28.36 -53.33 21.53
C GLY D 90 28.37 -53.68 23.01
N PRO D 91 29.46 -54.32 23.49
CA PRO D 91 29.64 -54.63 24.90
C PRO D 91 30.24 -53.45 25.63
N ASN D 92 30.01 -53.43 26.94
CA ASN D 92 30.24 -52.23 27.76
C ASN D 92 29.38 -51.02 27.29
N VAL D 93 28.30 -51.29 26.56
CA VAL D 93 27.44 -50.25 25.95
C VAL D 93 25.96 -50.51 26.30
N VAL D 94 25.46 -49.60 27.12
CA VAL D 94 24.10 -49.63 27.63
C VAL D 94 23.94 -50.93 28.41
N TYR D 95 23.36 -51.95 27.78
CA TYR D 95 23.02 -53.13 28.51
C TYR D 95 24.26 -54.04 28.56
N GLY D 96 25.18 -53.88 27.61
CA GLY D 96 26.52 -54.47 27.78
C GLY D 96 27.26 -53.96 29.01
N ALA D 97 27.07 -52.69 29.33
CA ALA D 97 27.74 -52.06 30.46
C ALA D 97 27.12 -52.49 31.77
N ASP D 98 27.94 -52.54 32.82
CA ASP D 98 27.47 -52.62 34.20
C ASP D 98 26.77 -51.32 34.62
N LEU D 99 26.01 -51.37 35.72
CA LEU D 99 25.21 -50.21 36.16
C LEU D 99 26.03 -48.93 36.30
N ALA D 100 27.22 -49.05 36.90
CA ALA D 100 28.05 -47.87 37.17
C ALA D 100 28.28 -47.10 35.87
N HIS D 101 28.85 -47.79 34.88
CA HIS D 101 29.13 -47.23 33.56
C HIS D 101 27.83 -46.89 32.77
N ARG D 102 26.81 -47.75 32.93
CA ARG D 102 25.55 -47.63 32.19
C ARG D 102 24.78 -46.38 32.57
N ASN D 103 24.41 -46.27 33.84
CA ASN D 103 23.80 -45.07 34.40
C ASN D 103 24.41 -43.79 33.79
N GLN D 104 25.73 -43.81 33.62
CA GLN D 104 26.48 -42.69 33.10
C GLN D 104 26.29 -42.48 31.59
N GLN D 105 26.35 -43.56 30.81
CA GLN D 105 26.02 -43.45 29.38
C GLN D 105 24.55 -43.03 29.14
N LEU D 106 23.67 -43.30 30.07
CA LEU D 106 22.30 -42.81 30.02
C LEU D 106 22.22 -41.28 30.12
N LYS D 107 23.06 -40.65 30.97
CA LYS D 107 23.15 -39.18 31.02
C LYS D 107 23.83 -38.56 29.77
N PHE D 108 24.79 -39.26 29.17
CA PHE D 108 25.44 -38.76 27.95
C PHE D 108 24.45 -38.65 26.81
N ILE D 109 23.67 -39.71 26.62
CA ILE D 109 22.56 -39.75 25.66
C ILE D 109 21.59 -38.63 26.00
N ALA D 110 21.14 -38.62 27.26
CA ALA D 110 20.18 -37.64 27.77
C ALA D 110 20.60 -36.21 27.44
N ALA D 111 21.90 -35.94 27.53
CA ALA D 111 22.45 -34.67 27.11
C ALA D 111 22.38 -34.47 25.58
N SER D 112 22.70 -35.51 24.83
CA SER D 112 22.64 -35.45 23.36
C SER D 112 21.24 -35.23 22.79
N LEU D 113 20.22 -35.62 23.56
CA LEU D 113 18.81 -35.50 23.16
C LEU D 113 18.00 -34.47 23.93
N SER D 114 18.49 -33.94 25.06
CA SER D 114 17.72 -32.93 25.83
C SER D 114 17.53 -31.65 25.03
N THR D 115 16.57 -30.86 25.51
CA THR D 115 16.06 -29.70 24.79
C THR D 115 17.08 -28.74 24.16
N LYS D 116 18.26 -28.57 24.77
CA LYS D 116 19.28 -27.67 24.20
C LYS D 116 19.84 -28.19 22.85
N ALA D 117 20.41 -29.39 22.86
CA ALA D 117 20.99 -29.98 21.65
C ALA D 117 19.92 -30.19 20.58
N LEU D 118 18.68 -30.42 21.03
CA LEU D 118 17.51 -30.53 20.15
C LEU D 118 17.28 -29.30 19.30
N GLN D 119 17.15 -28.12 19.94
CA GLN D 119 17.03 -26.81 19.23
C GLN D 119 18.09 -26.71 18.15
N SER D 120 19.29 -27.17 18.50
CA SER D 120 20.38 -27.41 17.56
C SER D 120 19.93 -28.22 16.34
N TYR D 121 19.26 -29.35 16.56
CA TYR D 121 18.92 -30.26 15.45
C TYR D 121 17.68 -29.82 14.61
N VAL D 122 16.66 -29.22 15.24
CA VAL D 122 15.30 -29.09 14.62
C VAL D 122 15.27 -28.34 13.27
N PRO D 123 16.19 -27.36 13.08
CA PRO D 123 16.42 -26.89 11.72
C PRO D 123 16.69 -28.05 10.76
N LEU D 124 17.71 -28.85 11.08
CA LEU D 124 18.15 -29.98 10.23
C LEU D 124 17.06 -31.02 10.04
N ILE D 125 16.31 -31.27 11.11
CA ILE D 125 15.15 -32.15 11.03
C ILE D 125 14.17 -31.64 9.97
N VAL D 126 14.05 -30.33 9.84
CA VAL D 126 13.21 -29.73 8.79
C VAL D 126 13.88 -29.71 7.41
N LYS D 127 15.19 -29.41 7.38
CA LYS D 127 15.95 -29.31 6.13
C LYS D 127 15.82 -30.62 5.34
N GLU D 128 16.20 -31.73 5.98
CA GLU D 128 16.24 -33.06 5.36
C GLU D 128 14.87 -33.39 4.82
N ALA D 129 13.87 -33.17 5.67
CA ALA D 129 12.45 -33.41 5.37
C ALA D 129 11.99 -32.82 4.04
N GLU D 130 12.17 -31.52 3.90
CA GLU D 130 11.69 -30.80 2.72
C GLU D 130 12.54 -31.13 1.49
N ASP D 131 13.84 -31.38 1.69
CA ASP D 131 14.72 -31.82 0.58
C ASP D 131 14.32 -33.19 0.04
N PHE D 132 13.80 -34.05 0.92
CA PHE D 132 13.21 -35.35 0.55
C PHE D 132 11.81 -35.17 -0.06
N PHE D 133 10.85 -34.68 0.73
CA PHE D 133 9.45 -34.57 0.28
C PHE D 133 9.22 -33.74 -0.98
N ALA D 134 10.12 -32.80 -1.29
CA ALA D 134 10.02 -32.02 -2.53
C ALA D 134 10.21 -32.90 -3.75
N LYS D 135 11.05 -33.94 -3.62
CA LYS D 135 11.39 -34.83 -4.75
C LYS D 135 10.21 -35.58 -5.37
N TRP D 136 9.10 -35.72 -4.64
CA TRP D 136 7.88 -36.33 -5.21
C TRP D 136 7.23 -35.35 -6.21
N ASP D 137 6.41 -35.91 -7.10
CA ASP D 137 5.94 -35.19 -8.29
C ASP D 137 4.58 -34.51 -8.02
N LYS D 138 3.95 -33.98 -9.07
CA LYS D 138 2.59 -33.46 -8.93
C LYS D 138 1.72 -34.55 -8.31
N SER D 139 1.78 -35.74 -8.93
CA SER D 139 1.07 -36.93 -8.45
C SER D 139 1.83 -38.24 -8.75
N GLY D 140 1.35 -39.30 -8.11
CA GLY D 140 1.97 -40.64 -8.11
C GLY D 140 1.37 -41.40 -6.93
N THR D 141 2.09 -42.36 -6.36
CA THR D 141 1.69 -42.99 -5.07
C THR D 141 2.91 -43.57 -4.35
N VAL D 142 2.87 -43.58 -3.02
CA VAL D 142 3.95 -44.16 -2.22
C VAL D 142 3.43 -44.90 -0.99
N ASP D 143 4.31 -45.71 -0.42
CA ASP D 143 4.09 -46.47 0.82
C ASP D 143 4.77 -45.70 1.96
N ILE D 144 3.97 -45.31 2.94
CA ILE D 144 4.40 -44.34 3.96
C ILE D 144 5.51 -44.91 4.85
N ARG D 145 5.33 -46.13 5.34
CA ARG D 145 6.33 -46.80 6.19
C ARG D 145 7.65 -46.99 5.45
N ASP D 146 7.56 -47.40 4.18
CA ASP D 146 8.73 -47.48 3.30
C ASP D 146 9.36 -46.08 3.12
N ALA D 147 8.52 -45.07 2.94
CA ALA D 147 8.98 -43.68 2.79
C ALA D 147 9.61 -43.16 4.09
N LEU D 148 8.77 -42.93 5.12
CA LEU D 148 9.19 -42.25 6.38
C LEU D 148 10.47 -42.80 7.00
N ALA D 149 10.67 -44.11 6.85
CA ALA D 149 11.91 -44.75 7.21
C ALA D 149 13.14 -44.12 6.51
N GLU D 150 13.06 -43.94 5.19
CA GLU D 150 14.18 -43.37 4.38
C GLU D 150 14.64 -42.00 4.89
N LEU D 151 13.67 -41.17 5.24
CA LEU D 151 13.92 -39.85 5.80
C LEU D 151 14.51 -39.93 7.20
N ILE D 152 13.93 -40.79 8.04
CA ILE D 152 14.36 -40.88 9.43
C ILE D 152 15.76 -41.48 9.55
N ILE D 153 16.05 -42.53 8.77
CA ILE D 153 17.43 -43.10 8.69
C ILE D 153 18.45 -42.05 8.26
N LEU D 154 18.02 -41.19 7.33
CA LEU D 154 18.87 -40.13 6.79
C LEU D 154 19.05 -38.97 7.81
N THR D 155 17.97 -38.41 8.37
CA THR D 155 18.09 -37.31 9.35
C THR D 155 18.94 -37.79 10.51
N ALA D 156 18.65 -38.98 11.02
CA ALA D 156 19.34 -39.52 12.19
C ALA D 156 20.86 -39.70 11.98
N SER D 157 21.30 -39.96 10.74
CA SER D 157 22.75 -40.00 10.43
C SER D 157 23.40 -38.62 10.64
N ARG D 158 22.65 -37.56 10.31
CA ARG D 158 23.05 -36.17 10.66
C ARG D 158 23.06 -35.89 12.16
N CYS D 159 21.94 -36.06 12.83
CA CYS D 159 21.83 -35.61 14.22
C CYS D 159 22.65 -36.45 15.21
N LEU D 160 22.94 -37.69 14.83
CA LEU D 160 23.76 -38.58 15.65
C LEU D 160 25.23 -38.55 15.19
N MET D 161 25.47 -38.95 13.94
CA MET D 161 26.81 -39.29 13.46
C MET D 161 27.60 -38.15 12.81
N GLY D 162 26.94 -37.04 12.49
CA GLY D 162 27.62 -35.84 12.01
C GLY D 162 27.53 -35.61 10.52
N LYS D 163 27.89 -34.40 10.08
CA LYS D 163 27.77 -33.98 8.68
C LYS D 163 28.75 -34.73 7.76
N GLU D 164 29.90 -35.20 8.28
CA GLU D 164 30.78 -36.05 7.48
C GLU D 164 30.01 -37.33 7.08
N ILE D 165 29.74 -38.19 8.07
CA ILE D 165 29.09 -39.50 7.86
C ILE D 165 27.87 -39.37 6.96
N ARG D 166 27.06 -38.37 7.25
CA ARG D 166 25.79 -38.11 6.56
C ARG D 166 25.91 -37.80 5.06
N GLU D 167 26.70 -36.77 4.75
CA GLU D 167 26.75 -36.26 3.37
C GLU D 167 27.67 -37.10 2.48
N ASN D 168 28.52 -37.96 3.07
CA ASN D 168 29.37 -38.90 2.32
C ASN D 168 28.92 -40.38 2.37
N LEU D 169 29.08 -40.97 3.56
CA LEU D 169 29.09 -42.40 3.76
C LEU D 169 27.71 -42.88 4.22
N PHE D 170 26.64 -42.35 3.62
CA PHE D 170 25.28 -42.64 4.10
C PHE D 170 24.84 -44.00 3.62
N THR D 171 24.92 -44.22 2.31
CA THR D 171 24.53 -45.52 1.79
C THR D 171 25.58 -46.57 2.20
N GLU D 172 26.79 -46.16 2.64
CA GLU D 172 27.64 -47.07 3.44
C GLU D 172 26.96 -47.46 4.75
N VAL D 173 26.70 -46.47 5.60
CA VAL D 173 26.09 -46.71 6.92
C VAL D 173 24.58 -47.07 6.87
N ALA D 174 23.91 -46.89 5.73
CA ALA D 174 22.54 -47.40 5.53
C ALA D 174 22.51 -48.92 5.44
N LYS D 175 23.62 -49.49 4.96
CA LYS D 175 23.85 -50.93 4.88
C LYS D 175 24.40 -51.46 6.19
N LEU D 176 25.55 -50.96 6.67
CA LEU D 176 26.12 -51.42 7.96
C LEU D 176 25.03 -51.57 9.07
N TYR D 177 24.03 -50.67 9.08
CA TYR D 177 22.82 -50.84 9.89
C TYR D 177 22.06 -52.05 9.39
N GLN D 178 21.47 -51.98 8.20
CA GLN D 178 20.68 -53.09 7.62
C GLN D 178 21.14 -54.49 8.15
N THR D 179 22.39 -54.85 7.87
CA THR D 179 23.00 -56.04 8.45
C THR D 179 22.63 -56.20 9.92
N LEU D 180 23.08 -55.27 10.76
CA LEU D 180 22.89 -55.32 12.23
C LEU D 180 21.45 -55.68 12.63
N ASP D 181 20.52 -55.05 11.91
CA ASP D 181 19.08 -55.17 12.09
C ASP D 181 18.54 -56.56 11.66
N GLU D 182 19.14 -57.10 10.60
CA GLU D 182 18.85 -58.49 10.19
C GLU D 182 19.44 -59.50 11.17
N GLY D 183 20.57 -59.16 11.81
CA GLY D 183 21.13 -59.93 12.92
C GLY D 183 20.34 -59.97 14.23
N LEU D 184 19.10 -59.48 14.20
CA LEU D 184 18.16 -59.68 15.27
C LEU D 184 16.98 -60.50 14.76
N LEU D 185 17.06 -61.79 15.03
CA LEU D 185 15.97 -62.76 14.80
C LEU D 185 15.37 -63.14 16.17
N PRO D 186 14.08 -63.56 16.20
CA PRO D 186 13.50 -63.92 17.52
C PRO D 186 14.30 -65.04 18.21
N ILE D 187 15.03 -65.82 17.43
CA ILE D 187 16.04 -66.75 17.93
C ILE D 187 17.14 -66.02 18.75
N SER D 188 17.49 -64.80 18.32
CA SER D 188 18.53 -64.00 18.96
C SER D 188 18.15 -63.45 20.32
N VAL D 189 16.85 -63.36 20.65
CA VAL D 189 16.45 -62.75 21.95
C VAL D 189 16.68 -63.66 23.18
N PHE D 190 16.84 -64.96 22.96
CA PHE D 190 17.16 -65.92 24.03
C PHE D 190 18.63 -66.35 23.96
N PHE D 191 19.03 -66.71 22.74
CA PHE D 191 20.37 -67.16 22.42
C PHE D 191 20.95 -66.17 21.42
N PRO D 192 21.64 -65.12 21.92
CA PRO D 192 22.13 -64.08 21.04
C PRO D 192 23.51 -64.41 20.42
N TYR D 193 24.02 -65.63 20.64
CA TYR D 193 25.26 -66.10 19.99
C TYR D 193 25.11 -67.53 19.45
N LEU D 194 24.33 -67.68 18.39
CA LEU D 194 24.43 -68.88 17.54
C LEU D 194 25.32 -68.52 16.37
N PRO D 195 26.30 -69.35 16.04
CA PRO D 195 27.00 -69.13 14.78
C PRO D 195 26.09 -69.37 13.57
N ILE D 196 25.14 -68.46 13.31
CA ILE D 196 24.12 -68.68 12.27
C ILE D 196 24.38 -67.73 11.06
N PRO D 197 23.46 -67.65 10.04
CA PRO D 197 23.96 -66.90 8.88
C PRO D 197 24.13 -65.40 9.16
N ALA D 198 23.34 -64.85 10.10
CA ALA D 198 23.22 -63.41 10.35
C ALA D 198 24.12 -62.87 11.47
N HIS D 199 24.24 -63.60 12.58
CA HIS D 199 25.15 -63.22 13.69
C HIS D 199 26.62 -63.20 13.24
N LYS D 200 26.90 -63.92 12.15
CA LYS D 200 28.11 -63.70 11.33
C LYS D 200 28.20 -62.21 10.94
N ARG D 201 27.39 -61.82 9.97
CA ARG D 201 27.49 -60.52 9.32
C ARG D 201 27.17 -59.41 10.28
N ARG D 202 26.21 -59.64 11.17
CA ARG D 202 25.99 -58.75 12.30
C ARG D 202 27.33 -58.35 12.94
N ASP D 203 28.06 -59.29 13.53
CA ASP D 203 29.28 -58.92 14.23
C ASP D 203 30.39 -58.46 13.31
N GLU D 204 30.32 -58.83 12.03
CA GLU D 204 31.27 -58.35 11.00
C GLU D 204 30.94 -56.89 10.69
N ALA D 205 29.73 -56.65 10.17
CA ALA D 205 29.30 -55.32 9.74
C ALA D 205 29.24 -54.29 10.88
N ARG D 206 29.17 -54.73 12.14
CA ARG D 206 29.33 -53.83 13.30
C ARG D 206 30.75 -53.34 13.45
N LEU D 207 31.70 -54.26 13.54
CA LEU D 207 33.12 -53.91 13.76
C LEU D 207 33.75 -53.17 12.55
N ALA D 208 33.13 -53.27 11.37
CA ALA D 208 33.42 -52.35 10.23
C ALA D 208 33.00 -50.91 10.53
N MET D 209 31.95 -50.74 11.34
CA MET D 209 31.46 -49.43 11.79
C MET D 209 32.28 -48.79 12.93
N VAL D 210 32.88 -49.57 13.83
CA VAL D 210 33.81 -49.02 14.83
C VAL D 210 35.08 -48.59 14.09
N ARG D 211 35.49 -49.38 13.11
CA ARG D 211 36.58 -49.02 12.19
C ARG D 211 36.24 -47.75 11.36
N MET D 212 34.98 -47.61 10.91
CA MET D 212 34.52 -46.40 10.15
C MET D 212 34.50 -45.09 10.96
N PHE D 213 34.47 -45.18 12.29
CA PHE D 213 34.57 -44.01 13.17
C PHE D 213 35.96 -43.95 13.84
N LYS D 214 36.94 -44.68 13.31
CA LYS D 214 38.38 -44.52 13.64
C LYS D 214 38.98 -43.52 12.65
N LYS D 215 38.61 -43.64 11.38
CA LYS D 215 38.90 -42.59 10.38
C LYS D 215 38.05 -41.30 10.58
N ILE D 216 37.26 -41.18 11.66
CA ILE D 216 36.52 -39.93 12.01
C ILE D 216 36.81 -39.40 13.41
N ILE D 217 36.46 -40.15 14.45
CA ILE D 217 36.65 -39.69 15.85
C ILE D 217 38.10 -39.22 16.11
N ASP D 218 39.05 -39.85 15.40
CA ASP D 218 40.45 -39.42 15.36
C ASP D 218 40.62 -38.07 14.63
N GLU D 219 40.02 -37.98 13.44
CA GLU D 219 39.98 -36.74 12.65
C GLU D 219 39.54 -35.49 13.45
N ARG D 220 38.38 -35.55 14.13
CA ARG D 220 37.87 -34.42 14.90
C ARG D 220 38.59 -34.16 16.25
N ARG D 221 39.39 -35.13 16.70
CA ARG D 221 40.37 -34.88 17.77
C ARG D 221 41.60 -34.20 17.17
N ALA D 222 41.91 -34.52 15.90
CA ALA D 222 43.02 -33.92 15.13
C ALA D 222 42.79 -32.47 14.70
N ASN D 223 41.52 -32.13 14.41
CA ASN D 223 41.08 -30.76 14.12
C ASN D 223 40.19 -30.24 15.28
N PRO D 224 40.74 -30.13 16.51
CA PRO D 224 39.92 -29.86 17.71
C PRO D 224 39.27 -28.48 17.76
N GLU D 225 39.73 -27.57 16.89
CA GLU D 225 39.10 -26.27 16.71
C GLU D 225 37.66 -26.50 16.28
N VAL D 226 37.49 -27.06 15.08
CA VAL D 226 36.19 -27.06 14.39
C VAL D 226 35.06 -27.64 15.28
N LYS D 227 34.06 -26.79 15.59
CA LYS D 227 32.90 -27.23 16.35
C LYS D 227 32.00 -28.07 15.44
N HIS D 228 31.28 -29.03 16.03
CA HIS D 228 30.35 -29.93 15.30
C HIS D 228 29.00 -30.11 16.04
N ASN D 229 27.87 -30.10 15.30
CA ASN D 229 26.51 -30.31 15.88
C ASN D 229 25.89 -31.71 15.61
N ASP D 230 26.06 -32.61 16.60
CA ASP D 230 25.56 -33.99 16.55
C ASP D 230 25.63 -34.61 17.95
N CYS D 231 25.29 -35.89 18.06
CA CYS D 231 25.47 -36.65 19.32
C CYS D 231 26.91 -37.14 19.46
N LEU D 232 27.43 -37.67 18.36
CA LEU D 232 28.81 -38.14 18.27
C LEU D 232 29.76 -37.23 19.07
N GLN D 233 29.65 -35.93 18.80
CA GLN D 233 30.40 -34.90 19.53
C GLN D 233 30.09 -34.97 21.02
N VAL D 234 28.81 -34.95 21.41
CA VAL D 234 28.46 -35.11 22.83
C VAL D 234 29.17 -36.30 23.48
N PHE D 235 29.23 -37.43 22.75
CA PHE D 235 29.86 -38.65 23.27
C PHE D 235 31.39 -38.54 23.26
N MET D 236 31.95 -37.84 22.26
CA MET D 236 33.41 -37.54 22.24
C MET D 236 33.90 -36.58 23.33
N ASP D 237 33.01 -35.73 23.85
CA ASP D 237 33.32 -34.84 24.97
C ASP D 237 32.85 -35.41 26.33
N ALA D 238 32.02 -36.44 26.32
CA ALA D 238 31.59 -37.10 27.56
C ALA D 238 32.74 -37.82 28.27
N ARG D 239 32.67 -37.91 29.59
CA ARG D 239 33.67 -38.63 30.41
C ARG D 239 33.09 -39.26 31.70
N TYR D 240 33.66 -40.39 32.12
CA TYR D 240 33.13 -41.13 33.27
C TYR D 240 33.37 -40.40 34.58
N ARG D 241 32.31 -40.25 35.38
CA ARG D 241 32.37 -39.59 36.70
C ARG D 241 33.34 -40.27 37.66
N GLY D 242 34.62 -40.03 37.43
CA GLY D 242 35.71 -40.68 38.18
C GLY D 242 36.77 -41.22 37.26
N GLU D 243 37.41 -40.34 36.50
CA GLU D 243 38.56 -40.68 35.66
C GLU D 243 39.08 -39.46 34.89
N GLU D 244 39.98 -39.71 33.94
CA GLU D 244 40.35 -38.75 32.88
C GLU D 244 40.08 -39.27 31.45
N GLN D 245 40.25 -40.59 31.24
CA GLN D 245 40.03 -41.22 29.93
C GLN D 245 38.57 -41.18 29.43
N ALA D 246 38.43 -40.88 28.14
CA ALA D 246 37.13 -40.76 27.47
C ALA D 246 36.55 -42.14 27.11
N LEU D 247 35.40 -42.16 26.44
CA LEU D 247 34.89 -43.38 25.81
C LEU D 247 35.82 -43.69 24.64
N ASN D 248 36.10 -44.97 24.40
CA ASN D 248 36.87 -45.38 23.20
C ASN D 248 35.99 -45.38 21.94
N ASP D 249 36.60 -45.62 20.78
CA ASP D 249 35.87 -45.61 19.49
C ASP D 249 34.64 -46.57 19.51
N GLU D 250 34.82 -47.79 20.01
CA GLU D 250 33.75 -48.81 20.09
C GLU D 250 32.52 -48.35 20.91
N GLU D 251 32.76 -47.99 22.18
CA GLU D 251 31.71 -47.60 23.12
C GLU D 251 30.80 -46.53 22.52
N ILE D 252 31.44 -45.48 22.00
CA ILE D 252 30.78 -44.44 21.22
C ILE D 252 29.96 -45.04 20.08
N THR D 253 30.61 -45.81 19.20
CA THR D 253 29.92 -46.38 18.03
C THR D 253 28.65 -47.12 18.45
N GLY D 254 28.78 -47.96 19.49
CA GLY D 254 27.63 -48.60 20.08
C GLY D 254 26.54 -47.61 20.45
N LEU D 255 26.92 -46.60 21.22
CA LEU D 255 25.97 -45.61 21.69
C LEU D 255 25.21 -44.93 20.60
N MET D 256 25.87 -44.70 19.47
CA MET D 256 25.21 -44.11 18.32
C MET D 256 24.31 -45.14 17.63
N ILE D 257 24.85 -46.35 17.41
CA ILE D 257 24.09 -47.45 16.79
C ILE D 257 22.76 -47.60 17.55
N ALA D 258 22.85 -47.67 18.87
CA ALA D 258 21.70 -47.85 19.76
C ALA D 258 20.60 -46.82 19.57
N LEU D 259 20.99 -45.57 19.37
CA LEU D 259 20.04 -44.49 19.10
C LEU D 259 19.51 -44.57 17.67
N LEU D 260 20.41 -44.97 16.75
CA LEU D 260 20.04 -45.16 15.36
C LEU D 260 19.00 -46.26 15.26
N PHE D 261 19.28 -47.34 15.99
CA PHE D 261 18.40 -48.47 16.12
C PHE D 261 17.07 -47.99 16.64
N ALA D 262 17.11 -47.25 17.75
CA ALA D 262 15.91 -46.79 18.43
C ALA D 262 14.98 -45.94 17.53
N GLY D 263 15.56 -45.00 16.78
CA GLY D 263 14.82 -44.17 15.83
C GLY D 263 14.13 -44.96 14.74
N GLN D 264 14.90 -45.82 14.05
CA GLN D 264 14.34 -46.68 12.98
C GLN D 264 13.26 -47.67 13.50
N HIS D 265 13.45 -48.25 14.68
CA HIS D 265 12.47 -49.22 15.24
C HIS D 265 11.18 -48.63 15.85
N THR D 266 11.10 -47.31 16.00
CA THR D 266 9.98 -46.70 16.75
C THR D 266 9.38 -45.49 16.06
N SER D 267 10.24 -44.54 15.75
CA SER D 267 9.82 -43.31 15.10
C SER D 267 9.28 -43.59 13.69
N SER D 268 9.94 -44.47 12.93
CA SER D 268 9.51 -44.80 11.55
C SER D 268 8.06 -45.24 11.41
N VAL D 269 7.53 -45.78 12.49
CA VAL D 269 6.32 -46.58 12.46
C VAL D 269 5.22 -45.79 13.17
N THR D 270 5.51 -45.29 14.38
CA THR D 270 4.56 -44.45 15.11
C THR D 270 4.38 -43.16 14.33
N GLY D 271 5.39 -42.81 13.53
CA GLY D 271 5.24 -41.82 12.46
C GLY D 271 4.21 -42.24 11.42
N SER D 272 4.51 -43.37 10.75
CA SER D 272 3.65 -43.91 9.70
C SER D 272 2.19 -44.04 10.10
N TRP D 273 1.98 -44.53 11.32
CA TRP D 273 0.63 -44.68 11.86
C TRP D 273 -0.11 -43.34 11.83
N THR D 274 0.48 -42.33 12.45
CA THR D 274 -0.13 -41.00 12.58
C THR D 274 -0.96 -40.67 11.36
N GLY D 275 -0.32 -40.84 10.18
CA GLY D 275 -0.89 -40.50 8.89
C GLY D 275 -1.92 -41.46 8.32
N LEU D 276 -1.58 -42.75 8.28
CA LEU D 276 -2.52 -43.76 7.79
C LEU D 276 -3.86 -43.66 8.52
N LEU D 277 -3.80 -43.42 9.84
CA LEU D 277 -4.99 -43.17 10.68
C LEU D 277 -5.74 -41.88 10.37
N LEU D 278 -5.01 -40.79 10.14
CA LEU D 278 -5.60 -39.47 9.89
C LEU D 278 -6.42 -39.46 8.60
N PHE D 279 -5.77 -39.83 7.48
CA PHE D 279 -6.42 -39.80 6.15
C PHE D 279 -7.35 -40.98 5.80
N GLU D 280 -7.66 -41.80 6.81
CA GLU D 280 -8.76 -42.72 6.75
C GLU D 280 -10.10 -42.00 6.68
N ALA D 281 -10.96 -42.44 5.76
CA ALA D 281 -12.34 -41.96 5.60
C ALA D 281 -12.97 -41.34 6.85
N ASN D 282 -13.33 -42.16 7.84
CA ASN D 282 -14.03 -41.67 9.06
C ASN D 282 -13.28 -40.65 9.95
N ASN D 283 -11.95 -40.74 10.01
CA ASN D 283 -11.12 -39.83 10.84
C ASN D 283 -10.78 -38.52 10.14
N LYS D 284 -10.50 -38.61 8.85
CA LYS D 284 -10.36 -37.44 7.99
C LYS D 284 -11.50 -36.46 8.30
N LYS D 285 -12.74 -36.91 8.13
CA LYS D 285 -13.95 -36.06 8.34
C LYS D 285 -13.98 -35.33 9.70
N LYS D 286 -13.75 -36.08 10.77
CA LYS D 286 -13.98 -35.55 12.13
C LYS D 286 -12.82 -34.67 12.58
N PHE D 287 -11.64 -34.84 11.98
CA PHE D 287 -10.40 -34.28 12.54
C PHE D 287 -9.51 -33.38 11.63
N LEU D 288 -9.30 -33.73 10.36
CA LEU D 288 -8.39 -32.96 9.45
C LEU D 288 -8.70 -31.45 9.26
N PRO D 289 -9.99 -31.06 9.28
CA PRO D 289 -10.33 -29.66 9.52
C PRO D 289 -9.68 -29.07 10.79
N GLY D 290 -9.80 -29.77 11.91
CA GLY D 290 -9.12 -29.36 13.15
C GLY D 290 -7.62 -29.11 13.05
N VAL D 291 -6.91 -29.94 12.27
CA VAL D 291 -5.45 -29.88 12.09
C VAL D 291 -5.05 -28.86 11.03
N LEU D 292 -5.69 -28.91 9.86
CA LEU D 292 -5.42 -27.91 8.81
C LEU D 292 -5.69 -26.46 9.30
N GLU D 293 -6.69 -26.29 10.16
CA GLU D 293 -7.02 -24.99 10.80
C GLU D 293 -5.96 -24.58 11.83
N GLU D 294 -5.41 -25.55 12.54
CA GLU D 294 -4.26 -25.31 13.40
C GLU D 294 -2.99 -25.02 12.59
N GLN D 295 -2.83 -25.66 11.42
CA GLN D 295 -1.68 -25.40 10.54
C GLN D 295 -1.72 -24.01 9.88
N GLU D 296 -2.93 -23.50 9.59
CA GLU D 296 -3.10 -22.12 9.13
C GLU D 296 -2.80 -21.13 10.26
N GLU D 297 -3.60 -21.16 11.34
CA GLU D 297 -3.37 -20.32 12.53
C GLU D 297 -1.92 -20.12 12.92
N ILE D 298 -1.18 -21.23 12.94
CA ILE D 298 0.26 -21.22 13.24
C ILE D 298 1.06 -20.55 12.10
N ARG D 299 0.73 -20.86 10.84
CA ARG D 299 1.30 -20.12 9.68
C ARG D 299 1.09 -18.57 9.82
N LYS D 300 -0.11 -18.17 10.25
CA LYS D 300 -0.45 -16.76 10.49
C LYS D 300 0.39 -16.10 11.60
N GLU D 301 0.85 -16.90 12.57
CA GLU D 301 1.78 -16.43 13.59
C GLU D 301 3.24 -16.55 13.16
N PHE D 302 3.72 -17.77 12.91
CA PHE D 302 5.17 -18.03 12.68
C PHE D 302 5.59 -18.20 11.18
N GLY D 303 4.66 -17.98 10.24
CA GLY D 303 5.01 -17.83 8.82
C GLY D 303 5.40 -19.07 8.03
N ASP D 304 6.48 -18.95 7.24
CA ASP D 304 6.78 -19.88 6.13
C ASP D 304 7.86 -20.92 6.42
N GLU D 305 8.58 -20.78 7.53
CA GLU D 305 9.64 -21.74 7.92
C GLU D 305 9.32 -22.27 9.30
N LEU D 306 9.70 -23.52 9.52
CA LEU D 306 9.40 -24.24 10.75
C LEU D 306 10.50 -24.01 11.76
N THR D 307 10.13 -23.58 12.94
CA THR D 307 11.07 -23.48 14.04
C THR D 307 10.62 -24.51 15.06
N MET D 308 11.49 -24.84 16.01
CA MET D 308 11.06 -25.60 17.17
C MET D 308 9.94 -24.87 17.89
N GLU D 309 10.16 -23.60 18.24
CA GLU D 309 9.19 -22.76 19.00
C GLU D 309 7.75 -22.91 18.44
N ALA D 310 7.65 -23.02 17.11
CA ALA D 310 6.39 -23.25 16.37
C ALA D 310 5.82 -24.66 16.51
N LEU D 311 6.59 -25.65 16.03
CA LEU D 311 6.21 -27.09 16.09
C LEU D 311 5.64 -27.48 17.44
N ASN D 312 6.26 -27.04 18.54
CA ASN D 312 5.83 -27.38 19.91
C ASN D 312 4.40 -27.00 20.24
N LYS D 313 3.96 -25.85 19.74
CA LYS D 313 2.59 -25.40 19.97
C LYS D 313 1.64 -25.84 18.83
N MET D 314 2.02 -26.85 18.05
CA MET D 314 1.05 -27.61 17.24
C MET D 314 0.46 -28.72 18.11
N ASP D 315 -0.60 -28.39 18.87
CA ASP D 315 -1.23 -29.34 19.80
C ASP D 315 -2.04 -30.43 19.11
N LYS D 316 -2.97 -30.02 18.24
CA LYS D 316 -3.86 -30.95 17.53
C LYS D 316 -3.07 -31.97 16.68
N LEU D 317 -2.00 -31.53 16.02
CA LEU D 317 -1.09 -32.48 15.35
C LEU D 317 -0.29 -33.32 16.34
N HIS D 318 0.12 -32.74 17.47
CA HIS D 318 0.78 -33.53 18.53
C HIS D 318 -0.12 -34.65 19.07
N ARG D 319 -1.45 -34.50 19.01
CA ARG D 319 -2.39 -35.54 19.46
C ARG D 319 -2.80 -36.60 18.40
N CYS D 320 -2.84 -36.23 17.12
CA CYS D 320 -2.98 -37.25 16.06
C CYS D 320 -1.79 -38.20 15.97
N VAL D 321 -0.64 -37.75 16.49
CA VAL D 321 0.53 -38.61 16.71
C VAL D 321 0.34 -39.39 18.01
N LYS D 322 0.02 -38.70 19.12
CA LYS D 322 -0.08 -39.36 20.45
C LYS D 322 -1.08 -40.51 20.51
N GLU D 323 -2.13 -40.47 19.67
CA GLU D 323 -3.11 -41.56 19.52
C GLU D 323 -2.60 -42.71 18.67
N ALA D 324 -1.86 -42.38 17.61
CA ALA D 324 -1.23 -43.39 16.74
C ALA D 324 -0.22 -44.26 17.48
N LEU D 325 0.53 -43.64 18.40
CA LEU D 325 1.30 -44.38 19.39
C LEU D 325 0.35 -45.18 20.27
N ARG D 326 -0.61 -44.51 20.89
CA ARG D 326 -1.59 -45.14 21.81
C ARG D 326 -2.38 -46.29 21.21
N MET D 327 -2.54 -46.32 19.89
CA MET D 327 -3.27 -47.38 19.24
C MET D 327 -2.42 -48.49 18.62
N TYR D 328 -1.18 -48.19 18.28
CA TYR D 328 -0.34 -49.21 17.71
C TYR D 328 1.12 -48.92 18.02
N PRO D 329 1.49 -49.13 19.29
CA PRO D 329 2.89 -49.07 19.78
C PRO D 329 3.97 -49.90 19.02
N PRO D 330 5.11 -49.29 18.66
CA PRO D 330 6.22 -50.05 18.04
C PRO D 330 6.96 -51.02 18.97
N LEU D 331 6.75 -50.90 20.28
CA LEU D 331 7.24 -51.87 21.25
C LEU D 331 6.04 -52.45 21.89
N LEU D 332 5.95 -53.78 21.84
CA LEU D 332 4.78 -54.47 22.33
C LEU D 332 4.91 -54.62 23.80
N PHE D 333 6.11 -55.02 24.24
CA PHE D 333 6.43 -55.26 25.64
C PHE D 333 7.57 -54.37 26.06
N VAL D 334 7.58 -54.06 27.34
CA VAL D 334 8.81 -53.70 28.03
C VAL D 334 8.94 -54.80 29.06
N MET D 335 10.20 -55.19 29.33
CA MET D 335 10.49 -56.36 30.17
C MET D 335 11.46 -56.01 31.26
N ARG D 336 11.26 -56.58 32.43
CA ARG D 336 12.21 -56.48 33.51
C ARG D 336 12.32 -57.84 34.11
N LYS D 337 13.53 -58.22 34.56
CA LYS D 337 13.76 -59.41 35.41
C LYS D 337 13.58 -59.01 36.87
N VAL D 338 12.65 -59.63 37.59
CA VAL D 338 12.38 -59.24 38.98
C VAL D 338 13.48 -59.80 39.91
N ILE D 339 14.13 -58.91 40.68
CA ILE D 339 15.12 -59.30 41.71
C ILE D 339 14.45 -59.31 43.10
N LYS D 340 14.15 -58.12 43.68
CA LYS D 340 13.40 -58.02 44.96
C LYS D 340 11.90 -58.27 44.68
N PRO D 341 11.35 -59.41 45.15
CA PRO D 341 10.00 -59.77 44.76
C PRO D 341 8.95 -58.82 45.38
N PHE D 342 7.76 -58.81 44.78
CA PHE D 342 6.70 -57.88 45.15
C PHE D 342 5.33 -58.55 45.09
N SER D 343 4.59 -58.44 46.19
CA SER D 343 3.26 -59.01 46.33
C SER D 343 2.32 -57.90 45.91
N TYR D 344 1.72 -58.05 44.72
CA TYR D 344 0.82 -57.02 44.19
C TYR D 344 -0.63 -57.40 44.44
N LYS D 345 -1.34 -56.57 45.21
CA LYS D 345 -2.70 -56.89 45.68
C LYS D 345 -2.78 -58.34 46.20
N ASP D 346 -3.01 -59.30 45.29
CA ASP D 346 -3.32 -60.68 45.65
C ASP D 346 -2.26 -61.66 45.13
N TYR D 347 -2.04 -61.65 43.81
CA TYR D 347 -0.97 -62.43 43.16
C TYR D 347 0.41 -62.02 43.73
N TYR D 348 1.26 -63.00 44.02
CA TYR D 348 2.62 -62.73 44.48
C TYR D 348 3.60 -63.11 43.38
N VAL D 349 4.42 -62.16 42.94
CA VAL D 349 5.42 -62.42 41.91
C VAL D 349 6.73 -62.68 42.64
N PRO D 350 7.35 -63.83 42.38
CA PRO D 350 8.61 -64.13 43.05
C PRO D 350 9.81 -63.57 42.36
N GLU D 351 10.97 -63.89 42.94
CA GLU D 351 12.27 -63.72 42.32
C GLU D 351 12.35 -64.42 40.97
N GLY D 352 13.19 -63.89 40.08
CA GLY D 352 13.50 -64.55 38.82
C GLY D 352 12.39 -64.66 37.78
N ASP D 353 11.21 -64.07 38.01
CA ASP D 353 10.20 -63.91 36.97
C ASP D 353 10.51 -62.68 36.17
N THR D 354 10.34 -62.78 34.85
CA THR D 354 10.39 -61.65 33.95
C THR D 354 9.01 -61.00 34.03
N VAL D 355 8.94 -59.68 34.25
CA VAL D 355 7.65 -58.94 34.25
C VAL D 355 7.50 -58.07 33.00
N PHE D 356 6.26 -58.00 32.52
CA PHE D 356 5.90 -57.45 31.22
C PHE D 356 4.84 -56.39 31.43
N VAL D 357 4.88 -55.39 30.57
CA VAL D 357 3.81 -54.40 30.48
C VAL D 357 3.66 -54.21 29.01
N SER D 358 2.44 -54.28 28.52
CA SER D 358 2.26 -53.95 27.13
C SER D 358 1.67 -52.57 26.95
N PRO D 359 2.37 -51.72 26.19
CA PRO D 359 1.74 -50.58 25.57
C PRO D 359 0.47 -50.95 24.83
N ALA D 360 0.56 -51.85 23.85
CA ALA D 360 -0.62 -52.09 23.03
C ALA D 360 -1.83 -52.55 23.90
N LEU D 361 -1.56 -53.41 24.88
CA LEU D 361 -2.61 -54.02 25.69
C LEU D 361 -3.18 -53.05 26.70
N SER D 362 -2.29 -52.42 27.46
CA SER D 362 -2.67 -51.58 28.61
C SER D 362 -3.27 -50.21 28.27
N MET D 363 -3.17 -49.84 27.01
CA MET D 363 -3.79 -48.62 26.53
C MET D 363 -5.08 -48.89 25.75
N ARG D 364 -5.40 -50.17 25.52
CA ARG D 364 -6.71 -50.56 25.00
C ARG D 364 -7.67 -51.01 26.11
N VAL D 365 -7.28 -50.76 27.37
CA VAL D 365 -8.13 -51.00 28.53
C VAL D 365 -9.24 -49.94 28.46
N GLU D 366 -10.45 -50.38 28.09
CA GLU D 366 -11.63 -49.47 27.91
C GLU D 366 -12.10 -48.76 29.19
N GLU D 367 -11.89 -49.35 30.37
CA GLU D 367 -12.15 -48.64 31.62
C GLU D 367 -11.31 -47.37 31.78
N VAL D 368 -10.08 -47.36 31.26
CA VAL D 368 -9.14 -46.23 31.35
C VAL D 368 -9.32 -45.23 30.21
N PHE D 369 -9.38 -45.77 29.00
CA PHE D 369 -9.50 -44.97 27.78
C PHE D 369 -10.88 -45.21 27.18
N PRO D 370 -11.83 -44.30 27.44
CA PRO D 370 -13.08 -44.32 26.69
C PRO D 370 -12.88 -44.48 25.17
N ASN D 371 -13.61 -45.42 24.56
CA ASN D 371 -13.52 -45.76 23.13
C ASN D 371 -12.16 -46.27 22.65
N ALA D 372 -11.58 -47.14 23.46
CA ALA D 372 -10.29 -47.76 23.17
C ALA D 372 -10.22 -48.46 21.81
N ASP D 373 -11.37 -48.80 21.22
CA ASP D 373 -11.40 -49.36 19.88
C ASP D 373 -11.22 -48.29 18.77
N GLN D 374 -11.76 -47.08 18.96
CA GLN D 374 -11.81 -46.02 17.89
C GLN D 374 -10.97 -44.73 18.15
N TYR D 375 -10.41 -44.23 17.03
CA TYR D 375 -9.40 -43.15 16.96
C TYR D 375 -9.94 -41.79 17.40
N ASN D 376 -9.30 -41.17 18.39
CA ASN D 376 -9.76 -39.86 18.88
C ASN D 376 -8.69 -38.98 19.50
N PRO D 377 -7.87 -38.34 18.64
CA PRO D 377 -6.77 -37.47 19.05
C PRO D 377 -7.09 -36.53 20.23
N GLU D 378 -8.23 -35.87 20.14
CA GLU D 378 -8.58 -34.91 21.15
C GLU D 378 -9.22 -35.62 22.33
N ARG D 379 -8.81 -36.87 22.61
CA ARG D 379 -9.07 -37.49 23.90
C ARG D 379 -8.03 -37.05 24.93
N PHE D 380 -6.93 -36.45 24.45
CA PHE D 380 -5.91 -35.85 25.34
C PHE D 380 -6.17 -34.39 25.74
N VAL D 381 -7.33 -33.85 25.34
CA VAL D 381 -7.82 -32.58 25.88
C VAL D 381 -8.03 -32.76 27.41
N GLU D 382 -8.66 -33.86 27.83
CA GLU D 382 -8.89 -34.13 29.28
C GLU D 382 -7.96 -35.23 29.86
N GLU D 383 -7.42 -36.11 29.01
CA GLU D 383 -6.45 -37.15 29.44
C GLU D 383 -5.14 -36.48 29.84
N ASP D 384 -4.43 -35.88 28.86
CA ASP D 384 -3.22 -35.11 29.12
C ASP D 384 -3.37 -34.26 30.43
N LYS D 385 -4.61 -33.85 30.73
CA LYS D 385 -4.98 -33.18 32.01
C LYS D 385 -5.16 -34.06 33.25
N GLN D 386 -4.63 -35.30 33.26
CA GLN D 386 -4.90 -36.24 34.38
C GLN D 386 -3.83 -36.20 35.48
N ALA D 387 -3.99 -37.05 36.51
CA ALA D 387 -3.01 -37.18 37.61
C ALA D 387 -2.65 -38.60 38.09
N GLN D 388 -3.39 -39.62 37.64
CA GLN D 388 -3.12 -41.01 38.01
C GLN D 388 -1.94 -41.44 37.13
N LYS D 389 -0.92 -42.02 37.75
CA LYS D 389 0.33 -42.33 37.07
C LYS D 389 0.15 -43.50 36.10
N TYR D 390 1.02 -43.58 35.10
CA TYR D 390 1.16 -44.78 34.26
C TYR D 390 -0.07 -45.19 33.47
N ARG D 391 -0.89 -44.22 33.05
CA ARG D 391 -2.07 -44.53 32.24
C ARG D 391 -1.68 -44.56 30.77
N PHE D 392 -0.88 -43.59 30.31
CA PHE D 392 -0.28 -43.64 28.97
C PHE D 392 1.17 -44.09 29.11
N VAL D 393 1.49 -45.22 28.50
CA VAL D 393 2.80 -45.86 28.65
C VAL D 393 3.62 -45.99 27.38
N GLY D 394 3.02 -45.73 26.22
CA GLY D 394 3.73 -45.78 24.93
C GLY D 394 5.19 -45.33 24.90
N PHE D 395 5.54 -44.40 25.81
CA PHE D 395 6.93 -44.00 26.05
C PHE D 395 7.47 -44.53 27.36
N GLY D 396 7.06 -45.72 27.78
CA GLY D 396 7.51 -46.26 29.07
C GLY D 396 7.12 -45.28 30.17
N ALA D 397 7.85 -45.34 31.29
CA ALA D 397 7.68 -44.39 32.39
C ALA D 397 8.74 -44.61 33.46
N GLY D 398 8.66 -43.82 34.53
CA GLY D 398 9.49 -44.02 35.72
C GLY D 398 10.96 -43.77 35.47
N ARG D 399 11.81 -44.31 36.34
CA ARG D 399 13.27 -44.16 36.24
C ARG D 399 13.74 -44.32 34.78
N HIS D 400 13.31 -45.37 34.07
CA HIS D 400 13.82 -45.62 32.72
C HIS D 400 12.80 -45.23 31.65
N GLY D 401 12.19 -44.09 31.77
CA GLY D 401 11.33 -43.61 30.69
C GLY D 401 12.13 -43.28 29.45
N CYS D 402 11.43 -42.97 28.39
CA CYS D 402 12.06 -42.75 27.09
C CYS D 402 12.76 -41.40 26.95
N MET D 403 14.06 -41.42 26.63
CA MET D 403 14.83 -40.19 26.41
C MET D 403 14.72 -39.63 24.99
N GLY D 404 13.84 -40.17 24.16
CA GLY D 404 13.62 -39.65 22.80
C GLY D 404 12.29 -38.96 22.55
N GLU D 405 11.34 -39.12 23.49
CA GLU D 405 9.98 -38.60 23.34
C GLU D 405 9.99 -37.30 22.57
N ASN D 406 10.74 -36.33 23.10
CA ASN D 406 10.94 -35.07 22.46
C ASN D 406 11.45 -35.25 21.03
N PHE D 407 12.65 -35.80 20.84
CA PHE D 407 13.22 -36.05 19.48
C PHE D 407 12.20 -36.65 18.50
N ALA D 408 11.48 -37.67 18.97
CA ALA D 408 10.52 -38.36 18.16
C ALA D 408 9.41 -37.43 17.66
N TYR D 409 8.65 -36.86 18.60
CA TYR D 409 7.56 -35.93 18.30
C TYR D 409 7.97 -34.84 17.29
N LEU D 410 9.17 -34.30 17.51
CA LEU D 410 9.74 -33.31 16.60
C LEU D 410 9.95 -33.86 15.18
N GLN D 411 10.49 -35.08 15.08
CA GLN D 411 10.74 -35.73 13.77
C GLN D 411 9.44 -36.10 13.05
N ILE D 412 8.43 -36.49 13.82
CA ILE D 412 7.11 -36.87 13.28
C ILE D 412 6.33 -35.60 12.86
N LYS D 413 6.23 -34.65 13.79
CA LYS D 413 5.48 -33.43 13.53
C LYS D 413 6.04 -32.65 12.36
N THR D 414 7.37 -32.49 12.31
CA THR D 414 8.07 -31.97 11.12
C THR D 414 7.61 -32.66 9.84
N ILE D 415 7.63 -33.98 9.87
CA ILE D 415 7.25 -34.81 8.72
C ILE D 415 5.82 -34.51 8.29
N TRP D 416 4.90 -34.52 9.24
CA TRP D 416 3.49 -34.36 8.91
C TRP D 416 3.10 -32.90 8.71
N SER D 417 3.83 -31.98 9.34
CA SER D 417 3.60 -30.54 9.13
C SER D 417 4.18 -30.02 7.80
N VAL D 418 5.25 -30.64 7.28
CA VAL D 418 5.68 -30.44 5.87
C VAL D 418 4.66 -31.01 4.87
N LEU D 419 4.24 -32.26 5.06
CA LEU D 419 3.34 -32.95 4.12
C LEU D 419 1.92 -32.40 4.12
N LEU D 420 1.38 -32.12 5.31
CA LEU D 420 0.03 -31.53 5.43
C LEU D 420 -0.18 -30.23 4.62
N ARG D 421 0.86 -29.38 4.58
CA ARG D 421 0.80 -28.08 3.91
C ARG D 421 1.02 -28.18 2.39
N ASN D 422 2.14 -28.78 1.99
CA ASN D 422 2.44 -29.00 0.56
C ASN D 422 1.37 -29.86 -0.12
N PHE D 423 1.26 -31.10 0.33
CA PHE D 423 0.48 -32.13 -0.38
C PHE D 423 -0.92 -32.33 0.19
N ASP D 424 -1.75 -32.98 -0.63
CA ASP D 424 -3.06 -33.52 -0.26
C ASP D 424 -2.97 -35.04 -0.20
N ILE D 425 -3.61 -35.65 0.81
CA ILE D 425 -3.51 -37.10 1.02
C ILE D 425 -4.90 -37.77 1.12
N GLU D 426 -4.98 -38.97 0.56
CA GLU D 426 -6.09 -39.90 0.71
C GLU D 426 -5.55 -41.29 1.12
N LEU D 427 -6.31 -42.00 1.95
CA LEU D 427 -5.99 -43.39 2.32
C LEU D 427 -6.28 -44.34 1.15
N VAL D 428 -5.29 -45.18 0.75
CA VAL D 428 -5.49 -46.22 -0.31
C VAL D 428 -6.27 -47.45 0.22
N GLY D 429 -7.59 -47.46 0.04
CA GLY D 429 -8.45 -48.56 0.47
C GLY D 429 -8.86 -48.50 1.93
N GLU D 430 -8.14 -49.22 2.79
CA GLU D 430 -8.50 -49.26 4.21
C GLU D 430 -7.26 -49.36 5.10
N LEU D 431 -7.42 -48.92 6.35
CA LEU D 431 -6.38 -48.91 7.39
C LEU D 431 -5.66 -50.28 7.56
N PRO D 432 -4.40 -50.40 7.08
CA PRO D 432 -3.71 -51.69 7.18
C PRO D 432 -3.58 -52.11 8.63
N LYS D 433 -4.01 -53.32 8.94
CA LYS D 433 -3.88 -53.90 10.30
C LYS D 433 -2.37 -54.01 10.70
N PRO D 434 -2.07 -54.31 12.00
CA PRO D 434 -0.72 -54.49 12.54
C PRO D 434 0.21 -55.39 11.73
N ASP D 435 1.19 -56.03 12.37
CA ASP D 435 2.21 -56.85 11.67
C ASP D 435 3.11 -57.52 12.72
N TYR D 436 2.48 -58.31 13.56
CA TYR D 436 3.17 -58.89 14.73
C TYR D 436 4.25 -59.93 14.33
N THR D 437 4.28 -60.30 13.02
CA THR D 437 5.29 -61.19 12.43
C THR D 437 6.72 -60.60 12.25
N ALA D 438 6.85 -59.27 12.21
CA ALA D 438 8.06 -58.62 11.65
C ALA D 438 9.15 -58.12 12.66
N MET D 439 9.03 -58.47 13.95
CA MET D 439 9.95 -58.02 15.04
C MET D 439 9.70 -56.59 15.58
N VAL D 440 9.03 -55.78 14.77
CA VAL D 440 8.48 -54.50 15.20
C VAL D 440 7.15 -54.24 14.49
N VAL D 441 6.15 -53.96 15.32
CA VAL D 441 4.74 -53.95 14.92
C VAL D 441 4.41 -52.67 14.16
N GLY D 442 4.74 -52.67 12.86
CA GLY D 442 4.41 -51.55 11.96
C GLY D 442 3.10 -51.85 11.27
N PRO D 443 2.61 -50.94 10.42
CA PRO D 443 1.59 -51.37 9.45
C PRO D 443 2.28 -52.19 8.38
N ALA D 444 1.63 -53.29 7.97
CA ALA D 444 2.25 -54.31 7.08
C ALA D 444 2.09 -53.97 5.59
N HIS D 445 3.16 -54.15 4.82
CA HIS D 445 3.19 -53.73 3.40
C HIS D 445 2.19 -54.57 2.59
N PRO D 446 1.38 -53.96 1.72
CA PRO D 446 1.36 -52.52 1.46
C PRO D 446 0.53 -51.72 2.49
N CYS D 447 0.99 -50.51 2.80
CA CYS D 447 0.28 -49.56 3.67
C CYS D 447 0.34 -48.19 3.01
N LEU D 448 -0.37 -48.07 1.89
CA LEU D 448 -0.18 -46.99 0.93
C LEU D 448 -0.92 -45.69 1.30
N LEU D 449 -0.38 -44.59 0.78
CA LEU D 449 -1.02 -43.28 0.80
C LEU D 449 -0.86 -42.66 -0.60
N ARG D 450 -1.99 -42.25 -1.19
CA ARG D 450 -2.03 -41.68 -2.53
C ARG D 450 -1.98 -40.17 -2.37
N TYR D 451 -1.08 -39.52 -3.12
CA TYR D 451 -0.77 -38.09 -2.92
C TYR D 451 -1.10 -37.19 -4.13
N THR D 452 -1.64 -35.99 -3.84
CA THR D 452 -1.71 -34.89 -4.80
C THR D 452 -0.91 -33.74 -4.21
N ARG D 453 -0.48 -32.80 -5.05
CA ARG D 453 0.24 -31.61 -4.62
C ARG D 453 -0.65 -30.37 -4.85
N LYS D 454 -0.86 -29.56 -3.81
CA LYS D 454 -1.80 -28.40 -3.88
C LYS D 454 -1.29 -27.22 -4.74
N HIS D 455 -2.20 -26.51 -5.43
CA HIS D 455 -1.86 -25.36 -6.28
C HIS D 455 -3.11 -24.66 -6.84
N TYR E 43 39.07 -2.25 -59.49
CA TYR E 43 38.15 -1.18 -58.98
C TYR E 43 38.21 -1.05 -57.43
N GLY E 44 37.53 -1.96 -56.71
CA GLY E 44 37.25 -1.84 -55.25
C GLY E 44 35.82 -2.27 -54.88
N ASP E 45 34.88 -1.97 -55.79
CA ASP E 45 33.45 -2.29 -55.66
C ASP E 45 33.12 -3.73 -56.05
N ILE E 46 33.75 -4.21 -57.13
CA ILE E 46 33.25 -5.34 -57.92
C ILE E 46 34.43 -6.10 -58.53
N PHE E 47 34.52 -7.39 -58.27
CA PHE E 47 35.65 -8.19 -58.75
C PHE E 47 35.24 -9.64 -58.96
N THR E 48 35.45 -10.16 -60.17
CA THR E 48 35.01 -11.51 -60.55
C THR E 48 36.08 -12.56 -60.27
N MET E 49 35.70 -13.83 -60.35
CA MET E 49 36.66 -14.90 -60.52
C MET E 49 36.02 -16.09 -61.20
N LYS E 50 36.65 -16.58 -62.28
CA LYS E 50 36.31 -17.90 -62.85
C LYS E 50 36.93 -18.94 -61.92
N VAL E 51 36.12 -19.94 -61.57
CA VAL E 51 36.44 -20.98 -60.58
C VAL E 51 35.61 -22.14 -61.02
N PHE E 52 36.23 -23.25 -61.33
CA PHE E 52 35.56 -24.24 -62.16
C PHE E 52 35.10 -23.53 -63.45
N GLY E 53 34.11 -24.07 -64.13
CA GLY E 53 33.62 -23.44 -65.35
C GLY E 53 32.82 -22.19 -65.05
N GLN E 54 32.20 -22.15 -63.88
CA GLN E 54 31.34 -21.04 -63.46
C GLN E 54 32.22 -19.81 -63.14
N ARG E 55 31.66 -18.61 -63.27
CA ARG E 55 32.38 -17.39 -62.83
C ARG E 55 31.49 -16.46 -62.02
N LEU E 56 32.13 -15.81 -61.05
CA LEU E 56 31.46 -15.25 -59.91
C LEU E 56 31.84 -13.81 -59.74
N THR E 57 31.01 -12.96 -60.31
CA THR E 57 31.05 -11.54 -60.04
C THR E 57 30.65 -11.27 -58.60
N PHE E 58 31.26 -10.27 -57.97
CA PHE E 58 30.91 -9.90 -56.60
C PHE E 58 30.57 -8.45 -56.50
N LEU E 59 29.46 -8.16 -55.83
CA LEU E 59 28.96 -6.80 -55.70
C LEU E 59 29.13 -6.42 -54.24
N VAL E 60 29.95 -5.40 -54.01
CA VAL E 60 30.22 -4.94 -52.65
C VAL E 60 29.99 -3.44 -52.62
N GLY E 61 29.17 -3.00 -51.66
CA GLY E 61 28.84 -1.59 -51.49
C GLY E 61 27.54 -1.15 -52.16
N PRO E 62 26.84 -0.18 -51.53
CA PRO E 62 25.45 0.12 -51.89
C PRO E 62 25.26 0.65 -53.29
N ASP E 63 26.31 1.24 -53.85
CA ASP E 63 26.31 1.60 -55.26
C ASP E 63 26.23 0.30 -56.10
N ALA E 64 27.04 -0.68 -55.72
CA ALA E 64 27.13 -1.97 -56.42
C ALA E 64 25.94 -2.90 -56.22
N HIS E 65 25.31 -2.84 -55.03
CA HIS E 65 24.11 -3.61 -54.74
C HIS E 65 22.98 -3.24 -55.70
N VAL E 66 22.90 -1.97 -56.09
CA VAL E 66 21.79 -1.47 -56.93
C VAL E 66 21.21 -2.53 -57.92
N PRO E 67 22.05 -3.20 -58.74
CA PRO E 67 21.58 -4.21 -59.69
C PRO E 67 21.12 -5.56 -59.10
N PHE E 68 21.80 -6.03 -58.06
CA PHE E 68 21.44 -7.29 -57.41
C PHE E 68 20.03 -7.21 -56.85
N PHE E 69 19.81 -6.27 -55.95
CA PHE E 69 18.56 -6.17 -55.23
C PHE E 69 17.42 -5.49 -56.00
N SER E 70 17.68 -4.83 -57.14
CA SER E 70 16.57 -4.25 -57.94
C SER E 70 15.86 -5.28 -58.76
N GLN E 71 16.62 -5.86 -59.69
CA GLN E 71 16.02 -6.53 -60.85
C GLN E 71 15.10 -7.70 -60.47
N GLY E 72 14.32 -8.16 -61.45
CA GLY E 72 13.23 -9.12 -61.21
C GLY E 72 13.51 -10.52 -61.67
N ASP E 73 12.56 -11.41 -61.41
CA ASP E 73 12.72 -12.83 -61.64
C ASP E 73 12.93 -13.23 -63.10
N ALA E 74 12.81 -12.28 -64.04
CA ALA E 74 13.24 -12.49 -65.44
C ALA E 74 14.63 -11.90 -65.81
N GLU E 75 15.22 -11.14 -64.89
CA GLU E 75 16.58 -10.61 -65.04
C GLU E 75 17.62 -11.41 -64.23
N LEU E 76 17.28 -11.71 -62.98
CA LEU E 76 18.09 -12.52 -62.07
C LEU E 76 17.26 -13.71 -61.62
N SER E 77 17.84 -14.90 -61.71
CA SER E 77 17.20 -16.16 -61.27
C SER E 77 17.80 -16.66 -59.92
N GLN E 78 16.94 -17.21 -59.07
CA GLN E 78 17.37 -17.97 -57.90
C GLN E 78 17.51 -19.49 -58.21
N ASP E 79 16.99 -19.94 -59.35
CA ASP E 79 16.88 -21.39 -59.70
C ASP E 79 18.21 -22.13 -59.47
N GLU E 80 19.23 -21.81 -60.26
CA GLU E 80 20.53 -22.49 -60.18
C GLU E 80 21.15 -22.32 -58.80
N PRO E 81 21.58 -21.10 -58.43
CA PRO E 81 22.42 -20.98 -57.21
C PRO E 81 21.85 -21.60 -55.93
N TYR E 82 20.52 -21.63 -55.82
CA TYR E 82 19.84 -22.31 -54.72
C TYR E 82 19.22 -23.62 -55.14
N GLN E 83 19.85 -24.36 -56.08
CA GLN E 83 19.34 -25.68 -56.46
C GLN E 83 19.60 -26.68 -55.35
N PHE E 84 20.54 -26.35 -54.45
CA PHE E 84 20.87 -27.24 -53.36
C PHE E 84 19.76 -27.47 -52.35
N SER E 85 18.79 -26.56 -52.30
CA SER E 85 17.69 -26.72 -51.37
C SER E 85 16.65 -27.77 -51.81
N VAL E 86 16.35 -27.91 -53.12
CA VAL E 86 15.28 -28.85 -53.66
C VAL E 86 15.18 -30.25 -53.02
N PRO E 87 16.32 -30.93 -52.85
CA PRO E 87 16.25 -32.21 -52.15
C PRO E 87 16.01 -32.16 -50.62
N ILE E 88 16.02 -30.98 -50.00
CA ILE E 88 15.75 -30.83 -48.55
C ILE E 88 14.24 -30.52 -48.31
N PHE E 89 13.71 -29.58 -49.10
CA PHE E 89 12.38 -29.04 -48.87
C PHE E 89 11.43 -30.00 -49.50
N GLY E 90 11.55 -30.17 -50.81
CA GLY E 90 10.74 -31.15 -51.54
C GLY E 90 10.57 -30.67 -52.96
N PRO E 91 10.38 -31.58 -53.93
CA PRO E 91 10.28 -31.06 -55.30
C PRO E 91 8.95 -30.37 -55.51
N ASN E 92 8.95 -29.37 -56.38
CA ASN E 92 7.84 -28.40 -56.54
C ASN E 92 7.50 -27.59 -55.26
N VAL E 93 8.52 -27.36 -54.43
CA VAL E 93 8.43 -26.57 -53.20
C VAL E 93 9.58 -25.59 -53.20
N VAL E 94 9.20 -24.31 -53.24
CA VAL E 94 10.13 -23.21 -53.25
C VAL E 94 10.94 -23.32 -54.53
N TYR E 95 12.24 -23.58 -54.40
CA TYR E 95 13.15 -23.34 -55.49
C TYR E 95 13.06 -24.51 -56.49
N GLY E 96 12.33 -25.57 -56.13
CA GLY E 96 11.89 -26.58 -57.10
C GLY E 96 10.73 -26.12 -57.98
N ALA E 97 9.80 -25.41 -57.37
CA ALA E 97 8.60 -24.96 -58.06
C ALA E 97 8.95 -23.99 -59.18
N ASP E 98 8.26 -24.11 -60.31
CA ASP E 98 8.27 -23.08 -61.38
C ASP E 98 7.69 -21.79 -60.82
N LEU E 99 8.17 -20.65 -61.31
CA LEU E 99 7.81 -19.34 -60.72
C LEU E 99 6.38 -19.25 -60.16
N ALA E 100 5.38 -19.32 -61.06
CA ALA E 100 3.97 -19.02 -60.72
C ALA E 100 3.43 -19.79 -59.50
N HIS E 101 3.91 -21.01 -59.30
CA HIS E 101 3.60 -21.79 -58.11
C HIS E 101 4.44 -21.32 -56.91
N ARG E 102 5.70 -21.04 -57.17
CA ARG E 102 6.64 -20.56 -56.14
C ARG E 102 6.21 -19.23 -55.54
N ASN E 103 5.93 -18.27 -56.42
CA ASN E 103 5.55 -16.95 -55.96
C ASN E 103 4.43 -17.08 -54.94
N GLN E 104 3.42 -17.88 -55.29
CA GLN E 104 2.28 -18.08 -54.42
C GLN E 104 2.69 -18.66 -53.07
N GLN E 105 3.54 -19.68 -53.11
CA GLN E 105 4.06 -20.26 -51.87
C GLN E 105 4.80 -19.23 -51.00
N LEU E 106 5.52 -18.30 -51.61
CA LEU E 106 6.17 -17.23 -50.85
C LEU E 106 5.10 -16.35 -50.23
N LYS E 107 4.05 -16.06 -51.00
CA LYS E 107 2.90 -15.31 -50.49
C LYS E 107 2.21 -16.01 -49.32
N PHE E 108 2.19 -17.34 -49.32
CA PHE E 108 1.65 -18.09 -48.18
C PHE E 108 2.59 -17.89 -46.99
N ILE E 109 3.87 -18.19 -47.24
CA ILE E 109 4.97 -17.96 -46.30
C ILE E 109 4.92 -16.54 -45.74
N ALA E 110 4.66 -15.59 -46.62
CA ALA E 110 4.56 -14.20 -46.24
C ALA E 110 3.37 -14.05 -45.27
N ALA E 111 2.21 -14.52 -45.73
CA ALA E 111 1.01 -14.46 -44.94
C ALA E 111 1.17 -15.20 -43.64
N SER E 112 1.98 -16.26 -43.64
CA SER E 112 2.23 -17.04 -42.42
C SER E 112 3.08 -16.30 -41.39
N LEU E 113 3.94 -15.39 -41.87
CA LEU E 113 4.82 -14.56 -41.03
C LEU E 113 4.46 -13.08 -41.05
N SER E 114 3.23 -12.77 -41.49
CA SER E 114 2.65 -11.41 -41.44
C SER E 114 2.58 -10.87 -40.04
N THR E 115 2.52 -9.54 -39.92
CA THR E 115 2.41 -8.89 -38.61
C THR E 115 1.14 -9.24 -37.83
N LYS E 116 0.07 -9.67 -38.51
CA LYS E 116 -1.11 -10.22 -37.81
C LYS E 116 -0.77 -11.59 -37.18
N ALA E 117 -0.39 -12.54 -38.03
CA ALA E 117 -0.01 -13.86 -37.56
C ALA E 117 0.99 -13.74 -36.39
N LEU E 118 2.03 -12.92 -36.58
CA LEU E 118 3.05 -12.66 -35.56
C LEU E 118 2.49 -12.26 -34.19
N GLN E 119 1.46 -11.39 -34.17
CA GLN E 119 0.83 -10.96 -32.91
C GLN E 119 0.41 -12.15 -32.03
N SER E 120 0.00 -13.24 -32.70
CA SER E 120 -0.43 -14.47 -32.03
C SER E 120 0.60 -15.61 -31.99
N TYR E 121 1.83 -15.47 -32.51
CA TYR E 121 2.92 -16.39 -32.10
C TYR E 121 3.66 -15.87 -30.87
N VAL E 122 3.58 -14.56 -30.60
CA VAL E 122 4.36 -13.94 -29.53
C VAL E 122 4.06 -14.46 -28.11
N PRO E 123 2.77 -14.70 -27.76
CA PRO E 123 2.47 -15.38 -26.48
C PRO E 123 3.26 -16.68 -26.31
N LEU E 124 3.31 -17.49 -27.36
CA LEU E 124 4.09 -18.75 -27.40
C LEU E 124 5.57 -18.45 -27.27
N ILE E 125 6.07 -17.59 -28.17
CA ILE E 125 7.48 -17.18 -28.24
C ILE E 125 8.02 -16.70 -26.88
N VAL E 126 7.13 -16.08 -26.13
CA VAL E 126 7.38 -15.67 -24.75
C VAL E 126 7.38 -16.85 -23.76
N LYS E 127 6.37 -17.71 -23.86
CA LYS E 127 6.23 -18.84 -22.93
C LYS E 127 7.39 -19.82 -23.00
N GLU E 128 7.80 -20.21 -24.21
CA GLU E 128 8.93 -21.12 -24.45
C GLU E 128 10.22 -20.51 -23.94
N ALA E 129 10.41 -19.25 -24.30
CA ALA E 129 11.52 -18.47 -23.78
C ALA E 129 11.52 -18.40 -22.24
N GLU E 130 10.36 -18.17 -21.65
CA GLU E 130 10.25 -18.11 -20.18
C GLU E 130 10.55 -19.48 -19.57
N ASP E 131 9.86 -20.52 -20.04
CA ASP E 131 10.07 -21.90 -19.57
C ASP E 131 11.55 -22.31 -19.65
N PHE E 132 12.18 -22.04 -20.80
CA PHE E 132 13.57 -22.45 -21.03
C PHE E 132 14.53 -21.89 -19.97
N PHE E 133 14.63 -20.56 -19.88
CA PHE E 133 15.65 -19.92 -19.00
C PHE E 133 15.36 -20.03 -17.48
N ALA E 134 14.10 -20.14 -17.09
CA ALA E 134 13.74 -20.43 -15.70
C ALA E 134 14.24 -21.81 -15.25
N LYS E 135 14.20 -22.79 -16.16
CA LYS E 135 14.70 -24.17 -15.91
C LYS E 135 16.22 -24.30 -15.73
N TRP E 136 16.95 -23.20 -15.86
CA TRP E 136 18.32 -23.10 -15.36
C TRP E 136 18.32 -22.84 -13.85
N ASP E 137 19.43 -23.20 -13.21
CA ASP E 137 19.59 -23.13 -11.74
C ASP E 137 19.83 -21.68 -11.30
N LYS E 138 20.20 -21.50 -10.03
CA LYS E 138 20.65 -20.20 -9.53
C LYS E 138 22.08 -19.93 -10.01
N SER E 139 22.96 -20.88 -9.69
CA SER E 139 24.39 -20.81 -9.99
C SER E 139 24.66 -21.71 -11.19
N GLY E 140 25.40 -21.23 -12.19
CA GLY E 140 25.79 -22.05 -13.34
C GLY E 140 26.27 -21.32 -14.57
N THR E 141 26.64 -22.10 -15.59
CA THR E 141 27.28 -21.62 -16.84
C THR E 141 26.69 -22.36 -18.05
N VAL E 142 26.68 -21.70 -19.21
CA VAL E 142 26.22 -22.32 -20.47
C VAL E 142 26.96 -21.81 -21.70
N ASP E 143 27.13 -22.70 -22.69
CA ASP E 143 27.49 -22.32 -24.06
C ASP E 143 26.20 -21.88 -24.73
N ILE E 144 26.23 -20.67 -25.29
CA ILE E 144 25.01 -19.99 -25.71
C ILE E 144 24.47 -20.53 -27.05
N ARG E 145 25.35 -20.85 -28.01
CA ARG E 145 24.89 -21.30 -29.34
C ARG E 145 24.07 -22.58 -29.22
N ASP E 146 24.58 -23.52 -28.43
CA ASP E 146 23.89 -24.80 -28.19
C ASP E 146 22.56 -24.61 -27.44
N ALA E 147 22.49 -23.60 -26.57
CA ALA E 147 21.25 -23.29 -25.87
C ALA E 147 20.25 -22.65 -26.82
N LEU E 148 20.58 -21.44 -27.30
CA LEU E 148 19.65 -20.62 -28.09
C LEU E 148 19.16 -21.34 -29.34
N ALA E 149 19.98 -22.25 -29.85
CA ALA E 149 19.54 -23.20 -30.86
C ALA E 149 18.40 -24.16 -30.40
N GLU E 150 18.54 -24.76 -29.20
CA GLU E 150 17.50 -25.64 -28.60
C GLU E 150 16.16 -24.93 -28.55
N LEU E 151 16.22 -23.68 -28.09
CA LEU E 151 15.03 -22.91 -27.78
C LEU E 151 14.31 -22.46 -29.02
N ILE E 152 15.08 -22.07 -30.05
CA ILE E 152 14.46 -21.60 -31.28
C ILE E 152 13.74 -22.77 -31.96
N ILE E 153 14.41 -23.91 -32.11
CA ILE E 153 13.75 -25.08 -32.70
C ILE E 153 12.50 -25.43 -31.89
N LEU E 154 12.61 -25.36 -30.56
CA LEU E 154 11.46 -25.49 -29.65
C LEU E 154 10.33 -24.52 -30.01
N THR E 155 10.65 -23.23 -30.03
CA THR E 155 9.65 -22.19 -30.32
C THR E 155 9.19 -22.31 -31.77
N ALA E 156 10.14 -22.59 -32.67
CA ALA E 156 9.86 -22.72 -34.11
C ALA E 156 9.02 -23.97 -34.44
N SER E 157 9.03 -24.97 -33.55
CA SER E 157 8.15 -26.12 -33.71
C SER E 157 6.68 -25.73 -33.58
N ARG E 158 6.33 -24.99 -32.53
CA ARG E 158 4.91 -24.68 -32.22
C ARG E 158 4.26 -23.71 -33.25
N CYS E 159 5.04 -22.71 -33.65
CA CYS E 159 4.59 -21.65 -34.55
C CYS E 159 4.51 -22.12 -35.99
N LEU E 160 5.46 -22.96 -36.39
CA LEU E 160 5.45 -23.59 -37.71
C LEU E 160 4.51 -24.78 -37.73
N MET E 161 4.76 -25.73 -36.83
CA MET E 161 4.29 -27.13 -36.97
C MET E 161 3.03 -27.47 -36.16
N GLY E 162 2.89 -26.87 -34.98
CA GLY E 162 1.63 -26.92 -34.22
C GLY E 162 1.78 -27.47 -32.82
N LYS E 163 0.67 -27.38 -32.06
CA LYS E 163 0.52 -27.99 -30.72
C LYS E 163 0.80 -29.49 -30.79
N GLU E 164 0.41 -30.12 -31.90
CA GLU E 164 0.61 -31.55 -32.07
C GLU E 164 2.11 -31.87 -32.03
N ILE E 165 2.84 -31.50 -33.08
CA ILE E 165 4.27 -31.86 -33.23
C ILE E 165 5.07 -31.45 -32.00
N ARG E 166 4.73 -30.31 -31.41
CA ARG E 166 5.49 -29.75 -30.29
C ARG E 166 5.42 -30.60 -29.05
N GLU E 167 4.19 -30.84 -28.59
CA GLU E 167 3.92 -31.46 -27.30
C GLU E 167 4.34 -32.92 -27.25
N ASN E 168 4.24 -33.59 -28.41
CA ASN E 168 4.53 -35.04 -28.56
C ASN E 168 5.85 -35.31 -29.33
N LEU E 169 5.81 -35.17 -30.65
CA LEU E 169 6.80 -35.78 -31.54
C LEU E 169 8.01 -34.87 -31.80
N PHE E 170 8.53 -34.26 -30.74
CA PHE E 170 9.51 -33.19 -30.92
C PHE E 170 10.88 -33.74 -31.23
N THR E 171 11.41 -34.59 -30.34
CA THR E 171 12.71 -35.25 -30.57
C THR E 171 12.61 -36.32 -31.68
N GLU E 172 11.39 -36.71 -32.06
CA GLU E 172 11.15 -37.35 -33.36
C GLU E 172 11.47 -36.39 -34.51
N VAL E 173 10.80 -35.24 -34.56
CA VAL E 173 11.03 -34.27 -35.65
C VAL E 173 12.34 -33.45 -35.57
N ALA E 174 12.91 -33.30 -34.37
CA ALA E 174 14.17 -32.57 -34.15
C ALA E 174 15.36 -33.33 -34.70
N LYS E 175 15.38 -34.64 -34.43
CA LYS E 175 16.36 -35.55 -35.05
C LYS E 175 16.10 -35.70 -36.53
N LEU E 176 14.86 -36.03 -36.89
CA LEU E 176 14.45 -36.10 -38.29
C LEU E 176 14.76 -34.80 -39.08
N TYR E 177 14.72 -33.64 -38.42
CA TYR E 177 15.23 -32.42 -39.05
C TYR E 177 16.72 -32.59 -39.27
N GLN E 178 17.47 -32.61 -38.15
CA GLN E 178 18.95 -32.55 -38.12
C GLN E 178 19.60 -33.50 -39.14
N THR E 179 18.97 -34.64 -39.37
CA THR E 179 19.27 -35.48 -40.52
C THR E 179 19.31 -34.67 -41.82
N LEU E 180 18.17 -34.13 -42.25
CA LEU E 180 18.14 -33.23 -43.42
C LEU E 180 19.32 -32.26 -43.46
N ASP E 181 19.64 -31.69 -42.29
CA ASP E 181 20.67 -30.66 -42.19
C ASP E 181 22.02 -31.19 -42.59
N GLU E 182 22.38 -32.34 -42.02
CA GLU E 182 23.70 -32.92 -42.27
C GLU E 182 23.85 -33.39 -43.72
N GLY E 183 22.73 -33.63 -44.41
CA GLY E 183 22.66 -33.90 -45.86
C GLY E 183 22.82 -32.70 -46.77
N LEU E 184 22.96 -31.51 -46.19
CA LEU E 184 23.66 -30.43 -46.82
C LEU E 184 25.12 -30.54 -46.43
N LEU E 185 25.89 -31.26 -47.26
CA LEU E 185 27.35 -31.18 -47.23
C LEU E 185 27.84 -30.28 -48.36
N PRO E 186 28.98 -29.55 -48.17
CA PRO E 186 29.54 -28.61 -49.17
C PRO E 186 29.44 -29.04 -50.64
N ILE E 187 29.69 -30.32 -50.93
CA ILE E 187 29.66 -30.83 -52.30
C ILE E 187 28.20 -30.81 -52.85
N SER E 188 27.24 -30.94 -51.92
CA SER E 188 25.78 -30.93 -52.20
C SER E 188 25.22 -29.72 -52.95
N VAL E 189 26.00 -28.61 -53.01
CA VAL E 189 25.58 -27.37 -53.72
C VAL E 189 25.78 -27.48 -55.24
N PHE E 190 26.86 -28.13 -55.66
CA PHE E 190 27.10 -28.33 -57.08
C PHE E 190 26.37 -29.60 -57.55
N PHE E 191 26.44 -30.63 -56.72
CA PHE E 191 25.77 -31.90 -57.00
C PHE E 191 24.94 -32.22 -55.78
N PRO E 192 23.62 -31.95 -55.84
CA PRO E 192 22.68 -32.38 -54.79
C PRO E 192 22.25 -33.87 -54.87
N TYR E 193 22.82 -34.65 -55.80
CA TYR E 193 22.43 -36.05 -56.04
C TYR E 193 23.64 -37.02 -56.20
N LEU E 194 24.81 -36.66 -55.67
CA LEU E 194 25.98 -37.56 -55.58
C LEU E 194 25.61 -38.56 -54.49
N PRO E 195 25.33 -39.83 -54.85
CA PRO E 195 24.60 -40.67 -53.90
C PRO E 195 25.30 -41.04 -52.58
N ILE E 196 25.88 -40.06 -51.87
CA ILE E 196 26.86 -40.37 -50.78
C ILE E 196 26.10 -40.82 -49.52
N PRO E 197 26.81 -41.11 -48.37
CA PRO E 197 26.09 -41.37 -47.11
C PRO E 197 24.84 -40.47 -46.81
N ALA E 198 25.07 -39.20 -46.48
CA ALA E 198 23.99 -38.33 -45.98
C ALA E 198 22.86 -38.00 -46.97
N HIS E 199 23.05 -38.21 -48.28
CA HIS E 199 22.06 -37.79 -49.31
C HIS E 199 20.85 -38.71 -49.47
N LYS E 200 21.03 -40.01 -49.26
CA LYS E 200 19.87 -40.89 -49.14
C LYS E 200 19.33 -40.81 -47.72
N ARG E 201 20.20 -40.55 -46.73
CA ARG E 201 19.80 -40.34 -45.31
C ARG E 201 18.87 -39.14 -45.15
N ARG E 202 19.28 -38.04 -45.78
CA ARG E 202 18.45 -36.86 -46.02
C ARG E 202 17.13 -37.21 -46.70
N ASP E 203 17.17 -37.67 -47.95
CA ASP E 203 15.94 -38.01 -48.69
C ASP E 203 14.98 -38.94 -47.92
N GLU E 204 15.52 -39.75 -47.00
CA GLU E 204 14.70 -40.62 -46.14
C GLU E 204 13.87 -39.75 -45.23
N ALA E 205 14.58 -39.03 -44.36
CA ALA E 205 13.98 -38.21 -43.31
C ALA E 205 12.92 -37.24 -43.85
N ARG E 206 13.14 -36.74 -45.05
CA ARG E 206 12.17 -35.91 -45.79
C ARG E 206 10.88 -36.67 -46.08
N LEU E 207 11.02 -37.87 -46.66
CA LEU E 207 9.86 -38.72 -46.97
C LEU E 207 9.23 -39.32 -45.72
N ALA E 208 10.04 -39.40 -44.65
CA ALA E 208 9.56 -39.69 -43.29
C ALA E 208 8.76 -38.53 -42.69
N MET E 209 9.22 -37.30 -42.90
CA MET E 209 8.48 -36.13 -42.42
C MET E 209 7.23 -35.82 -43.25
N VAL E 210 7.16 -36.30 -44.50
CA VAL E 210 5.90 -36.28 -45.25
C VAL E 210 4.88 -37.14 -44.52
N ARG E 211 5.29 -38.35 -44.18
CA ARG E 211 4.40 -39.27 -43.49
C ARG E 211 4.14 -38.81 -42.04
N MET E 212 5.14 -38.32 -41.30
CA MET E 212 4.91 -37.76 -39.94
C MET E 212 3.85 -36.67 -39.97
N PHE E 213 3.91 -35.83 -40.99
CA PHE E 213 2.90 -34.81 -41.14
C PHE E 213 1.62 -35.39 -41.74
N LYS E 214 1.70 -36.47 -42.50
CA LYS E 214 0.48 -37.14 -42.96
C LYS E 214 -0.49 -37.38 -41.80
N LYS E 215 0.01 -38.01 -40.72
CA LYS E 215 -0.77 -38.21 -39.48
C LYS E 215 -1.61 -36.96 -39.15
N ILE E 216 -0.92 -35.83 -39.13
CA ILE E 216 -1.44 -34.61 -38.53
C ILE E 216 -2.35 -33.77 -39.44
N ILE E 217 -2.25 -33.95 -40.74
CA ILE E 217 -2.92 -33.06 -41.68
C ILE E 217 -4.29 -33.56 -42.05
N ASP E 218 -4.37 -34.79 -42.54
CA ASP E 218 -5.67 -35.39 -42.91
C ASP E 218 -6.59 -35.69 -41.68
N GLU E 219 -5.98 -35.82 -40.49
CA GLU E 219 -6.72 -35.78 -39.23
C GLU E 219 -7.48 -34.49 -39.07
N ARG E 220 -6.77 -33.38 -39.22
CA ARG E 220 -7.38 -32.08 -39.12
C ARG E 220 -8.51 -31.90 -40.14
N ARG E 221 -8.48 -32.60 -41.27
CA ARG E 221 -9.64 -32.61 -42.21
C ARG E 221 -10.88 -33.35 -41.67
N ALA E 222 -10.65 -34.24 -40.71
CA ALA E 222 -11.71 -34.93 -39.96
C ALA E 222 -12.51 -33.99 -39.07
N ASN E 223 -11.80 -33.23 -38.24
CA ASN E 223 -12.41 -32.29 -37.27
C ASN E 223 -11.92 -30.85 -37.46
N PRO E 224 -12.41 -30.17 -38.52
CA PRO E 224 -12.35 -28.70 -38.60
C PRO E 224 -12.87 -28.02 -37.35
N GLU E 225 -13.91 -28.61 -36.74
CA GLU E 225 -14.43 -28.22 -35.41
C GLU E 225 -13.47 -27.32 -34.63
N VAL E 226 -12.27 -27.83 -34.37
CA VAL E 226 -11.25 -27.11 -33.57
C VAL E 226 -10.41 -26.15 -34.43
N LYS E 227 -10.15 -24.93 -33.90
CA LYS E 227 -9.30 -23.91 -34.56
C LYS E 227 -7.83 -24.15 -34.17
N HIS E 228 -6.90 -23.68 -35.01
CA HIS E 228 -5.47 -24.00 -34.85
C HIS E 228 -4.51 -22.90 -35.26
N ASN E 229 -3.59 -22.53 -34.36
CA ASN E 229 -2.66 -21.41 -34.57
C ASN E 229 -1.22 -21.91 -34.82
N ASP E 230 -0.85 -21.92 -36.11
CA ASP E 230 0.48 -22.33 -36.58
C ASP E 230 0.62 -22.05 -38.07
N CYS E 231 1.82 -22.16 -38.62
CA CYS E 231 2.04 -21.97 -40.05
C CYS E 231 1.44 -23.11 -40.84
N LEU E 232 1.59 -24.32 -40.31
CA LEU E 232 0.96 -25.51 -40.85
C LEU E 232 -0.48 -25.22 -41.32
N GLN E 233 -1.27 -24.69 -40.40
CA GLN E 233 -2.67 -24.35 -40.65
C GLN E 233 -2.81 -23.49 -41.91
N VAL E 234 -1.96 -22.48 -42.03
CA VAL E 234 -2.09 -21.48 -43.09
C VAL E 234 -1.85 -22.08 -44.45
N PHE E 235 -0.94 -23.04 -44.48
CA PHE E 235 -0.59 -23.73 -45.71
C PHE E 235 -1.75 -24.62 -46.18
N MET E 236 -2.51 -25.18 -45.22
CA MET E 236 -3.69 -26.00 -45.53
C MET E 236 -4.84 -25.19 -46.17
N ASP E 237 -5.02 -23.96 -45.70
CA ASP E 237 -6.04 -23.06 -46.26
C ASP E 237 -5.46 -22.21 -47.37
N ALA E 238 -4.20 -22.44 -47.73
CA ALA E 238 -3.61 -21.84 -48.91
C ALA E 238 -4.20 -22.46 -50.18
N ARG E 239 -4.23 -21.67 -51.25
CA ARG E 239 -4.76 -22.12 -52.54
C ARG E 239 -4.14 -21.38 -53.73
N TYR E 240 -4.11 -22.02 -54.90
CA TYR E 240 -3.50 -21.45 -56.14
C TYR E 240 -4.55 -20.77 -57.01
N ARG E 241 -4.09 -19.98 -57.99
CA ARG E 241 -4.97 -19.38 -59.00
C ARG E 241 -5.49 -20.51 -59.91
N GLY E 242 -6.82 -20.68 -59.94
CA GLY E 242 -7.47 -21.76 -60.69
C GLY E 242 -7.36 -23.12 -60.01
N GLU E 243 -7.70 -23.18 -58.72
CA GLU E 243 -7.74 -24.45 -57.98
C GLU E 243 -8.31 -24.33 -56.56
N GLU E 244 -9.52 -24.83 -56.36
CA GLU E 244 -9.97 -25.28 -55.03
C GLU E 244 -9.31 -26.64 -54.70
N GLN E 245 -8.74 -27.30 -55.73
CA GLN E 245 -7.91 -28.53 -55.62
C GLN E 245 -6.89 -28.63 -54.46
N ALA E 246 -6.35 -27.49 -54.00
CA ALA E 246 -5.52 -27.40 -52.75
C ALA E 246 -4.11 -28.02 -52.83
N LEU E 247 -3.31 -27.76 -51.78
CA LEU E 247 -1.89 -28.17 -51.69
C LEU E 247 -1.74 -29.53 -51.04
N ASN E 248 -0.98 -30.43 -51.68
CA ASN E 248 -0.73 -31.78 -51.11
C ASN E 248 0.19 -31.72 -49.88
N ASP E 249 0.37 -32.86 -49.23
CA ASP E 249 1.24 -32.97 -48.04
C ASP E 249 2.73 -32.78 -48.33
N GLU E 250 3.20 -33.37 -49.43
CA GLU E 250 4.61 -33.26 -49.85
C GLU E 250 5.02 -31.78 -49.87
N GLU E 251 4.18 -30.98 -50.54
CA GLU E 251 4.37 -29.53 -50.61
C GLU E 251 4.35 -28.85 -49.24
N ILE E 252 3.22 -28.96 -48.54
CA ILE E 252 3.08 -28.37 -47.21
C ILE E 252 4.31 -28.64 -46.36
N THR E 253 4.80 -29.87 -46.35
CA THR E 253 5.95 -30.22 -45.52
C THR E 253 7.24 -29.54 -46.03
N GLY E 254 7.38 -29.32 -47.32
CA GLY E 254 8.55 -28.60 -47.84
C GLY E 254 8.65 -27.20 -47.26
N LEU E 255 7.54 -26.49 -47.37
CA LEU E 255 7.42 -25.18 -46.80
C LEU E 255 7.64 -25.28 -45.30
N MET E 256 7.08 -26.31 -44.67
CA MET E 256 7.31 -26.56 -43.24
C MET E 256 8.77 -26.64 -42.92
N ILE E 257 9.53 -27.35 -43.76
CA ILE E 257 10.98 -27.53 -43.52
C ILE E 257 11.78 -26.25 -43.80
N ALA E 258 11.58 -25.67 -45.00
CA ALA E 258 12.30 -24.48 -45.44
C ALA E 258 12.38 -23.45 -44.31
N LEU E 259 11.21 -23.10 -43.78
CA LEU E 259 11.12 -22.10 -42.74
C LEU E 259 11.75 -22.58 -41.41
N LEU E 260 11.89 -23.89 -41.23
CA LEU E 260 12.58 -24.42 -40.07
C LEU E 260 14.07 -24.35 -40.27
N PHE E 261 14.48 -24.75 -41.49
CA PHE E 261 15.88 -24.67 -41.93
C PHE E 261 16.40 -23.25 -41.73
N ALA E 262 15.61 -22.29 -42.21
CA ALA E 262 15.86 -20.84 -42.10
C ALA E 262 15.99 -20.32 -40.67
N GLY E 263 15.02 -20.70 -39.83
CA GLY E 263 15.04 -20.45 -38.38
C GLY E 263 16.36 -20.91 -37.79
N GLN E 264 16.71 -22.16 -38.09
CA GLN E 264 17.90 -22.76 -37.50
C GLN E 264 19.22 -22.29 -38.06
N HIS E 265 19.32 -22.07 -39.36
CA HIS E 265 20.57 -21.54 -39.94
C HIS E 265 20.94 -20.09 -39.56
N THR E 266 19.97 -19.27 -39.10
CA THR E 266 20.16 -17.82 -38.93
C THR E 266 19.78 -17.26 -37.54
N SER E 267 18.50 -17.36 -37.19
CA SER E 267 17.96 -16.80 -35.92
C SER E 267 18.77 -17.25 -34.70
N SER E 268 19.38 -18.43 -34.81
CA SER E 268 20.26 -19.00 -33.78
C SER E 268 21.56 -18.26 -33.61
N VAL E 269 22.23 -17.96 -34.72
CA VAL E 269 23.62 -17.50 -34.63
C VAL E 269 23.64 -16.02 -34.29
N THR E 270 22.73 -15.26 -34.90
CA THR E 270 22.62 -13.83 -34.64
C THR E 270 22.10 -13.61 -33.24
N GLY E 271 21.22 -14.50 -32.78
CA GLY E 271 20.80 -14.52 -31.39
C GLY E 271 22.00 -14.64 -30.48
N SER E 272 22.85 -15.63 -30.76
CA SER E 272 24.08 -15.87 -30.01
C SER E 272 24.95 -14.63 -30.08
N TRP E 273 25.27 -14.23 -31.30
CA TRP E 273 26.14 -13.08 -31.55
C TRP E 273 25.70 -11.77 -30.88
N THR E 274 24.43 -11.67 -30.46
CA THR E 274 23.92 -10.46 -29.78
C THR E 274 24.53 -10.28 -28.40
N GLY E 275 24.46 -11.32 -27.57
CA GLY E 275 24.95 -11.28 -26.20
C GLY E 275 26.46 -11.27 -26.06
N LEU E 276 27.12 -12.12 -26.83
CA LEU E 276 28.59 -12.20 -26.83
C LEU E 276 29.23 -10.84 -27.09
N LEU E 277 28.62 -10.06 -27.99
CA LEU E 277 29.05 -8.68 -28.25
C LEU E 277 28.68 -7.70 -27.13
N LEU E 278 27.49 -7.84 -26.55
CA LEU E 278 26.99 -6.89 -25.57
C LEU E 278 27.76 -6.90 -24.25
N PHE E 279 28.17 -8.08 -23.78
CA PHE E 279 28.77 -8.22 -22.44
C PHE E 279 30.32 -8.30 -22.40
N GLU E 280 30.99 -7.95 -23.50
CA GLU E 280 32.46 -7.89 -23.54
C GLU E 280 32.89 -6.53 -23.01
N ALA E 281 33.91 -6.49 -22.14
CA ALA E 281 34.28 -5.28 -21.37
C ALA E 281 34.37 -3.96 -22.16
N ASN E 282 34.84 -3.99 -23.41
CA ASN E 282 34.79 -2.80 -24.31
C ASN E 282 33.36 -2.29 -24.43
N ASN E 283 32.47 -3.24 -24.68
CA ASN E 283 31.09 -3.02 -25.11
C ASN E 283 30.09 -2.95 -23.95
N LYS E 284 30.31 -3.78 -22.93
CA LYS E 284 29.52 -3.74 -21.70
C LYS E 284 29.57 -2.34 -21.07
N LYS E 285 30.79 -1.82 -20.93
CA LYS E 285 31.06 -0.54 -20.23
C LYS E 285 30.29 0.68 -20.76
N LYS E 286 30.00 0.71 -22.07
CA LYS E 286 29.29 1.84 -22.69
C LYS E 286 27.78 1.65 -22.87
N PHE E 287 27.35 0.43 -23.22
CA PHE E 287 25.98 0.19 -23.71
C PHE E 287 24.99 -0.49 -22.74
N LEU E 288 25.48 -1.45 -21.94
CA LEU E 288 24.61 -2.26 -21.04
C LEU E 288 23.77 -1.47 -20.01
N PRO E 289 24.30 -0.35 -19.45
CA PRO E 289 23.42 0.56 -18.70
C PRO E 289 22.19 1.03 -19.49
N GLY E 290 22.38 1.35 -20.78
CA GLY E 290 21.31 1.77 -21.68
C GLY E 290 20.24 0.72 -21.98
N VAL E 291 20.65 -0.50 -22.32
CA VAL E 291 19.74 -1.63 -22.56
C VAL E 291 18.95 -1.93 -21.29
N LEU E 292 19.67 -1.98 -20.16
CA LEU E 292 19.06 -2.16 -18.84
C LEU E 292 18.00 -1.09 -18.60
N GLU E 293 18.35 0.18 -18.71
CA GLU E 293 17.36 1.26 -18.61
C GLU E 293 16.24 1.08 -19.60
N GLU E 294 16.58 1.05 -20.90
CA GLU E 294 15.57 1.00 -21.97
C GLU E 294 14.62 -0.18 -21.79
N GLN E 295 15.12 -1.29 -21.23
CA GLN E 295 14.24 -2.37 -20.76
C GLN E 295 13.38 -1.92 -19.58
N GLU E 296 13.99 -1.20 -18.63
CA GLU E 296 13.32 -0.70 -17.40
C GLU E 296 12.23 0.38 -17.62
N GLU E 297 12.45 1.33 -18.54
CA GLU E 297 11.37 2.22 -19.04
C GLU E 297 10.04 1.46 -19.28
N ILE E 298 10.17 0.26 -19.85
CA ILE E 298 9.03 -0.55 -20.28
C ILE E 298 8.47 -1.45 -19.18
N ARG E 299 9.32 -1.88 -18.23
CA ARG E 299 8.84 -2.70 -17.09
C ARG E 299 7.78 -1.94 -16.27
N LYS E 300 8.06 -0.68 -15.92
CA LYS E 300 7.13 0.17 -15.15
C LYS E 300 5.99 0.77 -15.98
N GLU E 301 6.11 0.74 -17.31
CA GLU E 301 5.01 1.06 -18.23
C GLU E 301 4.15 -0.18 -18.59
N PHE E 302 4.68 -1.12 -19.40
CA PHE E 302 3.91 -2.32 -19.85
C PHE E 302 4.20 -3.63 -19.07
N GLY E 303 4.55 -3.49 -17.79
CA GLY E 303 4.55 -4.61 -16.84
C GLY E 303 5.76 -5.53 -16.88
N ASP E 304 5.86 -6.37 -15.84
CA ASP E 304 6.80 -7.49 -15.81
C ASP E 304 6.24 -8.61 -16.73
N GLU E 305 5.88 -8.23 -17.95
CA GLU E 305 5.07 -9.07 -18.83
C GLU E 305 5.23 -8.63 -20.29
N LEU E 306 5.55 -9.60 -21.14
CA LEU E 306 6.05 -9.34 -22.48
C LEU E 306 4.99 -9.56 -23.52
N THR E 307 4.57 -8.46 -24.13
CA THR E 307 3.68 -8.47 -25.28
C THR E 307 4.55 -7.96 -26.44
N MET E 308 4.09 -8.18 -27.67
CA MET E 308 4.70 -7.59 -28.85
C MET E 308 4.74 -6.05 -28.77
N GLU E 309 3.68 -5.45 -28.18
CA GLU E 309 3.56 -3.97 -27.93
C GLU E 309 4.77 -3.37 -27.16
N ALA E 310 5.33 -4.18 -26.24
CA ALA E 310 6.52 -3.85 -25.45
C ALA E 310 7.82 -4.06 -26.22
N LEU E 311 7.94 -5.24 -26.86
CA LEU E 311 9.12 -5.63 -27.65
C LEU E 311 9.43 -4.59 -28.72
N ASN E 312 8.42 -4.23 -29.52
CA ASN E 312 8.58 -3.24 -30.61
C ASN E 312 9.16 -1.90 -30.15
N LYS E 313 8.71 -1.44 -28.98
CA LYS E 313 9.28 -0.26 -28.30
C LYS E 313 10.45 -0.65 -27.38
N MET E 314 11.37 -1.50 -27.86
CA MET E 314 12.70 -1.65 -27.29
C MET E 314 13.64 -1.29 -28.43
N ASP E 315 13.81 0.00 -28.65
CA ASP E 315 14.59 0.47 -29.80
C ASP E 315 16.10 0.25 -29.59
N LYS E 316 16.59 0.32 -28.35
CA LYS E 316 18.02 0.12 -28.06
C LYS E 316 18.43 -1.36 -28.13
N LEU E 317 17.60 -2.25 -27.60
CA LEU E 317 17.89 -3.70 -27.65
C LEU E 317 17.80 -4.23 -29.07
N HIS E 318 16.75 -3.81 -29.79
CA HIS E 318 16.57 -4.12 -31.22
C HIS E 318 17.82 -3.82 -32.03
N ARG E 319 18.58 -2.80 -31.62
CA ARG E 319 19.85 -2.47 -32.28
C ARG E 319 21.01 -3.41 -31.91
N CYS E 320 21.15 -3.78 -30.63
CA CYS E 320 22.20 -4.74 -30.22
C CYS E 320 22.10 -6.06 -31.00
N VAL E 321 20.88 -6.43 -31.38
CA VAL E 321 20.60 -7.52 -32.34
C VAL E 321 20.99 -7.10 -33.75
N LYS E 322 20.57 -5.91 -34.15
CA LYS E 322 20.89 -5.41 -35.50
C LYS E 322 22.39 -5.23 -35.74
N GLU E 323 23.18 -5.03 -34.66
CA GLU E 323 24.65 -4.89 -34.78
C GLU E 323 25.31 -6.25 -34.91
N ALA E 324 24.96 -7.16 -34.01
CA ALA E 324 25.39 -8.55 -34.15
C ALA E 324 25.02 -9.20 -35.48
N LEU E 325 24.09 -8.60 -36.21
CA LEU E 325 23.82 -8.98 -37.56
C LEU E 325 24.67 -8.16 -38.53
N ARG E 326 24.89 -6.88 -38.24
CA ARG E 326 25.76 -6.03 -39.08
C ARG E 326 27.19 -6.61 -39.20
N MET E 327 27.69 -7.17 -38.10
CA MET E 327 29.07 -7.59 -38.08
C MET E 327 29.23 -9.06 -38.47
N TYR E 328 28.37 -9.94 -37.96
CA TYR E 328 28.45 -11.40 -38.22
C TYR E 328 27.19 -12.01 -38.86
N PRO E 329 26.94 -11.67 -40.13
CA PRO E 329 25.83 -12.28 -40.85
C PRO E 329 25.90 -13.80 -40.95
N PRO E 330 24.79 -14.49 -40.66
CA PRO E 330 24.74 -15.95 -40.86
C PRO E 330 24.93 -16.34 -42.31
N LEU E 331 24.35 -15.58 -43.23
CA LEU E 331 24.56 -15.84 -44.63
C LEU E 331 25.72 -15.01 -45.13
N LEU E 332 26.79 -15.69 -45.53
CA LEU E 332 27.98 -15.05 -46.02
C LEU E 332 27.75 -14.41 -47.38
N PHE E 333 27.02 -15.12 -48.24
CA PHE E 333 26.72 -14.62 -49.58
C PHE E 333 25.22 -14.69 -49.73
N VAL E 334 24.70 -13.99 -50.72
CA VAL E 334 23.43 -14.37 -51.37
C VAL E 334 23.80 -14.39 -52.84
N MET E 335 23.05 -15.10 -53.68
CA MET E 335 23.42 -15.24 -55.10
C MET E 335 22.26 -15.09 -56.02
N ARG E 336 22.56 -14.78 -57.28
CA ARG E 336 21.61 -15.00 -58.36
C ARG E 336 22.39 -15.41 -59.61
N LYS E 337 21.77 -16.21 -60.46
CA LYS E 337 22.25 -16.36 -61.87
C LYS E 337 21.73 -15.15 -62.67
N VAL E 338 22.59 -14.52 -63.49
CA VAL E 338 22.20 -13.35 -64.29
C VAL E 338 21.53 -13.78 -65.60
N ILE E 339 20.48 -13.06 -66.02
CA ILE E 339 19.73 -13.38 -67.25
C ILE E 339 19.76 -12.22 -68.27
N LYS E 340 19.33 -11.02 -67.87
CA LYS E 340 19.47 -9.78 -68.68
C LYS E 340 20.77 -9.14 -68.21
N PRO E 341 21.78 -9.06 -69.09
CA PRO E 341 23.05 -8.51 -68.63
C PRO E 341 22.96 -7.06 -68.21
N PHE E 342 23.90 -6.66 -67.36
CA PHE E 342 24.07 -5.26 -66.97
C PHE E 342 25.56 -4.92 -66.91
N SER E 343 25.84 -3.63 -66.77
CA SER E 343 27.19 -3.16 -66.65
C SER E 343 27.16 -2.05 -65.61
N TYR E 344 27.82 -2.28 -64.49
CA TYR E 344 27.85 -1.33 -63.40
C TYR E 344 29.20 -0.68 -63.41
N LYS E 345 29.20 0.66 -63.46
CA LYS E 345 30.36 1.42 -63.90
C LYS E 345 30.69 0.94 -65.34
N ASP E 346 31.94 0.54 -65.59
CA ASP E 346 32.35 -0.04 -66.88
C ASP E 346 32.59 -1.56 -66.83
N TYR E 347 32.68 -2.17 -65.64
CA TYR E 347 32.77 -3.65 -65.49
C TYR E 347 31.47 -4.31 -65.99
N TYR E 348 31.59 -5.23 -66.96
CA TYR E 348 30.43 -5.81 -67.62
C TYR E 348 30.20 -7.25 -67.24
N VAL E 349 28.93 -7.57 -66.97
CA VAL E 349 28.50 -8.85 -66.38
C VAL E 349 27.60 -9.60 -67.38
N PRO E 350 28.19 -10.46 -68.22
CA PRO E 350 27.36 -11.06 -69.29
C PRO E 350 26.36 -12.05 -68.77
N GLU E 351 25.47 -12.52 -69.65
CA GLU E 351 24.48 -13.55 -69.30
C GLU E 351 25.15 -14.86 -68.84
N GLY E 352 24.69 -15.45 -67.74
CA GLY E 352 25.23 -16.70 -67.20
C GLY E 352 26.16 -16.61 -65.98
N ASP E 353 26.69 -15.41 -65.71
CA ASP E 353 27.46 -15.19 -64.49
C ASP E 353 26.51 -15.35 -63.33
N THR E 354 27.03 -15.86 -62.21
CA THR E 354 26.35 -15.79 -60.93
C THR E 354 26.88 -14.56 -60.23
N VAL E 355 25.98 -13.62 -59.88
CA VAL E 355 26.34 -12.48 -59.01
C VAL E 355 26.07 -12.74 -57.55
N PHE E 356 26.93 -12.19 -56.73
CA PHE E 356 26.95 -12.45 -55.32
C PHE E 356 26.93 -11.12 -54.64
N VAL E 357 26.11 -10.97 -53.61
CA VAL E 357 26.40 -9.97 -52.61
C VAL E 357 26.78 -10.69 -51.34
N SER E 358 27.85 -10.25 -50.69
CA SER E 358 28.04 -10.62 -49.31
C SER E 358 27.42 -9.54 -48.44
N PRO E 359 26.74 -9.94 -47.36
CA PRO E 359 26.56 -9.01 -46.26
C PRO E 359 27.88 -8.79 -45.51
N ALA E 360 28.43 -9.81 -44.83
CA ALA E 360 29.50 -9.60 -43.81
C ALA E 360 30.50 -8.59 -44.30
N LEU E 361 30.83 -8.72 -45.58
CA LEU E 361 31.77 -7.85 -46.30
C LEU E 361 31.24 -6.47 -46.65
N SER E 362 30.01 -6.39 -47.15
CA SER E 362 29.33 -5.08 -47.46
C SER E 362 29.03 -4.24 -46.22
N MET E 363 29.13 -4.84 -45.06
CA MET E 363 28.85 -4.16 -43.83
C MET E 363 30.09 -4.01 -42.97
N ARG E 364 31.26 -4.30 -43.56
CA ARG E 364 32.52 -3.86 -43.00
C ARG E 364 33.32 -3.08 -44.04
N VAL E 365 32.64 -2.25 -44.82
CA VAL E 365 33.29 -1.21 -45.61
C VAL E 365 33.35 0.03 -44.73
N GLU E 366 34.54 0.61 -44.56
CA GLU E 366 34.70 1.82 -43.72
C GLU E 366 34.02 3.04 -44.33
N GLU E 367 34.01 3.14 -45.66
CA GLU E 367 33.31 4.25 -46.33
C GLU E 367 31.78 4.29 -46.03
N VAL E 368 31.19 3.17 -45.61
CA VAL E 368 29.78 3.13 -45.19
C VAL E 368 29.63 3.41 -43.68
N PHE E 369 29.91 2.42 -42.85
CA PHE E 369 29.75 2.57 -41.41
C PHE E 369 31.06 3.08 -40.85
N PRO E 370 31.02 4.21 -40.13
CA PRO E 370 32.11 4.53 -39.21
C PRO E 370 32.50 3.34 -38.32
N ASN E 371 33.78 3.28 -37.94
CA ASN E 371 34.37 2.14 -37.21
C ASN E 371 33.65 0.79 -37.39
N ALA E 372 33.74 0.29 -38.62
CA ALA E 372 33.02 -0.93 -39.00
C ALA E 372 33.50 -2.21 -38.28
N ASP E 373 34.76 -2.23 -37.83
CA ASP E 373 35.27 -3.34 -37.03
C ASP E 373 34.90 -3.20 -35.54
N GLN E 374 34.34 -2.06 -35.15
CA GLN E 374 34.02 -1.76 -33.75
C GLN E 374 32.54 -1.99 -33.48
N TYR E 375 32.24 -2.60 -32.33
CA TYR E 375 30.86 -2.78 -31.88
C TYR E 375 30.30 -1.45 -31.35
N ASN E 376 29.23 -0.95 -31.97
CA ASN E 376 28.59 0.30 -31.58
C ASN E 376 27.15 0.36 -32.12
N PRO E 377 26.21 -0.37 -31.46
CA PRO E 377 24.82 -0.47 -31.94
C PRO E 377 24.19 0.89 -32.19
N GLU E 378 24.36 1.78 -31.22
CA GLU E 378 23.73 3.11 -31.28
C GLU E 378 24.10 3.91 -32.55
N ARG E 379 24.97 3.35 -33.40
CA ARG E 379 25.16 3.82 -34.76
C ARG E 379 23.88 3.93 -35.55
N PHE E 380 22.94 3.00 -35.34
CA PHE E 380 21.73 2.98 -36.17
C PHE E 380 20.74 4.12 -35.88
N VAL E 381 20.99 4.92 -34.84
CA VAL E 381 20.17 6.11 -34.51
C VAL E 381 20.07 7.06 -35.73
N GLU E 382 21.20 7.64 -36.13
CA GLU E 382 21.29 8.47 -37.33
C GLU E 382 21.42 7.64 -38.62
N GLU E 383 21.97 6.42 -38.49
CA GLU E 383 22.16 5.52 -39.65
C GLU E 383 20.82 5.05 -40.24
N ASP E 384 19.86 4.68 -39.38
CA ASP E 384 18.51 4.34 -39.86
C ASP E 384 17.85 5.52 -40.55
N LYS E 385 18.07 6.73 -40.01
CA LYS E 385 17.64 7.98 -40.66
C LYS E 385 18.06 8.10 -42.15
N GLN E 386 19.18 7.45 -42.55
CA GLN E 386 19.76 7.58 -43.92
C GLN E 386 18.97 6.82 -44.98
N ALA E 387 18.82 7.45 -46.15
CA ALA E 387 17.83 7.04 -47.15
C ALA E 387 18.39 6.21 -48.32
N GLN E 388 19.64 6.49 -48.69
CA GLN E 388 20.32 5.73 -49.75
C GLN E 388 20.20 4.24 -49.45
N LYS E 389 19.70 3.49 -50.43
CA LYS E 389 19.30 2.10 -50.24
C LYS E 389 20.47 1.13 -50.16
N TYR E 390 20.16 -0.03 -49.59
CA TYR E 390 21.01 -1.19 -49.60
C TYR E 390 22.28 -0.92 -48.85
N ARG E 391 22.19 -0.20 -47.73
CA ARG E 391 23.36 0.07 -46.88
C ARG E 391 23.55 -1.11 -45.95
N PHE E 392 22.49 -1.41 -45.18
CA PHE E 392 22.42 -2.61 -44.36
C PHE E 392 21.75 -3.67 -45.21
N VAL E 393 22.36 -4.84 -45.33
CA VAL E 393 21.78 -5.93 -46.12
C VAL E 393 21.74 -7.27 -45.39
N GLY E 394 21.92 -7.27 -44.06
CA GLY E 394 21.74 -8.46 -43.21
C GLY E 394 20.51 -9.33 -43.48
N PHE E 395 19.42 -8.70 -43.93
CA PHE E 395 18.21 -9.41 -44.32
C PHE E 395 17.95 -9.29 -45.83
N GLY E 396 18.97 -8.99 -46.61
CA GLY E 396 18.81 -8.69 -48.04
C GLY E 396 17.91 -7.48 -48.21
N ALA E 397 17.21 -7.43 -49.33
CA ALA E 397 16.29 -6.33 -49.67
C ALA E 397 15.65 -6.62 -51.02
N GLY E 398 14.79 -5.75 -51.54
CA GLY E 398 14.17 -6.00 -52.85
C GLY E 398 13.15 -7.12 -52.81
N ARG E 399 12.84 -7.71 -53.97
CA ARG E 399 11.62 -8.56 -54.08
C ARG E 399 11.71 -9.73 -53.11
N HIS E 400 12.91 -10.27 -52.91
CA HIS E 400 13.12 -11.45 -52.05
C HIS E 400 13.84 -11.09 -50.76
N GLY E 401 13.37 -10.02 -50.10
CA GLY E 401 13.83 -9.69 -48.76
C GLY E 401 13.21 -10.65 -47.77
N CYS E 402 13.88 -10.77 -46.62
CA CYS E 402 13.55 -11.82 -45.66
C CYS E 402 12.15 -11.77 -45.08
N MET E 403 11.25 -12.60 -45.59
CA MET E 403 9.92 -12.70 -44.99
C MET E 403 9.94 -13.05 -43.48
N GLY E 404 11.06 -13.57 -42.97
CA GLY E 404 11.20 -13.85 -41.54
C GLY E 404 11.71 -12.74 -40.65
N GLU E 405 12.37 -11.72 -41.23
CA GLU E 405 13.04 -10.63 -40.46
C GLU E 405 12.28 -10.18 -39.22
N ASN E 406 10.99 -9.95 -39.40
CA ASN E 406 10.12 -9.59 -38.28
C ASN E 406 10.11 -10.63 -37.17
N PHE E 407 9.82 -11.90 -37.55
CA PHE E 407 9.92 -13.05 -36.62
C PHE E 407 11.28 -13.06 -35.97
N ALA E 408 12.32 -12.93 -36.80
CA ALA E 408 13.68 -13.01 -36.32
C ALA E 408 13.81 -12.09 -35.12
N TYR E 409 13.58 -10.80 -35.34
CA TYR E 409 13.85 -9.84 -34.28
C TYR E 409 13.07 -10.23 -33.02
N LEU E 410 11.76 -10.45 -33.19
CA LEU E 410 10.87 -10.75 -32.06
C LEU E 410 11.31 -11.97 -31.23
N GLN E 411 11.93 -12.95 -31.87
CA GLN E 411 12.43 -14.14 -31.18
C GLN E 411 13.70 -13.83 -30.43
N ILE E 412 14.59 -13.08 -31.06
CA ILE E 412 15.89 -12.74 -30.49
C ILE E 412 15.70 -11.76 -29.32
N LYS E 413 14.77 -10.81 -29.47
CA LYS E 413 14.49 -9.83 -28.40
C LYS E 413 13.70 -10.40 -27.22
N THR E 414 12.83 -11.38 -27.46
CA THR E 414 12.22 -12.16 -26.37
C THR E 414 13.29 -12.81 -25.50
N ILE E 415 14.27 -13.41 -26.17
CA ILE E 415 15.37 -14.14 -25.52
C ILE E 415 16.21 -13.26 -24.63
N TRP E 416 16.61 -12.11 -25.16
CA TRP E 416 17.44 -11.21 -24.39
C TRP E 416 16.63 -10.41 -23.39
N SER E 417 15.37 -10.09 -23.70
CA SER E 417 14.48 -9.45 -22.72
C SER E 417 14.31 -10.32 -21.48
N VAL E 418 14.01 -11.59 -21.68
CA VAL E 418 13.83 -12.55 -20.59
C VAL E 418 15.13 -12.83 -19.83
N LEU E 419 16.26 -12.79 -20.55
CA LEU E 419 17.57 -13.13 -20.00
C LEU E 419 18.14 -11.97 -19.21
N LEU E 420 18.12 -10.80 -19.82
CA LEU E 420 18.58 -9.57 -19.18
C LEU E 420 17.71 -9.21 -17.97
N ARG E 421 16.44 -9.62 -17.97
CA ARG E 421 15.56 -9.40 -16.81
C ARG E 421 15.90 -10.35 -15.65
N ASN E 422 15.91 -11.65 -15.93
CA ASN E 422 16.11 -12.63 -14.87
C ASN E 422 17.55 -12.78 -14.36
N PHE E 423 18.54 -12.58 -15.23
CA PHE E 423 19.92 -12.97 -14.92
C PHE E 423 20.92 -11.83 -15.07
N ASP E 424 21.86 -11.75 -14.13
CA ASP E 424 23.07 -10.94 -14.31
C ASP E 424 24.13 -11.83 -14.98
N ILE E 425 24.85 -11.26 -15.96
CA ILE E 425 25.58 -12.03 -16.99
C ILE E 425 26.97 -11.45 -17.33
N GLU E 426 27.89 -12.36 -17.67
CA GLU E 426 29.31 -12.06 -17.91
C GLU E 426 29.88 -13.00 -18.99
N LEU E 427 30.90 -12.52 -19.69
CA LEU E 427 31.57 -13.25 -20.79
C LEU E 427 32.80 -14.08 -20.36
N VAL E 428 32.75 -15.40 -20.53
CA VAL E 428 33.91 -16.29 -20.29
C VAL E 428 34.81 -16.24 -21.53
N GLY E 429 36.07 -15.82 -21.35
CA GLY E 429 37.05 -15.66 -22.44
C GLY E 429 37.06 -14.25 -22.99
N GLU E 430 37.61 -14.09 -24.19
CA GLU E 430 37.28 -12.94 -25.05
C GLU E 430 36.33 -13.50 -26.11
N LEU E 431 35.63 -12.59 -26.80
CA LEU E 431 34.85 -12.85 -28.03
C LEU E 431 35.20 -14.14 -28.80
N PRO E 432 34.21 -15.00 -29.08
CA PRO E 432 34.51 -16.18 -29.90
C PRO E 432 34.89 -15.88 -31.34
N LYS E 433 35.46 -16.90 -31.99
CA LYS E 433 35.92 -16.83 -33.39
C LYS E 433 34.80 -17.44 -34.26
N PRO E 434 34.58 -16.87 -35.46
CA PRO E 434 33.53 -17.42 -36.32
C PRO E 434 33.90 -18.75 -37.04
N ASP E 435 33.18 -19.84 -36.79
CA ASP E 435 33.36 -21.11 -37.55
C ASP E 435 32.87 -20.95 -39.00
N TYR E 436 33.78 -20.62 -39.94
CA TYR E 436 33.41 -20.21 -41.33
C TYR E 436 33.00 -21.33 -42.33
N THR E 437 33.28 -22.59 -42.03
CA THR E 437 32.60 -23.72 -42.71
C THR E 437 32.00 -24.68 -41.68
N ALA E 438 30.87 -24.25 -41.14
CA ALA E 438 29.83 -25.13 -40.62
C ALA E 438 28.57 -24.95 -41.50
N MET E 439 28.74 -24.33 -42.67
CA MET E 439 27.65 -23.75 -43.50
C MET E 439 26.87 -22.59 -42.86
N VAL E 440 27.33 -22.17 -41.68
CA VAL E 440 26.54 -21.51 -40.65
C VAL E 440 27.56 -20.76 -39.81
N VAL E 441 27.79 -19.50 -40.15
CA VAL E 441 28.80 -18.69 -39.49
C VAL E 441 28.35 -18.25 -38.10
N GLY E 442 28.50 -19.16 -37.15
CA GLY E 442 28.20 -18.91 -35.74
C GLY E 442 29.48 -18.78 -34.95
N PRO E 443 29.40 -18.42 -33.66
CA PRO E 443 30.59 -18.26 -32.84
C PRO E 443 31.08 -19.63 -32.37
N ALA E 444 32.30 -20.01 -32.76
CA ALA E 444 32.78 -21.40 -32.60
C ALA E 444 32.95 -21.73 -31.12
N HIS E 445 32.67 -22.98 -30.74
CA HIS E 445 32.72 -23.40 -29.32
C HIS E 445 34.15 -23.22 -28.74
N PRO E 446 34.32 -23.05 -27.42
CA PRO E 446 33.25 -22.97 -26.42
C PRO E 446 32.91 -21.50 -26.09
N CYS E 447 31.81 -21.00 -26.65
CA CYS E 447 31.38 -19.60 -26.49
C CYS E 447 30.51 -19.51 -25.24
N LEU E 448 31.18 -19.58 -24.08
CA LEU E 448 30.51 -19.72 -22.79
C LEU E 448 30.15 -18.37 -22.17
N LEU E 449 28.95 -18.29 -21.58
CA LEU E 449 28.53 -17.16 -20.77
C LEU E 449 28.21 -17.65 -19.36
N ARG E 450 28.43 -16.76 -18.40
CA ARG E 450 28.39 -17.06 -16.96
C ARG E 450 27.11 -16.49 -16.30
N TYR E 451 26.24 -17.35 -15.76
CA TYR E 451 24.93 -16.90 -15.24
C TYR E 451 24.79 -16.86 -13.70
N THR E 452 24.39 -15.68 -13.19
CA THR E 452 23.92 -15.48 -11.80
C THR E 452 22.48 -14.97 -11.83
N ARG E 453 21.56 -15.77 -11.30
CA ARG E 453 20.14 -15.41 -11.24
C ARG E 453 19.99 -14.23 -10.27
N LYS E 454 19.82 -13.02 -10.81
CA LYS E 454 19.80 -11.77 -10.01
C LYS E 454 18.51 -11.62 -9.18
N HIS E 455 18.42 -12.43 -8.11
CA HIS E 455 17.28 -12.46 -7.19
C HIS E 455 17.69 -13.20 -5.91
N TYR F 43 -17.99 18.00 -32.83
CA TYR F 43 -16.73 18.79 -32.94
C TYR F 43 -15.82 18.70 -31.69
N GLY F 44 -16.38 18.45 -30.50
CA GLY F 44 -15.59 18.32 -29.24
C GLY F 44 -14.95 19.63 -28.75
N ASP F 45 -15.60 20.74 -29.10
CA ASP F 45 -14.93 22.04 -29.26
C ASP F 45 -15.93 23.23 -29.25
N ILE F 46 -17.03 23.11 -30.00
CA ILE F 46 -18.13 24.09 -30.01
C ILE F 46 -19.41 23.36 -29.55
N PHE F 47 -20.28 24.03 -28.81
CA PHE F 47 -21.47 23.37 -28.23
C PHE F 47 -22.56 24.39 -28.22
N THR F 48 -23.80 24.00 -28.50
CA THR F 48 -24.87 24.99 -28.52
C THR F 48 -26.10 24.52 -27.78
N MET F 49 -26.59 25.36 -26.89
CA MET F 49 -27.84 25.14 -26.15
C MET F 49 -29.00 25.94 -26.74
N LYS F 50 -30.22 25.56 -26.36
CA LYS F 50 -31.32 26.51 -26.23
C LYS F 50 -31.71 26.35 -24.77
N VAL F 51 -31.69 27.46 -24.05
CA VAL F 51 -32.30 27.53 -22.74
C VAL F 51 -33.24 28.69 -22.82
N PHE F 52 -34.31 28.63 -22.01
CA PHE F 52 -35.33 29.67 -21.94
C PHE F 52 -35.62 30.32 -23.30
N GLY F 53 -34.71 31.18 -23.75
CA GLY F 53 -34.88 31.93 -24.97
C GLY F 53 -33.68 31.74 -25.85
N GLN F 54 -32.55 32.34 -25.47
CA GLN F 54 -31.35 32.46 -26.32
C GLN F 54 -30.75 31.09 -26.63
N ARG F 55 -29.80 31.07 -27.58
CA ARG F 55 -29.06 29.86 -27.95
C ARG F 55 -27.63 30.01 -27.53
N LEU F 56 -27.31 29.62 -26.31
CA LEU F 56 -25.94 29.78 -25.81
C LEU F 56 -25.03 28.87 -26.64
N THR F 57 -23.97 29.42 -27.24
CA THR F 57 -23.08 28.67 -28.15
C THR F 57 -21.64 28.69 -27.68
N PHE F 58 -21.24 27.68 -26.93
CA PHE F 58 -19.90 27.71 -26.30
C PHE F 58 -18.79 27.50 -27.32
N LEU F 59 -17.58 27.89 -26.93
CA LEU F 59 -16.40 27.76 -27.77
C LEU F 59 -15.25 27.40 -26.84
N VAL F 60 -14.50 26.38 -27.22
CA VAL F 60 -13.39 25.94 -26.42
C VAL F 60 -12.17 25.78 -27.34
N GLY F 61 -11.05 26.30 -26.86
CA GLY F 61 -9.80 26.17 -27.55
C GLY F 61 -9.57 27.23 -28.61
N PRO F 62 -8.28 27.62 -28.77
CA PRO F 62 -7.80 28.76 -29.52
C PRO F 62 -8.28 28.88 -30.95
N ASP F 63 -8.50 27.72 -31.59
CA ASP F 63 -9.08 27.68 -32.93
C ASP F 63 -10.48 28.23 -32.86
N ALA F 64 -11.26 27.70 -31.93
CA ALA F 64 -12.64 28.12 -31.69
C ALA F 64 -12.77 29.55 -31.21
N HIS F 65 -11.78 29.97 -30.42
CA HIS F 65 -11.69 31.30 -29.82
C HIS F 65 -11.65 32.46 -30.86
N VAL F 66 -11.05 32.18 -32.01
CA VAL F 66 -10.82 33.19 -33.05
C VAL F 66 -12.06 34.06 -33.38
N PRO F 67 -13.27 33.47 -33.39
CA PRO F 67 -14.48 34.31 -33.48
C PRO F 67 -14.79 35.24 -32.29
N PHE F 68 -14.52 34.77 -31.06
CA PHE F 68 -14.86 35.53 -29.85
C PHE F 68 -13.93 36.72 -29.55
N PHE F 69 -12.66 36.61 -29.87
CA PHE F 69 -11.72 37.66 -29.50
C PHE F 69 -11.31 38.58 -30.66
N SER F 70 -11.08 38.02 -31.85
CA SER F 70 -10.65 38.81 -33.03
C SER F 70 -11.66 39.82 -33.57
N GLN F 71 -12.95 39.56 -33.40
CA GLN F 71 -13.98 40.43 -33.97
C GLN F 71 -14.13 41.77 -33.18
N GLY F 72 -15.04 42.63 -33.66
CA GLY F 72 -15.17 44.03 -33.22
C GLY F 72 -16.55 44.32 -32.68
N ASP F 73 -16.73 45.52 -32.11
CA ASP F 73 -17.92 45.85 -31.30
C ASP F 73 -19.16 45.78 -32.18
N ALA F 74 -18.96 46.03 -33.48
CA ALA F 74 -20.00 45.98 -34.51
C ALA F 74 -20.54 44.58 -34.65
N GLU F 75 -19.60 43.64 -34.70
CA GLU F 75 -19.87 42.23 -34.92
C GLU F 75 -20.39 41.47 -33.66
N LEU F 76 -19.73 41.70 -32.52
CA LEU F 76 -20.13 41.08 -31.25
C LEU F 76 -20.28 42.17 -30.24
N SER F 77 -21.45 42.19 -29.58
CA SER F 77 -21.83 43.24 -28.60
C SER F 77 -21.67 42.76 -27.14
N GLN F 78 -21.41 43.68 -26.19
CA GLN F 78 -21.39 43.31 -24.75
C GLN F 78 -22.70 43.60 -24.00
N ASP F 79 -23.69 44.19 -24.68
CA ASP F 79 -24.83 44.86 -24.00
C ASP F 79 -25.71 43.87 -23.18
N GLU F 80 -26.47 43.00 -23.86
CA GLU F 80 -27.35 42.00 -23.17
C GLU F 80 -26.52 41.06 -22.29
N PRO F 81 -25.44 40.49 -22.81
CA PRO F 81 -24.67 39.60 -21.98
C PRO F 81 -24.27 40.17 -20.64
N TYR F 82 -23.74 41.41 -20.59
CA TYR F 82 -23.35 41.97 -19.29
C TYR F 82 -24.35 42.96 -18.78
N GLN F 83 -25.64 42.69 -19.04
CA GLN F 83 -26.71 43.65 -18.78
C GLN F 83 -26.85 43.90 -17.30
N PHE F 84 -26.84 42.82 -16.53
CA PHE F 84 -26.78 42.88 -15.04
C PHE F 84 -25.98 44.00 -14.34
N SER F 85 -24.95 44.53 -15.00
CA SER F 85 -24.05 45.54 -14.43
C SER F 85 -24.65 46.95 -14.36
N VAL F 86 -25.59 47.27 -15.27
CA VAL F 86 -26.14 48.63 -15.44
C VAL F 86 -26.60 49.24 -14.10
N PRO F 87 -27.57 48.61 -13.40
CA PRO F 87 -28.00 49.17 -12.14
C PRO F 87 -27.02 49.07 -10.99
N ILE F 88 -25.85 48.48 -11.21
CA ILE F 88 -24.83 48.36 -10.17
C ILE F 88 -23.86 49.52 -10.27
N PHE F 89 -23.40 49.78 -11.49
CA PHE F 89 -22.49 50.89 -11.73
C PHE F 89 -23.30 52.17 -11.83
N GLY F 90 -24.46 52.06 -12.48
CA GLY F 90 -25.31 53.20 -12.76
C GLY F 90 -25.53 53.34 -14.26
N PRO F 91 -26.50 54.16 -14.64
CA PRO F 91 -26.79 54.41 -16.04
C PRO F 91 -25.73 55.30 -16.68
N ASN F 92 -25.52 55.12 -17.97
CA ASN F 92 -24.52 55.87 -18.72
C ASN F 92 -23.10 55.65 -18.15
N VAL F 93 -22.90 54.46 -17.61
CA VAL F 93 -21.62 54.06 -17.16
C VAL F 93 -21.39 52.71 -17.85
N VAL F 94 -20.26 52.64 -18.54
CA VAL F 94 -19.82 51.43 -19.24
C VAL F 94 -20.93 50.81 -20.06
N TYR F 95 -21.61 49.79 -19.52
CA TYR F 95 -22.50 48.99 -20.33
C TYR F 95 -23.88 49.65 -20.37
N GLY F 96 -24.09 50.64 -19.50
CA GLY F 96 -25.28 51.52 -19.59
C GLY F 96 -25.20 52.50 -20.75
N ALA F 97 -24.02 53.11 -20.91
CA ALA F 97 -23.76 54.13 -21.94
C ALA F 97 -23.90 53.55 -23.33
N ASP F 98 -24.24 54.37 -24.30
CA ASP F 98 -24.13 53.97 -25.71
C ASP F 98 -22.66 53.70 -26.07
N LEU F 99 -22.43 53.15 -27.27
CA LEU F 99 -21.08 52.83 -27.75
C LEU F 99 -20.15 54.01 -27.66
N ALA F 100 -20.69 55.17 -28.04
CA ALA F 100 -19.91 56.40 -28.15
C ALA F 100 -19.28 56.81 -26.83
N HIS F 101 -20.14 57.03 -25.85
CA HIS F 101 -19.73 57.52 -24.54
C HIS F 101 -19.00 56.39 -23.77
N ARG F 102 -19.30 55.14 -24.13
CA ARG F 102 -18.62 53.98 -23.59
C ARG F 102 -17.19 53.85 -24.08
N ASN F 103 -16.97 53.74 -25.39
CA ASN F 103 -15.59 53.56 -25.87
C ASN F 103 -14.61 54.58 -25.29
N GLN F 104 -15.08 55.82 -25.09
CA GLN F 104 -14.26 56.89 -24.50
C GLN F 104 -14.12 56.72 -22.98
N GLN F 105 -15.23 56.40 -22.31
CA GLN F 105 -15.19 55.98 -20.89
C GLN F 105 -14.13 54.90 -20.62
N LEU F 106 -14.03 53.93 -21.51
CA LEU F 106 -12.99 52.93 -21.40
C LEU F 106 -11.60 53.56 -21.47
N LYS F 107 -11.39 54.47 -22.43
CA LYS F 107 -10.10 55.21 -22.54
C LYS F 107 -9.67 55.91 -21.22
N PHE F 108 -10.65 56.35 -20.42
CA PHE F 108 -10.34 56.98 -19.13
C PHE F 108 -9.75 55.93 -18.17
N ILE F 109 -10.55 54.90 -17.91
CA ILE F 109 -10.17 53.73 -17.08
C ILE F 109 -8.80 53.25 -17.50
N ALA F 110 -8.69 53.04 -18.81
CA ALA F 110 -7.45 52.63 -19.46
C ALA F 110 -6.23 53.39 -18.96
N ALA F 111 -6.40 54.70 -18.93
CA ALA F 111 -5.39 55.62 -18.41
C ALA F 111 -5.35 55.60 -16.88
N SER F 112 -6.52 55.73 -16.28
CA SER F 112 -6.67 55.52 -14.83
C SER F 112 -5.80 54.38 -14.32
N LEU F 113 -5.60 53.38 -15.20
CA LEU F 113 -4.79 52.18 -14.95
C LEU F 113 -3.49 51.97 -15.75
N SER F 114 -3.09 52.93 -16.59
CA SER F 114 -1.91 52.75 -17.46
C SER F 114 -0.62 52.77 -16.65
N THR F 115 0.50 52.35 -17.25
CA THR F 115 1.72 52.10 -16.45
C THR F 115 2.24 53.36 -15.79
N LYS F 116 2.24 54.48 -16.53
CA LYS F 116 2.65 55.76 -15.94
C LYS F 116 1.88 55.95 -14.61
N ALA F 117 0.57 55.70 -14.63
CA ALA F 117 -0.26 55.73 -13.39
C ALA F 117 0.16 54.67 -12.33
N LEU F 118 0.25 53.41 -12.76
CA LEU F 118 0.59 52.29 -11.86
C LEU F 118 1.83 52.59 -11.06
N GLN F 119 2.79 53.20 -11.75
CA GLN F 119 4.04 53.67 -11.15
C GLN F 119 3.78 54.39 -9.84
N SER F 120 2.93 55.40 -9.92
CA SER F 120 2.59 56.22 -8.77
C SER F 120 1.62 55.51 -7.83
N TYR F 121 0.91 54.46 -8.29
CA TYR F 121 0.11 53.61 -7.40
C TYR F 121 0.92 52.60 -6.54
N VAL F 122 1.94 51.97 -7.12
CA VAL F 122 2.72 50.91 -6.43
C VAL F 122 3.28 51.27 -5.03
N PRO F 123 3.69 52.53 -4.80
CA PRO F 123 4.01 52.96 -3.44
C PRO F 123 2.87 52.77 -2.48
N LEU F 124 1.64 53.09 -2.92
CA LEU F 124 0.44 53.01 -2.05
C LEU F 124 0.02 51.58 -1.76
N ILE F 125 0.00 50.76 -2.81
CA ILE F 125 -0.30 49.34 -2.73
C ILE F 125 0.59 48.62 -1.71
N VAL F 126 1.88 48.95 -1.74
CA VAL F 126 2.87 48.37 -0.83
C VAL F 126 2.59 48.88 0.57
N LYS F 127 2.49 50.20 0.70
CA LYS F 127 2.14 50.86 1.96
C LYS F 127 0.91 50.20 2.63
N GLU F 128 -0.22 50.11 1.92
CA GLU F 128 -1.38 49.40 2.47
C GLU F 128 -0.98 48.00 2.84
N ALA F 129 -0.28 47.31 1.93
CA ALA F 129 0.14 45.92 2.14
C ALA F 129 0.97 45.74 3.40
N GLU F 130 2.13 46.40 3.44
CA GLU F 130 3.02 46.38 4.61
C GLU F 130 2.26 46.75 5.88
N ASP F 131 1.42 47.79 5.81
CA ASP F 131 0.55 48.24 6.95
C ASP F 131 -0.47 47.19 7.48
N PHE F 132 -0.84 46.20 6.67
CA PHE F 132 -1.84 45.17 7.09
C PHE F 132 -1.19 43.91 7.60
N PHE F 133 -0.04 43.53 7.03
CA PHE F 133 0.59 42.27 7.44
C PHE F 133 1.44 42.45 8.70
N ALA F 134 1.86 43.68 8.97
CA ALA F 134 2.36 44.06 10.30
C ALA F 134 1.31 43.82 11.44
N LYS F 135 0.01 43.87 11.14
CA LYS F 135 -1.07 43.60 12.15
C LYS F 135 -1.09 42.17 12.67
N TRP F 136 -0.66 41.23 11.81
CA TRP F 136 -0.57 39.81 12.18
C TRP F 136 0.47 39.61 13.31
N ASP F 137 0.40 38.46 13.97
CA ASP F 137 1.17 38.20 15.20
C ASP F 137 2.57 37.58 14.92
N LYS F 138 3.22 37.06 15.98
CA LYS F 138 4.34 36.14 15.84
C LYS F 138 3.85 34.88 15.11
N SER F 139 2.66 34.38 15.50
CA SER F 139 2.03 33.26 14.80
C SER F 139 0.50 33.19 14.93
N GLY F 140 -0.06 32.24 14.17
CA GLY F 140 -1.51 31.98 14.15
C GLY F 140 -1.95 31.35 12.84
N THR F 141 -3.26 31.10 12.75
CA THR F 141 -3.92 30.61 11.52
C THR F 141 -5.03 31.60 11.13
N VAL F 142 -5.03 31.93 9.83
CA VAL F 142 -5.94 32.88 9.21
C VAL F 142 -6.49 32.32 7.91
N ASP F 143 -7.58 32.89 7.44
CA ASP F 143 -8.30 32.40 6.26
C ASP F 143 -8.02 33.29 5.03
N ILE F 144 -7.11 32.85 4.14
CA ILE F 144 -6.54 33.70 3.08
C ILE F 144 -7.58 34.36 2.16
N ARG F 145 -8.66 33.67 1.83
CA ARG F 145 -9.72 34.28 1.04
C ARG F 145 -10.31 35.47 1.75
N ASP F 146 -10.51 35.35 3.06
CA ASP F 146 -11.00 36.49 3.83
C ASP F 146 -9.95 37.60 4.10
N ALA F 147 -8.67 37.26 4.17
CA ALA F 147 -7.64 38.28 4.47
C ALA F 147 -7.33 39.08 3.23
N LEU F 148 -7.26 38.43 2.08
CA LEU F 148 -7.03 39.13 0.82
C LEU F 148 -8.30 39.82 0.31
N ALA F 149 -9.46 39.55 0.92
CA ALA F 149 -10.66 40.34 0.63
C ALA F 149 -10.53 41.77 1.13
N GLU F 150 -10.01 41.91 2.35
CA GLU F 150 -9.88 43.20 3.04
C GLU F 150 -8.81 44.06 2.41
N LEU F 151 -7.60 43.49 2.30
CA LEU F 151 -6.41 44.22 1.81
C LEU F 151 -6.52 44.67 0.36
N ILE F 152 -7.27 43.96 -0.46
CA ILE F 152 -7.57 44.41 -1.81
C ILE F 152 -8.43 45.66 -1.69
N ILE F 153 -9.58 45.55 -1.02
CA ILE F 153 -10.53 46.69 -0.90
C ILE F 153 -9.90 47.91 -0.16
N LEU F 154 -9.06 47.66 0.84
CA LEU F 154 -8.20 48.71 1.38
C LEU F 154 -7.21 49.19 0.31
N THR F 155 -6.25 48.32 -0.07
CA THR F 155 -5.24 48.67 -1.11
C THR F 155 -5.88 49.22 -2.42
N ALA F 156 -7.22 49.13 -2.56
CA ALA F 156 -7.98 49.67 -3.71
C ALA F 156 -9.14 50.64 -3.39
N SER F 157 -9.35 50.96 -2.12
CA SER F 157 -10.11 52.16 -1.75
C SER F 157 -9.21 53.30 -2.13
N ARG F 158 -8.03 53.31 -1.51
CA ARG F 158 -7.11 54.44 -1.62
C ARG F 158 -6.54 54.66 -3.02
N CYS F 159 -6.48 53.62 -3.85
CA CYS F 159 -6.10 53.78 -5.25
C CYS F 159 -7.22 54.33 -6.18
N LEU F 160 -8.48 54.07 -5.83
CA LEU F 160 -9.58 54.42 -6.74
C LEU F 160 -10.43 55.60 -6.29
N MET F 161 -10.55 55.81 -4.99
CA MET F 161 -11.40 56.87 -4.43
C MET F 161 -10.61 57.89 -3.59
N GLY F 162 -9.28 57.72 -3.58
CA GLY F 162 -8.36 58.67 -3.00
C GLY F 162 -8.16 58.56 -1.50
N LYS F 163 -7.16 59.30 -1.04
CA LYS F 163 -6.92 59.62 0.37
C LYS F 163 -8.17 59.98 1.19
N GLU F 164 -9.15 60.62 0.55
CA GLU F 164 -10.34 61.09 1.22
C GLU F 164 -11.21 59.92 1.66
N ILE F 165 -11.74 59.20 0.67
CA ILE F 165 -12.71 58.12 0.96
C ILE F 165 -12.08 57.06 1.87
N ARG F 166 -10.89 56.59 1.49
CA ARG F 166 -10.13 55.62 2.27
C ARG F 166 -10.00 56.01 3.76
N GLU F 167 -9.26 57.11 4.02
CA GLU F 167 -8.81 57.43 5.37
C GLU F 167 -9.94 57.76 6.37
N ASN F 168 -11.00 58.41 5.89
CA ASN F 168 -12.17 58.70 6.71
C ASN F 168 -13.22 57.62 6.56
N LEU F 169 -13.73 57.51 5.34
CA LEU F 169 -14.99 56.88 5.08
C LEU F 169 -14.85 55.46 4.53
N PHE F 170 -13.97 54.65 5.10
CA PHE F 170 -13.84 53.28 4.57
C PHE F 170 -15.03 52.39 4.88
N THR F 171 -15.30 52.14 6.16
CA THR F 171 -16.42 51.30 6.58
C THR F 171 -17.71 51.71 5.90
N GLU F 172 -17.89 53.01 5.69
CA GLU F 172 -19.08 53.53 5.01
C GLU F 172 -19.07 53.05 3.56
N VAL F 173 -17.94 53.25 2.87
CA VAL F 173 -17.83 52.90 1.44
C VAL F 173 -17.74 51.40 1.17
N ALA F 174 -17.18 50.63 2.11
CA ALA F 174 -17.08 49.18 1.97
C ALA F 174 -18.41 48.49 2.23
N LYS F 175 -19.18 49.04 3.19
CA LYS F 175 -20.52 48.53 3.49
C LYS F 175 -21.43 48.78 2.30
N LEU F 176 -21.37 49.98 1.74
CA LEU F 176 -22.20 50.28 0.58
C LEU F 176 -21.84 49.43 -0.69
N TYR F 177 -20.58 49.00 -0.87
CA TYR F 177 -20.27 48.06 -1.97
C TYR F 177 -20.91 46.73 -1.66
N GLN F 178 -20.61 46.21 -0.49
CA GLN F 178 -21.18 44.94 -0.05
C GLN F 178 -22.67 44.93 -0.40
N THR F 179 -23.40 45.98 -0.08
CA THR F 179 -24.84 46.02 -0.38
C THR F 179 -25.16 46.01 -1.89
N LEU F 180 -24.37 46.73 -2.68
CA LEU F 180 -24.38 46.61 -4.15
C LEU F 180 -24.21 45.15 -4.62
N ASP F 181 -23.35 44.43 -3.92
CA ASP F 181 -22.94 43.06 -4.27
C ASP F 181 -24.00 42.04 -3.87
N GLU F 182 -24.77 42.36 -2.83
CA GLU F 182 -25.89 41.53 -2.41
C GLU F 182 -26.96 41.53 -3.48
N GLY F 183 -27.15 42.65 -4.15
CA GLY F 183 -28.15 42.76 -5.21
C GLY F 183 -27.77 42.16 -6.56
N LEU F 184 -26.61 41.50 -6.59
CA LEU F 184 -26.25 40.61 -7.69
C LEU F 184 -26.62 39.18 -7.34
N LEU F 185 -27.89 38.88 -7.58
CA LEU F 185 -28.41 37.53 -7.50
C LEU F 185 -28.49 37.04 -8.94
N PRO F 186 -28.67 35.72 -9.14
CA PRO F 186 -28.74 35.25 -10.52
C PRO F 186 -29.97 35.75 -11.26
N ILE F 187 -31.09 35.97 -10.55
CA ILE F 187 -32.28 36.54 -11.20
C ILE F 187 -31.88 37.85 -11.87
N SER F 188 -30.97 38.58 -11.21
CA SER F 188 -30.44 39.87 -11.70
C SER F 188 -29.97 39.90 -13.16
N VAL F 189 -29.32 38.85 -13.69
CA VAL F 189 -28.79 38.93 -15.08
C VAL F 189 -29.89 38.91 -16.14
N PHE F 190 -30.99 38.25 -15.80
CA PHE F 190 -32.16 38.19 -16.66
C PHE F 190 -33.08 39.41 -16.44
N PHE F 191 -33.29 39.77 -15.19
CA PHE F 191 -34.27 40.77 -14.88
C PHE F 191 -33.69 41.81 -13.96
N PRO F 192 -32.80 42.66 -14.48
CA PRO F 192 -32.03 43.45 -13.54
C PRO F 192 -32.88 44.44 -12.72
N TYR F 193 -34.17 44.55 -13.02
CA TYR F 193 -35.05 45.46 -12.33
C TYR F 193 -36.35 44.83 -11.83
N LEU F 194 -36.37 43.52 -11.60
CA LEU F 194 -37.45 42.93 -10.79
C LEU F 194 -37.42 43.71 -9.45
N PRO F 195 -38.54 44.36 -9.04
CA PRO F 195 -38.53 45.16 -7.80
C PRO F 195 -38.44 44.35 -6.51
N ILE F 196 -37.35 43.60 -6.33
CA ILE F 196 -37.22 42.66 -5.19
C ILE F 196 -36.50 43.42 -4.04
N PRO F 197 -36.59 42.90 -2.79
CA PRO F 197 -35.84 43.43 -1.64
C PRO F 197 -34.37 43.83 -1.88
N ALA F 198 -33.55 42.91 -2.40
CA ALA F 198 -32.14 43.18 -2.71
C ALA F 198 -31.93 44.20 -3.85
N HIS F 199 -32.63 44.02 -4.97
CA HIS F 199 -32.58 44.98 -6.10
C HIS F 199 -32.84 46.41 -5.71
N LYS F 200 -33.80 46.61 -4.81
CA LYS F 200 -34.05 47.92 -4.30
C LYS F 200 -32.86 48.40 -3.48
N ARG F 201 -32.60 47.73 -2.35
CA ARG F 201 -31.43 48.05 -1.48
C ARG F 201 -30.07 48.14 -2.20
N ARG F 202 -29.97 47.59 -3.42
CA ARG F 202 -28.86 47.90 -4.34
C ARG F 202 -28.72 49.40 -4.55
N ASP F 203 -29.80 50.05 -4.96
CA ASP F 203 -29.73 51.46 -5.39
C ASP F 203 -29.80 52.41 -4.20
N GLU F 204 -30.58 52.04 -3.20
CA GLU F 204 -30.49 52.62 -1.85
C GLU F 204 -29.02 52.76 -1.46
N ALA F 205 -28.18 51.86 -1.97
CA ALA F 205 -26.73 51.95 -1.85
C ALA F 205 -26.07 52.78 -2.93
N ARG F 206 -26.34 52.48 -4.20
CA ARG F 206 -25.61 53.16 -5.27
C ARG F 206 -25.80 54.65 -5.18
N LEU F 207 -27.05 55.07 -5.06
CA LEU F 207 -27.41 56.49 -4.99
C LEU F 207 -26.95 57.14 -3.71
N ALA F 208 -26.85 56.38 -2.62
CA ALA F 208 -26.18 56.84 -1.40
C ALA F 208 -24.70 57.10 -1.65
N MET F 209 -24.00 56.11 -2.22
CA MET F 209 -22.58 56.26 -2.59
C MET F 209 -22.36 57.47 -3.50
N VAL F 210 -23.27 57.74 -4.44
CA VAL F 210 -23.18 58.92 -5.30
C VAL F 210 -23.31 60.23 -4.50
N ARG F 211 -24.16 60.23 -3.48
CA ARG F 211 -24.25 61.40 -2.58
C ARG F 211 -22.94 61.58 -1.83
N MET F 212 -22.26 60.47 -1.54
CA MET F 212 -20.95 60.50 -0.87
C MET F 212 -19.83 61.07 -1.75
N PHE F 213 -19.86 60.82 -3.05
CA PHE F 213 -18.79 61.30 -3.94
C PHE F 213 -19.00 62.72 -4.42
N LYS F 214 -20.23 63.21 -4.30
CA LYS F 214 -20.52 64.62 -4.50
C LYS F 214 -19.70 65.45 -3.50
N LYS F 215 -19.81 65.12 -2.22
CA LYS F 215 -19.11 65.85 -1.14
C LYS F 215 -17.57 65.84 -1.26
N ILE F 216 -17.02 64.91 -2.05
CA ILE F 216 -15.58 64.85 -2.24
C ILE F 216 -15.15 65.43 -3.55
N ILE F 217 -15.92 65.21 -4.63
CA ILE F 217 -15.70 65.96 -5.88
C ILE F 217 -15.82 67.47 -5.65
N ASP F 218 -16.76 67.88 -4.79
CA ASP F 218 -17.07 69.30 -4.56
C ASP F 218 -15.95 70.00 -3.76
N GLU F 219 -15.53 69.39 -2.66
CA GLU F 219 -14.38 69.89 -1.92
C GLU F 219 -13.13 69.88 -2.82
N ARG F 220 -13.11 69.00 -3.83
CA ARG F 220 -11.98 68.89 -4.75
C ARG F 220 -11.96 69.98 -5.82
N ARG F 221 -13.02 70.12 -6.62
CA ARG F 221 -13.06 71.21 -7.62
C ARG F 221 -13.01 72.58 -6.96
N ALA F 222 -13.28 72.64 -5.64
CA ALA F 222 -13.05 73.84 -4.81
C ALA F 222 -11.58 74.18 -4.64
N ASN F 223 -10.70 73.20 -4.81
CA ASN F 223 -9.27 73.37 -4.57
C ASN F 223 -8.39 72.66 -5.65
N PRO F 224 -8.68 72.90 -6.96
CA PRO F 224 -7.94 72.24 -8.06
C PRO F 224 -6.44 72.52 -8.13
N GLU F 225 -5.97 73.56 -7.41
CA GLU F 225 -4.57 73.72 -7.13
C GLU F 225 -3.98 72.34 -6.65
N VAL F 226 -4.61 71.67 -5.67
CA VAL F 226 -4.04 70.41 -5.11
C VAL F 226 -4.24 69.18 -6.01
N LYS F 227 -3.16 68.75 -6.67
CA LYS F 227 -3.20 67.60 -7.58
C LYS F 227 -3.32 66.34 -6.74
N HIS F 228 -4.39 65.56 -6.96
CA HIS F 228 -4.62 64.28 -6.28
C HIS F 228 -4.23 63.11 -7.20
N ASN F 229 -3.73 62.04 -6.61
CA ASN F 229 -3.09 60.97 -7.36
C ASN F 229 -3.86 59.65 -7.25
N ASP F 230 -4.83 59.46 -8.16
CA ASP F 230 -5.81 58.35 -8.08
C ASP F 230 -6.75 58.29 -9.30
N CYS F 231 -7.64 57.29 -9.35
CA CYS F 231 -8.52 57.12 -10.52
C CYS F 231 -9.57 58.21 -10.60
N LEU F 232 -10.19 58.49 -9.45
CA LEU F 232 -11.16 59.58 -9.28
C LEU F 232 -10.66 60.84 -9.94
N GLN F 233 -9.42 61.22 -9.60
CA GLN F 233 -8.82 62.42 -10.21
C GLN F 233 -8.91 62.35 -11.72
N VAL F 234 -8.53 61.19 -12.27
CA VAL F 234 -8.52 60.96 -13.73
C VAL F 234 -9.93 61.03 -14.38
N PHE F 235 -10.95 60.60 -13.65
CA PHE F 235 -12.32 60.71 -14.14
C PHE F 235 -12.83 62.13 -14.08
N MET F 236 -12.46 62.85 -13.00
CA MET F 236 -12.73 64.31 -12.89
C MET F 236 -12.14 65.10 -14.06
N ASP F 237 -10.86 64.89 -14.35
CA ASP F 237 -10.15 65.51 -15.49
C ASP F 237 -10.31 64.65 -16.76
N ALA F 238 -11.54 64.47 -17.25
CA ALA F 238 -11.76 63.68 -18.47
C ALA F 238 -12.97 64.19 -19.20
N ARG F 239 -12.85 64.37 -20.51
CA ARG F 239 -13.89 65.05 -21.31
C ARG F 239 -14.11 64.39 -22.67
N TYR F 240 -15.38 64.30 -23.08
CA TYR F 240 -15.76 63.54 -24.27
C TYR F 240 -15.34 64.31 -25.51
N ARG F 241 -14.83 63.63 -26.54
CA ARG F 241 -14.44 64.29 -27.81
C ARG F 241 -15.53 65.24 -28.32
N GLY F 242 -15.26 66.55 -28.20
CA GLY F 242 -16.18 67.61 -28.62
C GLY F 242 -17.30 67.77 -27.61
N GLU F 243 -16.93 68.01 -26.37
CA GLU F 243 -17.88 68.08 -25.29
C GLU F 243 -17.37 68.93 -24.15
N GLU F 244 -18.08 70.04 -23.95
CA GLU F 244 -17.96 70.83 -22.76
C GLU F 244 -18.67 70.16 -21.56
N GLN F 245 -19.43 69.07 -21.79
CA GLN F 245 -20.19 68.34 -20.73
C GLN F 245 -19.34 67.96 -19.52
N ALA F 246 -18.29 67.17 -19.74
CA ALA F 246 -17.41 66.63 -18.67
C ALA F 246 -18.13 65.61 -17.80
N LEU F 247 -17.40 64.58 -17.36
CA LEU F 247 -18.00 63.55 -16.50
C LEU F 247 -18.57 64.18 -15.24
N ASN F 248 -19.54 63.49 -14.63
CA ASN F 248 -20.36 64.05 -13.56
C ASN F 248 -20.51 63.17 -12.32
N ASP F 249 -21.28 63.61 -11.33
CA ASP F 249 -21.23 62.98 -10.00
C ASP F 249 -21.73 61.52 -9.96
N GLU F 250 -22.67 61.14 -10.81
CA GLU F 250 -23.14 59.75 -10.85
C GLU F 250 -22.21 58.90 -11.73
N GLU F 251 -21.93 59.35 -12.97
CA GLU F 251 -21.02 58.66 -13.89
C GLU F 251 -19.58 58.45 -13.32
N ILE F 252 -19.03 59.43 -12.61
CA ILE F 252 -17.70 59.32 -11.99
C ILE F 252 -17.71 58.33 -10.85
N THR F 253 -18.77 58.33 -10.06
CA THR F 253 -18.95 57.30 -9.03
C THR F 253 -19.06 55.91 -9.69
N GLY F 254 -19.83 55.83 -10.76
CA GLY F 254 -20.06 54.56 -11.44
C GLY F 254 -18.81 53.94 -12.02
N LEU F 255 -17.97 54.76 -12.65
CA LEU F 255 -16.69 54.30 -13.19
C LEU F 255 -15.84 53.74 -12.08
N MET F 256 -15.79 54.43 -10.93
CA MET F 256 -15.11 53.88 -9.76
C MET F 256 -15.72 52.56 -9.24
N ILE F 257 -17.04 52.45 -9.21
CA ILE F 257 -17.72 51.21 -8.83
C ILE F 257 -17.38 50.07 -9.82
N ALA F 258 -17.27 50.38 -11.12
CA ALA F 258 -16.89 49.36 -12.11
C ALA F 258 -15.58 48.79 -11.66
N LEU F 259 -14.58 49.65 -11.60
CA LEU F 259 -13.23 49.22 -11.22
C LEU F 259 -13.12 48.58 -9.83
N LEU F 260 -14.09 48.87 -8.97
CA LEU F 260 -14.10 48.32 -7.61
C LEU F 260 -14.59 46.89 -7.59
N PHE F 261 -15.64 46.66 -8.35
CA PHE F 261 -16.33 45.36 -8.43
C PHE F 261 -15.42 44.38 -9.15
N ALA F 262 -15.02 44.74 -10.37
CA ALA F 262 -13.97 44.01 -11.07
C ALA F 262 -12.78 43.66 -10.14
N GLY F 263 -12.37 44.59 -9.30
CA GLY F 263 -11.36 44.31 -8.29
C GLY F 263 -11.75 43.19 -7.37
N GLN F 264 -12.84 43.38 -6.65
CA GLN F 264 -13.28 42.43 -5.64
C GLN F 264 -13.60 41.04 -6.22
N HIS F 265 -14.18 41.00 -7.43
CA HIS F 265 -14.60 39.76 -8.11
C HIS F 265 -13.49 38.90 -8.73
N THR F 266 -12.23 39.35 -8.74
CA THR F 266 -11.14 38.60 -9.36
C THR F 266 -9.83 38.63 -8.56
N SER F 267 -9.16 39.79 -8.50
CA SER F 267 -7.93 39.98 -7.71
C SER F 267 -7.95 39.26 -6.34
N SER F 268 -9.10 39.23 -5.66
CA SER F 268 -9.24 38.56 -4.35
C SER F 268 -8.98 37.05 -4.39
N VAL F 269 -9.63 36.37 -5.34
CA VAL F 269 -9.64 34.90 -5.37
C VAL F 269 -8.37 34.37 -5.99
N THR F 270 -8.05 34.82 -7.20
CA THR F 270 -6.85 34.43 -7.93
C THR F 270 -5.58 34.85 -7.19
N GLY F 271 -5.74 35.82 -6.28
CA GLY F 271 -4.80 36.09 -5.21
C GLY F 271 -4.78 35.02 -4.14
N SER F 272 -5.93 34.60 -3.63
CA SER F 272 -6.00 33.49 -2.66
C SER F 272 -5.47 32.18 -3.26
N TRP F 273 -5.84 31.89 -4.51
CA TRP F 273 -5.34 30.70 -5.23
C TRP F 273 -3.82 30.72 -5.38
N THR F 274 -3.26 31.85 -5.78
CA THR F 274 -1.80 31.96 -5.96
C THR F 274 -1.09 31.20 -4.85
N GLY F 275 -1.44 31.56 -3.61
CA GLY F 275 -0.76 31.09 -2.40
C GLY F 275 -1.19 29.79 -1.78
N LEU F 276 -2.46 29.40 -1.95
CA LEU F 276 -2.88 28.05 -1.59
C LEU F 276 -2.14 27.02 -2.43
N LEU F 277 -1.87 27.37 -3.71
CA LEU F 277 -1.14 26.49 -4.65
C LEU F 277 0.41 26.57 -4.61
N LEU F 278 0.96 27.62 -4.01
CA LEU F 278 2.40 27.66 -3.74
C LEU F 278 2.69 26.88 -2.46
N PHE F 279 1.91 27.10 -1.40
CA PHE F 279 2.15 26.49 -0.07
C PHE F 279 1.40 25.17 0.23
N GLU F 280 0.73 24.62 -0.79
CA GLU F 280 0.29 23.22 -0.76
C GLU F 280 1.53 22.37 -0.61
N ALA F 281 1.46 21.38 0.26
CA ALA F 281 2.59 20.51 0.61
C ALA F 281 3.53 20.16 -0.57
N ASN F 282 2.97 19.49 -1.58
CA ASN F 282 3.75 19.00 -2.74
C ASN F 282 4.40 20.13 -3.56
N ASN F 283 3.58 21.12 -3.91
CA ASN F 283 4.01 22.24 -4.76
C ASN F 283 5.04 23.13 -4.07
N LYS F 284 4.93 23.26 -2.73
CA LYS F 284 5.86 24.04 -1.90
C LYS F 284 7.29 23.52 -2.01
N LYS F 285 7.47 22.22 -1.76
CA LYS F 285 8.76 21.57 -1.92
C LYS F 285 9.20 21.51 -3.41
N LYS F 286 8.26 21.54 -4.35
CA LYS F 286 8.57 21.59 -5.79
C LYS F 286 9.02 22.98 -6.28
N PHE F 287 8.27 24.01 -5.92
CA PHE F 287 8.39 25.31 -6.56
C PHE F 287 8.73 26.51 -5.67
N LEU F 288 8.57 26.41 -4.35
CA LEU F 288 8.94 27.52 -3.44
C LEU F 288 10.42 27.97 -3.54
N PRO F 289 11.35 27.04 -3.84
CA PRO F 289 12.74 27.47 -4.04
C PRO F 289 12.94 28.48 -5.18
N GLY F 290 12.30 28.23 -6.33
CA GLY F 290 12.32 29.19 -7.43
C GLY F 290 11.93 30.61 -7.04
N VAL F 291 10.89 30.71 -6.20
CA VAL F 291 10.35 32.00 -5.73
C VAL F 291 11.28 32.66 -4.69
N LEU F 292 11.50 31.97 -3.57
CA LEU F 292 12.28 32.51 -2.43
C LEU F 292 13.72 33.00 -2.75
N GLU F 293 14.36 32.41 -3.75
CA GLU F 293 15.67 32.87 -4.24
C GLU F 293 15.51 34.12 -5.09
N GLU F 294 14.39 34.22 -5.80
CA GLU F 294 14.08 35.39 -6.60
C GLU F 294 13.89 36.69 -5.79
N GLN F 295 13.39 36.59 -4.56
CA GLN F 295 13.28 37.77 -3.69
C GLN F 295 14.67 38.26 -3.33
N GLU F 296 15.47 37.36 -2.76
CA GLU F 296 16.80 37.70 -2.23
C GLU F 296 17.86 38.03 -3.30
N GLU F 297 17.65 37.61 -4.55
CA GLU F 297 18.51 38.06 -5.68
C GLU F 297 18.16 39.46 -6.18
N ILE F 298 16.90 39.87 -5.99
CA ILE F 298 16.47 41.25 -6.26
C ILE F 298 16.96 42.15 -5.13
N ARG F 299 16.63 41.76 -3.90
CA ARG F 299 17.09 42.45 -2.68
C ARG F 299 18.56 42.82 -2.84
N LYS F 300 19.35 41.83 -3.28
CA LYS F 300 20.72 42.09 -3.75
C LYS F 300 20.64 42.97 -5.00
N GLU F 301 20.56 44.29 -4.76
CA GLU F 301 20.46 45.40 -5.73
C GLU F 301 19.32 46.38 -5.36
N PHE F 302 18.09 45.89 -5.45
CA PHE F 302 16.93 46.77 -5.39
C PHE F 302 16.33 46.88 -3.97
N GLY F 303 17.17 46.85 -2.93
CA GLY F 303 16.71 47.08 -1.55
C GLY F 303 15.86 45.98 -0.92
N ASP F 304 15.76 46.04 0.41
CA ASP F 304 14.87 45.14 1.17
C ASP F 304 13.38 45.46 0.93
N GLU F 305 13.12 46.60 0.28
CA GLU F 305 11.76 47.05 -0.03
C GLU F 305 11.49 47.06 -1.54
N LEU F 306 10.21 47.11 -1.85
CA LEU F 306 9.70 46.88 -3.19
C LEU F 306 9.78 48.09 -4.07
N THR F 307 9.43 47.91 -5.33
CA THR F 307 9.22 49.00 -6.26
C THR F 307 8.54 48.37 -7.48
N MET F 308 7.98 49.18 -8.37
CA MET F 308 7.46 48.67 -9.63
C MET F 308 8.57 47.99 -10.45
N GLU F 309 9.75 48.61 -10.53
CA GLU F 309 10.87 48.05 -11.30
C GLU F 309 11.41 46.74 -10.69
N ALA F 310 11.31 46.59 -9.36
CA ALA F 310 11.65 45.34 -8.68
C ALA F 310 10.53 44.31 -8.84
N LEU F 311 9.29 44.71 -8.60
CA LEU F 311 8.13 43.82 -8.78
C LEU F 311 7.99 43.33 -10.21
N ASN F 312 8.24 44.20 -11.19
CA ASN F 312 8.14 43.86 -12.62
C ASN F 312 9.26 42.93 -13.11
N LYS F 313 10.33 42.83 -12.35
CA LYS F 313 11.39 41.85 -12.58
C LYS F 313 11.34 40.75 -11.50
N MET F 314 10.15 40.14 -11.31
CA MET F 314 9.95 38.93 -10.49
C MET F 314 9.27 37.89 -11.38
N ASP F 315 9.97 37.42 -12.40
CA ASP F 315 9.34 36.57 -13.43
C ASP F 315 8.83 35.23 -12.89
N LYS F 316 9.55 34.62 -11.94
CA LYS F 316 9.11 33.37 -11.33
C LYS F 316 7.83 33.52 -10.50
N LEU F 317 7.70 34.61 -9.74
CA LEU F 317 6.45 34.87 -8.98
C LEU F 317 5.27 35.18 -9.90
N HIS F 318 5.53 35.95 -10.96
CA HIS F 318 4.54 36.24 -12.00
C HIS F 318 3.91 34.93 -12.50
N ARG F 319 4.72 33.88 -12.61
CA ARG F 319 4.24 32.59 -13.08
C ARG F 319 3.35 31.83 -12.08
N CYS F 320 3.70 31.81 -10.80
CA CYS F 320 2.84 31.15 -9.77
C CYS F 320 1.43 31.74 -9.66
N VAL F 321 1.31 32.99 -10.11
CA VAL F 321 0.06 33.73 -10.18
C VAL F 321 -0.67 33.44 -11.48
N LYS F 322 0.07 33.44 -12.59
CA LYS F 322 -0.50 33.13 -13.90
C LYS F 322 -1.08 31.70 -13.99
N GLU F 323 -0.47 30.76 -13.25
CA GLU F 323 -0.97 29.37 -13.15
C GLU F 323 -2.26 29.32 -12.32
N ALA F 324 -2.25 29.98 -11.15
CA ALA F 324 -3.42 30.06 -10.29
C ALA F 324 -4.63 30.53 -11.11
N LEU F 325 -4.38 31.47 -12.02
CA LEU F 325 -5.43 31.99 -12.92
C LEU F 325 -5.81 30.99 -14.04
N ARG F 326 -4.79 30.36 -14.62
CA ARG F 326 -5.03 29.30 -15.60
C ARG F 326 -5.82 28.16 -14.96
N MET F 327 -5.46 27.82 -13.73
CA MET F 327 -6.06 26.70 -13.02
C MET F 327 -7.45 26.97 -12.43
N TYR F 328 -7.69 28.14 -11.84
CA TYR F 328 -9.04 28.49 -11.35
C TYR F 328 -9.41 29.94 -11.66
N PRO F 329 -9.68 30.23 -12.95
CA PRO F 329 -10.02 31.59 -13.31
C PRO F 329 -11.37 31.93 -12.69
N PRO F 330 -11.54 33.19 -12.22
CA PRO F 330 -12.71 33.54 -11.41
C PRO F 330 -13.95 33.83 -12.22
N LEU F 331 -13.76 34.34 -13.42
CA LEU F 331 -14.85 34.56 -14.31
C LEU F 331 -15.07 33.24 -14.97
N LEU F 332 -16.25 32.68 -14.82
CA LEU F 332 -16.53 31.40 -15.48
C LEU F 332 -16.62 31.58 -16.97
N PHE F 333 -17.27 32.65 -17.39
CA PHE F 333 -17.52 32.88 -18.79
C PHE F 333 -17.10 34.25 -19.19
N VAL F 334 -17.11 34.46 -20.49
CA VAL F 334 -17.19 35.78 -21.07
C VAL F 334 -18.19 35.66 -22.19
N MET F 335 -18.88 36.76 -22.50
CA MET F 335 -20.09 36.67 -23.30
C MET F 335 -20.27 37.79 -24.28
N ARG F 336 -20.83 37.42 -25.43
CA ARG F 336 -21.21 38.40 -26.43
C ARG F 336 -22.44 37.86 -27.15
N LYS F 337 -23.33 38.77 -27.58
CA LYS F 337 -24.48 38.46 -28.46
C LYS F 337 -23.94 38.67 -29.87
N VAL F 338 -24.34 37.81 -30.80
CA VAL F 338 -23.87 37.86 -32.18
C VAL F 338 -24.65 38.87 -33.01
N ILE F 339 -23.93 39.60 -33.86
CA ILE F 339 -24.52 40.57 -34.78
C ILE F 339 -24.20 40.16 -36.23
N LYS F 340 -22.92 40.10 -36.60
CA LYS F 340 -22.47 39.55 -37.90
C LYS F 340 -22.24 38.06 -37.69
N PRO F 341 -23.19 37.22 -38.18
CA PRO F 341 -23.05 35.77 -38.01
C PRO F 341 -21.85 35.21 -38.76
N PHE F 342 -21.38 34.07 -38.26
CA PHE F 342 -20.10 33.51 -38.66
C PHE F 342 -20.14 31.99 -38.59
N SER F 343 -19.41 31.36 -39.52
CA SER F 343 -19.30 29.91 -39.62
C SER F 343 -17.91 29.44 -39.14
N TYR F 344 -17.89 28.29 -38.48
CA TYR F 344 -16.68 27.71 -37.91
C TYR F 344 -16.72 26.17 -38.09
N LYS F 345 -15.90 25.65 -39.03
CA LYS F 345 -15.91 24.23 -39.43
C LYS F 345 -17.30 23.75 -39.93
N ASP F 346 -18.04 24.69 -40.54
CA ASP F 346 -19.47 24.54 -40.91
C ASP F 346 -20.49 24.21 -39.81
N TYR F 347 -20.16 24.66 -38.60
CA TYR F 347 -21.12 25.02 -37.55
C TYR F 347 -21.32 26.50 -37.74
N TYR F 348 -22.56 26.95 -37.86
CA TYR F 348 -22.84 28.33 -38.23
C TYR F 348 -23.58 28.97 -37.09
N VAL F 349 -23.09 30.11 -36.62
CA VAL F 349 -23.66 30.76 -35.45
C VAL F 349 -24.37 32.00 -35.93
N PRO F 350 -25.72 32.04 -35.78
CA PRO F 350 -26.52 33.16 -36.25
C PRO F 350 -26.60 34.33 -35.28
N GLU F 351 -27.13 35.45 -35.78
CA GLU F 351 -27.58 36.57 -34.97
C GLU F 351 -28.44 36.09 -33.79
N GLY F 352 -28.30 36.74 -32.63
CA GLY F 352 -29.07 36.37 -31.42
C GLY F 352 -28.43 35.33 -30.49
N ASP F 353 -27.55 34.48 -31.03
CA ASP F 353 -26.82 33.47 -30.23
C ASP F 353 -25.90 34.19 -29.28
N THR F 354 -26.11 34.02 -28.00
CA THR F 354 -25.17 34.53 -27.01
C THR F 354 -23.98 33.59 -27.04
N VAL F 355 -22.84 34.02 -27.58
CA VAL F 355 -21.63 33.14 -27.58
C VAL F 355 -20.84 33.16 -26.25
N PHE F 356 -20.16 32.07 -25.97
CA PHE F 356 -19.47 31.89 -24.67
C PHE F 356 -18.06 31.32 -24.80
N VAL F 357 -17.12 31.94 -24.11
CA VAL F 357 -15.82 31.32 -23.88
C VAL F 357 -15.73 31.10 -22.41
N SER F 358 -15.52 29.86 -21.97
CA SER F 358 -15.06 29.66 -20.60
C SER F 358 -13.52 29.57 -20.48
N PRO F 359 -12.90 30.59 -19.87
CA PRO F 359 -11.50 30.46 -19.42
C PRO F 359 -11.25 29.25 -18.56
N ALA F 360 -12.19 28.90 -17.68
CA ALA F 360 -12.02 27.75 -16.81
C ALA F 360 -11.90 26.41 -17.57
N LEU F 361 -12.65 26.32 -18.66
CA LEU F 361 -12.82 25.12 -19.46
C LEU F 361 -11.90 25.05 -20.68
N SER F 362 -11.30 26.17 -21.06
CA SER F 362 -10.48 26.23 -22.28
C SER F 362 -9.00 26.24 -21.94
N MET F 363 -8.69 26.13 -20.65
CA MET F 363 -7.31 25.98 -20.23
C MET F 363 -7.13 24.75 -19.36
N ARG F 364 -8.09 23.83 -19.45
CA ARG F 364 -7.87 22.48 -18.96
C ARG F 364 -7.96 21.52 -20.13
N VAL F 365 -7.58 22.02 -21.30
CA VAL F 365 -7.68 21.29 -22.55
C VAL F 365 -6.27 20.79 -22.81
N GLU F 366 -6.15 19.47 -22.99
CA GLU F 366 -4.85 18.83 -22.95
C GLU F 366 -4.02 19.12 -24.18
N GLU F 367 -4.68 19.30 -25.32
CA GLU F 367 -3.99 19.78 -26.51
C GLU F 367 -3.13 21.02 -26.20
N VAL F 368 -3.79 22.07 -25.68
CA VAL F 368 -3.16 23.38 -25.47
C VAL F 368 -2.13 23.31 -24.36
N PHE F 369 -2.55 22.75 -23.23
CA PHE F 369 -1.76 22.77 -22.00
C PHE F 369 -1.25 21.36 -21.62
N PRO F 370 -0.02 21.01 -22.07
CA PRO F 370 0.68 19.82 -21.62
C PRO F 370 0.61 19.62 -20.09
N ASN F 371 -0.17 18.62 -19.66
CA ASN F 371 -0.34 18.29 -18.24
C ASN F 371 -1.26 19.31 -17.52
N ALA F 372 -2.52 19.40 -17.95
CA ALA F 372 -3.51 20.33 -17.37
C ALA F 372 -3.65 20.19 -15.85
N ASP F 373 -4.31 19.15 -15.37
CA ASP F 373 -4.52 18.97 -13.91
C ASP F 373 -3.38 19.37 -12.94
N GLN F 374 -2.12 19.26 -13.40
CA GLN F 374 -0.96 19.51 -12.54
C GLN F 374 -0.58 20.99 -12.49
N TYR F 375 -0.14 21.42 -11.32
CA TYR F 375 0.37 22.78 -11.09
C TYR F 375 1.80 22.84 -11.63
N ASN F 376 2.00 23.55 -12.75
CA ASN F 376 3.34 23.91 -13.26
C ASN F 376 3.37 25.38 -13.73
N PRO F 377 3.71 26.29 -12.79
CA PRO F 377 4.07 27.65 -13.11
C PRO F 377 5.06 27.71 -14.25
N GLU F 378 6.20 27.06 -14.08
CA GLU F 378 7.30 27.23 -15.03
C GLU F 378 6.99 26.80 -16.45
N ARG F 379 5.83 26.15 -16.66
CA ARG F 379 5.34 25.87 -18.00
C ARG F 379 5.36 27.08 -18.92
N PHE F 380 5.23 28.27 -18.35
CA PHE F 380 5.13 29.48 -19.15
C PHE F 380 6.38 29.87 -19.92
N VAL F 381 7.55 29.31 -19.61
CA VAL F 381 8.76 29.70 -20.34
C VAL F 381 8.63 29.26 -21.80
N GLU F 382 8.00 28.10 -22.02
CA GLU F 382 7.69 27.64 -23.38
C GLU F 382 6.34 28.21 -23.85
N GLU F 383 5.33 28.21 -22.97
CA GLU F 383 4.00 28.69 -23.35
C GLU F 383 4.03 30.18 -23.71
N ASP F 384 4.76 31.02 -22.98
CA ASP F 384 4.92 32.45 -23.35
C ASP F 384 5.69 32.59 -24.67
N LYS F 385 6.58 31.65 -24.98
CA LYS F 385 7.31 31.64 -26.26
C LYS F 385 6.40 31.41 -27.49
N GLN F 386 5.27 30.71 -27.29
CA GLN F 386 4.38 30.23 -28.39
C GLN F 386 3.66 31.27 -29.26
N ALA F 387 3.67 31.03 -30.56
CA ALA F 387 3.19 32.02 -31.52
C ALA F 387 1.68 32.19 -31.53
N GLN F 388 0.95 31.19 -31.05
CA GLN F 388 -0.48 31.04 -31.40
C GLN F 388 -1.40 31.89 -30.50
N LYS F 389 -2.48 32.41 -31.10
CA LYS F 389 -3.37 33.40 -30.48
C LYS F 389 -4.38 32.75 -29.54
N TYR F 390 -4.65 33.37 -28.40
CA TYR F 390 -5.76 32.95 -27.50
C TYR F 390 -5.65 31.54 -26.90
N ARG F 391 -4.43 31.11 -26.63
CA ARG F 391 -4.24 29.81 -26.01
C ARG F 391 -4.57 29.93 -24.54
N PHE F 392 -3.98 30.95 -23.92
CA PHE F 392 -4.27 31.34 -22.55
C PHE F 392 -5.29 32.47 -22.64
N VAL F 393 -6.19 32.56 -21.64
CA VAL F 393 -7.31 33.56 -21.64
C VAL F 393 -7.87 34.04 -20.29
N GLY F 394 -7.22 33.76 -19.16
CA GLY F 394 -7.75 34.14 -17.83
C GLY F 394 -8.15 35.59 -17.69
N PHE F 395 -7.32 36.44 -18.31
CA PHE F 395 -7.61 37.84 -18.58
C PHE F 395 -8.27 38.06 -19.94
N GLY F 396 -8.25 37.09 -20.82
CA GLY F 396 -9.07 37.19 -22.03
C GLY F 396 -8.40 38.13 -22.99
N ALA F 397 -9.06 38.46 -24.10
CA ALA F 397 -8.28 39.03 -25.19
C ALA F 397 -9.02 39.91 -26.17
N GLY F 398 -8.20 40.44 -27.10
CA GLY F 398 -8.63 41.08 -28.33
C GLY F 398 -8.92 42.56 -28.15
N ARG F 399 -10.08 42.96 -28.66
CA ARG F 399 -10.56 44.33 -28.51
C ARG F 399 -11.04 44.64 -27.07
N HIS F 400 -11.28 43.65 -26.20
CA HIS F 400 -11.68 43.97 -24.82
C HIS F 400 -10.90 43.18 -23.77
N GLY F 401 -9.61 43.01 -24.01
CA GLY F 401 -8.71 42.43 -23.00
C GLY F 401 -8.73 43.23 -21.70
N CYS F 402 -8.57 42.49 -20.60
CA CYS F 402 -8.63 43.09 -19.26
C CYS F 402 -7.67 44.23 -19.09
N MET F 403 -8.22 45.43 -19.10
CA MET F 403 -7.45 46.64 -18.80
C MET F 403 -6.78 46.57 -17.46
N GLY F 404 -7.37 45.89 -16.48
CA GLY F 404 -6.83 45.88 -15.11
C GLY F 404 -5.98 44.68 -14.77
N GLU F 405 -5.04 44.37 -15.68
CA GLU F 405 -4.23 43.17 -15.59
C GLU F 405 -2.99 43.52 -14.78
N ASN F 406 -2.13 44.36 -15.35
CA ASN F 406 -0.88 44.75 -14.70
C ASN F 406 -1.13 45.17 -13.25
N PHE F 407 -2.28 45.78 -12.96
CA PHE F 407 -2.70 46.10 -11.58
C PHE F 407 -2.96 44.85 -10.78
N ALA F 408 -3.74 43.93 -11.34
CA ALA F 408 -4.05 42.68 -10.68
C ALA F 408 -2.75 41.99 -10.24
N TYR F 409 -1.80 41.88 -11.16
CA TYR F 409 -0.51 41.28 -10.83
C TYR F 409 0.21 42.04 -9.70
N LEU F 410 0.52 43.32 -9.94
CA LEU F 410 1.26 44.14 -8.95
C LEU F 410 0.66 44.10 -7.55
N GLN F 411 -0.67 44.03 -7.46
CA GLN F 411 -1.35 43.88 -6.17
C GLN F 411 -1.00 42.52 -5.58
N ILE F 412 -1.29 41.47 -6.36
CA ILE F 412 -1.07 40.07 -5.97
C ILE F 412 0.40 39.79 -5.68
N LYS F 413 1.24 40.09 -6.66
CA LYS F 413 2.68 39.95 -6.54
C LYS F 413 3.26 40.74 -5.36
N THR F 414 2.61 41.83 -4.97
CA THR F 414 3.03 42.55 -3.78
C THR F 414 2.59 41.77 -2.56
N ILE F 415 1.32 41.34 -2.55
CA ILE F 415 0.75 40.71 -1.35
C ILE F 415 1.64 39.55 -0.90
N TRP F 416 1.99 38.68 -1.86
CA TRP F 416 2.84 37.53 -1.59
C TRP F 416 4.29 37.96 -1.37
N SER F 417 4.85 38.75 -2.28
CA SER F 417 6.23 39.22 -2.12
C SER F 417 6.45 39.74 -0.71
N VAL F 418 5.50 40.53 -0.21
CA VAL F 418 5.55 40.98 1.18
C VAL F 418 5.57 39.82 2.18
N LEU F 419 4.69 38.83 1.95
CA LEU F 419 4.58 37.62 2.78
C LEU F 419 5.79 36.67 2.69
N LEU F 420 6.25 36.43 1.47
CA LEU F 420 7.41 35.57 1.19
C LEU F 420 8.69 36.11 1.84
N ARG F 421 8.73 37.42 2.04
CA ARG F 421 9.82 38.06 2.77
C ARG F 421 9.65 37.94 4.28
N ASN F 422 8.43 38.16 4.77
CA ASN F 422 8.21 38.30 6.21
C ASN F 422 7.45 37.17 6.89
N PHE F 423 7.27 36.00 6.25
CA PHE F 423 6.55 34.87 6.90
C PHE F 423 7.02 33.47 6.50
N ASP F 424 6.57 32.47 7.27
CA ASP F 424 6.83 31.03 7.03
C ASP F 424 5.48 30.31 6.95
N ILE F 425 5.01 30.05 5.74
CA ILE F 425 3.59 29.73 5.52
C ILE F 425 3.38 28.33 5.00
N GLU F 426 2.46 27.60 5.65
CA GLU F 426 2.12 26.20 5.32
C GLU F 426 0.64 26.16 5.02
N LEU F 427 0.20 25.21 4.21
CA LEU F 427 -1.23 25.06 3.91
C LEU F 427 -1.91 24.17 4.96
N VAL F 428 -2.91 24.71 5.68
CA VAL F 428 -3.69 23.96 6.67
C VAL F 428 -4.78 23.14 5.98
N GLY F 429 -4.67 21.82 6.10
CA GLY F 429 -5.56 20.89 5.41
C GLY F 429 -5.07 20.72 3.99
N GLU F 430 -5.91 20.10 3.17
CA GLU F 430 -5.61 20.00 1.75
C GLU F 430 -6.21 21.21 1.06
N LEU F 431 -5.57 21.59 -0.04
CA LEU F 431 -6.09 22.50 -1.04
C LEU F 431 -7.61 22.43 -1.20
N PRO F 432 -8.32 23.55 -0.97
CA PRO F 432 -9.75 23.47 -1.24
C PRO F 432 -10.02 23.25 -2.73
N LYS F 433 -11.25 22.86 -3.00
CA LYS F 433 -11.79 22.85 -4.34
C LYS F 433 -12.50 24.18 -4.43
N PRO F 434 -12.98 24.55 -5.61
CA PRO F 434 -13.72 25.83 -5.72
C PRO F 434 -15.23 25.75 -5.43
N ASP F 435 -15.80 26.76 -4.77
CA ASP F 435 -17.26 26.87 -4.58
C ASP F 435 -17.82 27.60 -5.79
N TYR F 436 -18.94 27.13 -6.35
CA TYR F 436 -19.41 27.64 -7.68
C TYR F 436 -20.55 28.67 -7.67
N THR F 437 -21.70 28.37 -7.04
CA THR F 437 -22.81 29.37 -6.91
C THR F 437 -22.57 30.24 -5.65
N ALA F 438 -21.53 31.07 -5.74
CA ALA F 438 -21.41 32.34 -5.04
C ALA F 438 -21.26 33.51 -6.03
N MET F 439 -21.44 33.26 -7.34
CA MET F 439 -21.26 34.22 -8.47
C MET F 439 -19.79 34.59 -8.76
N VAL F 440 -19.09 35.07 -7.73
CA VAL F 440 -17.63 35.10 -7.67
C VAL F 440 -17.24 33.65 -7.48
N VAL F 441 -16.27 33.17 -8.24
CA VAL F 441 -16.00 31.74 -8.25
C VAL F 441 -14.56 31.42 -7.86
N GLY F 442 -14.31 31.55 -6.57
CA GLY F 442 -12.96 31.33 -5.99
C GLY F 442 -12.87 30.03 -5.22
N PRO F 443 -11.85 29.88 -4.34
CA PRO F 443 -11.67 28.69 -3.51
C PRO F 443 -12.70 28.66 -2.39
N ALA F 444 -13.00 27.46 -1.87
CA ALA F 444 -14.15 27.21 -0.96
C ALA F 444 -13.79 27.22 0.54
N HIS F 445 -14.68 27.80 1.35
CA HIS F 445 -14.37 28.06 2.77
C HIS F 445 -14.39 26.79 3.63
N PRO F 446 -13.46 26.63 4.59
CA PRO F 446 -12.41 27.62 4.96
C PRO F 446 -11.05 27.42 4.26
N CYS F 447 -10.51 28.51 3.71
CA CYS F 447 -9.25 28.51 2.94
C CYS F 447 -8.09 29.00 3.81
N LEU F 448 -7.43 28.08 4.50
CA LEU F 448 -6.60 28.40 5.69
C LEU F 448 -5.10 28.26 5.49
N LEU F 449 -4.32 29.10 6.19
CA LEU F 449 -2.85 29.11 6.10
C LEU F 449 -2.20 29.48 7.45
N ARG F 450 -1.39 28.56 7.98
CA ARG F 450 -0.70 28.76 9.26
C ARG F 450 0.53 29.61 9.01
N TYR F 451 0.68 30.69 9.77
CA TYR F 451 1.84 31.60 9.60
C TYR F 451 2.69 31.68 10.87
N THR F 452 3.99 31.85 10.64
CA THR F 452 4.99 31.99 11.70
C THR F 452 5.93 33.08 11.22
N ARG F 453 6.24 34.02 12.12
CA ARG F 453 6.96 35.22 11.73
C ARG F 453 8.46 35.00 11.54
N LYS F 454 8.96 35.38 10.36
CA LYS F 454 10.30 34.99 9.90
C LYS F 454 11.40 35.90 10.46
N HIS F 455 11.65 35.80 11.76
CA HIS F 455 12.83 36.42 12.41
C HIS F 455 12.93 37.95 12.22
#